data_5R4Y
# 
_entry.id   5R4Y 
# 
_audit_conform.dict_name       mmcif_pdbx.dic 
_audit_conform.dict_version    5.387 
_audit_conform.dict_location   http://mmcif.pdb.org/dictionaries/ascii/mmcif_pdbx.dic 
# 
loop_
_database_2.database_id 
_database_2.database_code 
_database_2.pdbx_database_accession 
_database_2.pdbx_DOI 
PDB   5R4Y         pdb_00005r4y 10.2210/pdb5r4y/pdb 
WWPDB D_1001402775 ?            ?                   
# 
loop_
_pdbx_audit_revision_history.ordinal 
_pdbx_audit_revision_history.data_content_type 
_pdbx_audit_revision_history.major_revision 
_pdbx_audit_revision_history.minor_revision 
_pdbx_audit_revision_history.revision_date 
1 'Structure model' 1 0 2020-05-13 
2 'Structure model' 1 1 2024-03-06 
# 
_pdbx_audit_revision_details.ordinal             1 
_pdbx_audit_revision_details.revision_ordinal    1 
_pdbx_audit_revision_details.data_content_type   'Structure model' 
_pdbx_audit_revision_details.provider            repository 
_pdbx_audit_revision_details.type                'Initial release' 
_pdbx_audit_revision_details.description         ? 
_pdbx_audit_revision_details.details             ? 
# 
loop_
_pdbx_audit_revision_group.ordinal 
_pdbx_audit_revision_group.revision_ordinal 
_pdbx_audit_revision_group.data_content_type 
_pdbx_audit_revision_group.group 
1 2 'Structure model' 'Data collection'     
2 2 'Structure model' 'Database references' 
# 
loop_
_pdbx_audit_revision_category.ordinal 
_pdbx_audit_revision_category.revision_ordinal 
_pdbx_audit_revision_category.data_content_type 
_pdbx_audit_revision_category.category 
1 2 'Structure model' chem_comp_atom 
2 2 'Structure model' chem_comp_bond 
3 2 'Structure model' database_2     
# 
loop_
_pdbx_audit_revision_item.ordinal 
_pdbx_audit_revision_item.revision_ordinal 
_pdbx_audit_revision_item.data_content_type 
_pdbx_audit_revision_item.item 
1 2 'Structure model' '_database_2.pdbx_DOI'                
2 2 'Structure model' '_database_2.pdbx_database_accession' 
# 
_pdbx_database_status.entry_id                        5R4Y 
_pdbx_database_status.status_code                     REL 
_pdbx_database_status.status_code_sf                  REL 
_pdbx_database_status.status_code_mr                  ? 
_pdbx_database_status.status_code_cs                  ? 
_pdbx_database_status.recvd_initial_deposition_date   2020-02-28 
_pdbx_database_status.deposit_site                    RCSB 
_pdbx_database_status.process_site                    RCSB 
_pdbx_database_status.SG_entry                        ? 
_pdbx_database_status.pdb_format_compatible           Y 
_pdbx_database_status.methods_development_category    ? 
_pdbx_database_status.status_code_nmr_data            ? 
# 
loop_
_audit_author.name 
_audit_author.pdbx_ordinal 
_audit_author.identifier_ORCID 
'Talon, R.'        1  ? 
'Krojer, T.'       2  ? 
'Fairhead, M.'     3  ? 
'Sethi, R.'        4  ? 
'Bradley, A.R.'    5  ? 
'Aimon, A.'        6  ? 
'Collins, P.'      7  ? 
'Brandao-Neto, J.' 8  ? 
'Douangamath, A.'  9  ? 
'Wright, N.'       10 ? 
'MacLean, E.'      11 ? 
'Zhang, R.'        12 ? 
'Dias, A.'         13 ? 
'Brennan, P.E.'    14 ? 
'Bountra, C.'      15 ? 
'Arrowsmith, C.H.' 16 ? 
'Edwards, A.'      17 ? 
'von Delft, F.'    18 ? 
# 
_citation.id                        primary 
_citation.title                     'XChem fragment screen' 
_citation.journal_abbrev            'To Be Published' 
_citation.journal_volume            ? 
_citation.page_first                ? 
_citation.page_last                 ? 
_citation.year                      ? 
_citation.journal_id_ASTM           ? 
_citation.country                   ? 
_citation.journal_id_ISSN           ? 
_citation.journal_id_CSD            0353 
_citation.book_publisher            ? 
_citation.pdbx_database_id_PubMed   ? 
_citation.pdbx_database_id_DOI      ? 
# 
loop_
_citation_author.citation_id 
_citation_author.name 
_citation_author.identifier_ORCID 
_citation_author.ordinal 
primary 'Talon, R.'        ? 1  
primary 'Krojer, T.'       ? 2  
primary 'Fairhead, M.'     ? 3  
primary 'Sethi, R.'        ? 4  
primary 'Bradley, A.R.'    ? 5  
primary 'Aimon, A.'        ? 6  
primary 'Collins, P.'      ? 7  
primary 'Brandao-Neto, J.' ? 8  
primary 'Douangamath, A.'  ? 9  
primary 'Wright, N.'       ? 10 
primary 'MacLean, E.'      ? 11 
primary 'Zhang, R.'        ? 12 
primary 'Dias, A.'         ? 13 
primary 'Brennan, P.E.'    ? 14 
primary 'Bountra, C.'      ? 15 
primary 'Arrowsmith, C.H.' ? 16 
primary 'Edwards, A.'      ? 17 
primary 'von Delft, F.'    ? 18 
# 
loop_
_entity.id 
_entity.type 
_entity.src_method 
_entity.pdbx_description 
_entity.formula_weight 
_entity.pdbx_number_of_molecules 
_entity.pdbx_ec 
_entity.pdbx_mutation 
_entity.pdbx_fragment 
_entity.details 
1 polymer     man 'ATPase family AAA domain-containing protein 2'           15512.562 1   3.6.1.3 ? ? ? 
2 non-polymer syn 'cyclopropyl-[4-(4-fluorophenyl)piperazin-1-yl]methanone' 248.296   1   ?       ? ? ? 
3 non-polymer syn 'SULFATE ION'                                             96.063    2   ?       ? ? ? 
4 non-polymer syn 1,2-ETHANEDIOL                                            62.068    4   ?       ? ? ? 
5 water       nat water                                                     18.015    221 ?       ? ? ? 
# 
_entity_name_com.entity_id   1 
_entity_name_com.name        'AAA nuclear coregulator cancer-associated protein,ANCCA' 
# 
_entity_poly.entity_id                      1 
_entity_poly.type                           'polypeptide(L)' 
_entity_poly.nstd_linkage                   no 
_entity_poly.nstd_monomer                   no 
_entity_poly.pdbx_seq_one_letter_code       
;SMQEEDTFRELRIFLRNVTHRLAIDKRFRVFTKPVDPDEVPDYRTVIKEPMDLSSVISKIDLHKYLTVKDYLRDIDLICS
NALEYNPDRDPGDRLIRHRACALRDTAYAIIKEELDEDFEQLCEEIQESR
;
_entity_poly.pdbx_seq_one_letter_code_can   
;SMQEEDTFRELRIFLRNVTHRLAIDKRFRVFTKPVDPDEVPDYRTVIKEPMDLSSVISKIDLHKYLTVKDYLRDIDLICS
NALEYNPDRDPGDRLIRHRACALRDTAYAIIKEELDEDFEQLCEEIQESR
;
_entity_poly.pdbx_strand_id                 A 
_entity_poly.pdbx_target_identifier         ? 
# 
loop_
_pdbx_entity_nonpoly.entity_id 
_pdbx_entity_nonpoly.name 
_pdbx_entity_nonpoly.comp_id 
2 'cyclopropyl-[4-(4-fluorophenyl)piperazin-1-yl]methanone' GX4 
3 'SULFATE ION'                                             SO4 
4 1,2-ETHANEDIOL                                            EDO 
5 water                                                     HOH 
# 
loop_
_entity_poly_seq.entity_id 
_entity_poly_seq.num 
_entity_poly_seq.mon_id 
_entity_poly_seq.hetero 
1 1   SER n 
1 2   MET n 
1 3   GLN n 
1 4   GLU n 
1 5   GLU n 
1 6   ASP n 
1 7   THR n 
1 8   PHE n 
1 9   ARG n 
1 10  GLU n 
1 11  LEU n 
1 12  ARG n 
1 13  ILE n 
1 14  PHE n 
1 15  LEU n 
1 16  ARG n 
1 17  ASN n 
1 18  VAL n 
1 19  THR n 
1 20  HIS n 
1 21  ARG n 
1 22  LEU n 
1 23  ALA n 
1 24  ILE n 
1 25  ASP n 
1 26  LYS n 
1 27  ARG n 
1 28  PHE n 
1 29  ARG n 
1 30  VAL n 
1 31  PHE n 
1 32  THR n 
1 33  LYS n 
1 34  PRO n 
1 35  VAL n 
1 36  ASP n 
1 37  PRO n 
1 38  ASP n 
1 39  GLU n 
1 40  VAL n 
1 41  PRO n 
1 42  ASP n 
1 43  TYR n 
1 44  ARG n 
1 45  THR n 
1 46  VAL n 
1 47  ILE n 
1 48  LYS n 
1 49  GLU n 
1 50  PRO n 
1 51  MET n 
1 52  ASP n 
1 53  LEU n 
1 54  SER n 
1 55  SER n 
1 56  VAL n 
1 57  ILE n 
1 58  SER n 
1 59  LYS n 
1 60  ILE n 
1 61  ASP n 
1 62  LEU n 
1 63  HIS n 
1 64  LYS n 
1 65  TYR n 
1 66  LEU n 
1 67  THR n 
1 68  VAL n 
1 69  LYS n 
1 70  ASP n 
1 71  TYR n 
1 72  LEU n 
1 73  ARG n 
1 74  ASP n 
1 75  ILE n 
1 76  ASP n 
1 77  LEU n 
1 78  ILE n 
1 79  CYS n 
1 80  SER n 
1 81  ASN n 
1 82  ALA n 
1 83  LEU n 
1 84  GLU n 
1 85  TYR n 
1 86  ASN n 
1 87  PRO n 
1 88  ASP n 
1 89  ARG n 
1 90  ASP n 
1 91  PRO n 
1 92  GLY n 
1 93  ASP n 
1 94  ARG n 
1 95  LEU n 
1 96  ILE n 
1 97  ARG n 
1 98  HIS n 
1 99  ARG n 
1 100 ALA n 
1 101 CYS n 
1 102 ALA n 
1 103 LEU n 
1 104 ARG n 
1 105 ASP n 
1 106 THR n 
1 107 ALA n 
1 108 TYR n 
1 109 ALA n 
1 110 ILE n 
1 111 ILE n 
1 112 LYS n 
1 113 GLU n 
1 114 GLU n 
1 115 LEU n 
1 116 ASP n 
1 117 GLU n 
1 118 ASP n 
1 119 PHE n 
1 120 GLU n 
1 121 GLN n 
1 122 LEU n 
1 123 CYS n 
1 124 GLU n 
1 125 GLU n 
1 126 ILE n 
1 127 GLN n 
1 128 GLU n 
1 129 SER n 
1 130 ARG n 
# 
_entity_src_gen.entity_id                          1 
_entity_src_gen.pdbx_src_id                        1 
_entity_src_gen.pdbx_alt_source_flag               sample 
_entity_src_gen.pdbx_seq_type                      'Biological sequence' 
_entity_src_gen.pdbx_beg_seq_num                   1 
_entity_src_gen.pdbx_end_seq_num                   130 
_entity_src_gen.gene_src_common_name               Human 
_entity_src_gen.gene_src_genus                     ? 
_entity_src_gen.pdbx_gene_src_gene                 'ATAD2, L16, PRO2000' 
_entity_src_gen.gene_src_species                   ? 
_entity_src_gen.gene_src_strain                    ? 
_entity_src_gen.gene_src_tissue                    ? 
_entity_src_gen.gene_src_tissue_fraction           ? 
_entity_src_gen.gene_src_details                   ? 
_entity_src_gen.pdbx_gene_src_fragment             ? 
_entity_src_gen.pdbx_gene_src_scientific_name      'Homo sapiens' 
_entity_src_gen.pdbx_gene_src_ncbi_taxonomy_id     9606 
_entity_src_gen.pdbx_gene_src_variant              ? 
_entity_src_gen.pdbx_gene_src_cell_line            ? 
_entity_src_gen.pdbx_gene_src_atcc                 ? 
_entity_src_gen.pdbx_gene_src_organ                ? 
_entity_src_gen.pdbx_gene_src_organelle            ? 
_entity_src_gen.pdbx_gene_src_cell                 ? 
_entity_src_gen.pdbx_gene_src_cellular_location    ? 
_entity_src_gen.host_org_common_name               ? 
_entity_src_gen.pdbx_host_org_scientific_name      'Escherichia coli' 
_entity_src_gen.pdbx_host_org_ncbi_taxonomy_id     562 
_entity_src_gen.host_org_genus                     ? 
_entity_src_gen.pdbx_host_org_gene                 ? 
_entity_src_gen.pdbx_host_org_organ                ? 
_entity_src_gen.host_org_species                   ? 
_entity_src_gen.pdbx_host_org_tissue               ? 
_entity_src_gen.pdbx_host_org_tissue_fraction      ? 
_entity_src_gen.pdbx_host_org_strain               ? 
_entity_src_gen.pdbx_host_org_variant              ? 
_entity_src_gen.pdbx_host_org_cell_line            ? 
_entity_src_gen.pdbx_host_org_atcc                 ? 
_entity_src_gen.pdbx_host_org_culture_collection   ? 
_entity_src_gen.pdbx_host_org_cell                 ? 
_entity_src_gen.pdbx_host_org_organelle            ? 
_entity_src_gen.pdbx_host_org_cellular_location    ? 
_entity_src_gen.pdbx_host_org_vector_type          ? 
_entity_src_gen.pdbx_host_org_vector               ? 
_entity_src_gen.host_org_details                   ? 
_entity_src_gen.expression_system_id               ? 
_entity_src_gen.plasmid_name                       ? 
_entity_src_gen.plasmid_details                    ? 
_entity_src_gen.pdbx_description                   ? 
# 
loop_
_chem_comp.id 
_chem_comp.type 
_chem_comp.mon_nstd_flag 
_chem_comp.name 
_chem_comp.pdbx_synonyms 
_chem_comp.formula 
_chem_comp.formula_weight 
ALA 'L-peptide linking' y ALANINE                                                   ?                 'C3 H7 N O2'     89.093  
ARG 'L-peptide linking' y ARGININE                                                  ?                 'C6 H15 N4 O2 1' 175.209 
ASN 'L-peptide linking' y ASPARAGINE                                                ?                 'C4 H8 N2 O3'    132.118 
ASP 'L-peptide linking' y 'ASPARTIC ACID'                                           ?                 'C4 H7 N O4'     133.103 
CYS 'L-peptide linking' y CYSTEINE                                                  ?                 'C3 H7 N O2 S'   121.158 
EDO non-polymer         . 1,2-ETHANEDIOL                                            'ETHYLENE GLYCOL' 'C2 H6 O2'       62.068  
GLN 'L-peptide linking' y GLUTAMINE                                                 ?                 'C5 H10 N2 O3'   146.144 
GLU 'L-peptide linking' y 'GLUTAMIC ACID'                                           ?                 'C5 H9 N O4'     147.129 
GLY 'peptide linking'   y GLYCINE                                                   ?                 'C2 H5 N O2'     75.067  
GX4 non-polymer         . 'cyclopropyl-[4-(4-fluorophenyl)piperazin-1-yl]methanone' ?                 'C14 H17 F N2 O' 248.296 
HIS 'L-peptide linking' y HISTIDINE                                                 ?                 'C6 H10 N3 O2 1' 156.162 
HOH non-polymer         . WATER                                                     ?                 'H2 O'           18.015  
ILE 'L-peptide linking' y ISOLEUCINE                                                ?                 'C6 H13 N O2'    131.173 
LEU 'L-peptide linking' y LEUCINE                                                   ?                 'C6 H13 N O2'    131.173 
LYS 'L-peptide linking' y LYSINE                                                    ?                 'C6 H15 N2 O2 1' 147.195 
MET 'L-peptide linking' y METHIONINE                                                ?                 'C5 H11 N O2 S'  149.211 
PHE 'L-peptide linking' y PHENYLALANINE                                             ?                 'C9 H11 N O2'    165.189 
PRO 'L-peptide linking' y PROLINE                                                   ?                 'C5 H9 N O2'     115.130 
SER 'L-peptide linking' y SERINE                                                    ?                 'C3 H7 N O3'     105.093 
SO4 non-polymer         . 'SULFATE ION'                                             ?                 'O4 S -2'        96.063  
THR 'L-peptide linking' y THREONINE                                                 ?                 'C4 H9 N O3'     119.119 
TYR 'L-peptide linking' y TYROSINE                                                  ?                 'C9 H11 N O3'    181.189 
VAL 'L-peptide linking' y VALINE                                                    ?                 'C5 H11 N O2'    117.146 
# 
loop_
_pdbx_poly_seq_scheme.asym_id 
_pdbx_poly_seq_scheme.entity_id 
_pdbx_poly_seq_scheme.seq_id 
_pdbx_poly_seq_scheme.mon_id 
_pdbx_poly_seq_scheme.ndb_seq_num 
_pdbx_poly_seq_scheme.pdb_seq_num 
_pdbx_poly_seq_scheme.auth_seq_num 
_pdbx_poly_seq_scheme.pdb_mon_id 
_pdbx_poly_seq_scheme.auth_mon_id 
_pdbx_poly_seq_scheme.pdb_strand_id 
_pdbx_poly_seq_scheme.pdb_ins_code 
_pdbx_poly_seq_scheme.hetero 
A 1 1   SER 1   979  979  SER SER A . n 
A 1 2   MET 2   980  980  MET MET A . n 
A 1 3   GLN 3   981  981  GLN GLN A . n 
A 1 4   GLU 4   982  982  GLU GLU A . n 
A 1 5   GLU 5   983  983  GLU GLU A . n 
A 1 6   ASP 6   984  984  ASP ASP A . n 
A 1 7   THR 7   985  985  THR THR A . n 
A 1 8   PHE 8   986  986  PHE PHE A . n 
A 1 9   ARG 9   987  987  ARG ARG A . n 
A 1 10  GLU 10  988  988  GLU GLU A . n 
A 1 11  LEU 11  989  989  LEU LEU A . n 
A 1 12  ARG 12  990  990  ARG ARG A . n 
A 1 13  ILE 13  991  991  ILE ILE A . n 
A 1 14  PHE 14  992  992  PHE PHE A . n 
A 1 15  LEU 15  993  993  LEU LEU A . n 
A 1 16  ARG 16  994  994  ARG ARG A . n 
A 1 17  ASN 17  995  995  ASN ASN A . n 
A 1 18  VAL 18  996  996  VAL VAL A . n 
A 1 19  THR 19  997  997  THR THR A . n 
A 1 20  HIS 20  998  998  HIS HIS A . n 
A 1 21  ARG 21  999  999  ARG ARG A . n 
A 1 22  LEU 22  1000 1000 LEU LEU A . n 
A 1 23  ALA 23  1001 1001 ALA ALA A . n 
A 1 24  ILE 24  1002 1002 ILE ILE A . n 
A 1 25  ASP 25  1003 1003 ASP ASP A . n 
A 1 26  LYS 26  1004 1004 LYS LYS A . n 
A 1 27  ARG 27  1005 1005 ARG ARG A . n 
A 1 28  PHE 28  1006 1006 PHE PHE A . n 
A 1 29  ARG 29  1007 1007 ARG ARG A . n 
A 1 30  VAL 30  1008 1008 VAL VAL A . n 
A 1 31  PHE 31  1009 1009 PHE PHE A . n 
A 1 32  THR 32  1010 1010 THR THR A . n 
A 1 33  LYS 33  1011 1011 LYS LYS A . n 
A 1 34  PRO 34  1012 1012 PRO PRO A . n 
A 1 35  VAL 35  1013 1013 VAL VAL A . n 
A 1 36  ASP 36  1014 1014 ASP ASP A . n 
A 1 37  PRO 37  1015 1015 PRO PRO A . n 
A 1 38  ASP 38  1016 1016 ASP ASP A . n 
A 1 39  GLU 39  1017 1017 GLU GLU A . n 
A 1 40  VAL 40  1018 1018 VAL VAL A . n 
A 1 41  PRO 41  1019 1019 PRO PRO A . n 
A 1 42  ASP 42  1020 1020 ASP ASP A . n 
A 1 43  TYR 43  1021 1021 TYR TYR A . n 
A 1 44  ARG 44  1022 1022 ARG ARG A . n 
A 1 45  THR 45  1023 1023 THR THR A . n 
A 1 46  VAL 46  1024 1024 VAL VAL A . n 
A 1 47  ILE 47  1025 1025 ILE ILE A . n 
A 1 48  LYS 48  1026 1026 LYS LYS A . n 
A 1 49  GLU 49  1027 1027 GLU GLU A . n 
A 1 50  PRO 50  1028 1028 PRO PRO A . n 
A 1 51  MET 51  1029 1029 MET MET A . n 
A 1 52  ASP 52  1030 1030 ASP ASP A . n 
A 1 53  LEU 53  1031 1031 LEU LEU A . n 
A 1 54  SER 54  1032 1032 SER SER A . n 
A 1 55  SER 55  1033 1033 SER SER A . n 
A 1 56  VAL 56  1034 1034 VAL VAL A . n 
A 1 57  ILE 57  1035 1035 ILE ILE A . n 
A 1 58  SER 58  1036 1036 SER SER A . n 
A 1 59  LYS 59  1037 1037 LYS LYS A . n 
A 1 60  ILE 60  1038 1038 ILE ILE A . n 
A 1 61  ASP 61  1039 1039 ASP ASP A . n 
A 1 62  LEU 62  1040 1040 LEU LEU A . n 
A 1 63  HIS 63  1041 1041 HIS HIS A . n 
A 1 64  LYS 64  1042 1042 LYS LYS A . n 
A 1 65  TYR 65  1043 1043 TYR TYR A . n 
A 1 66  LEU 66  1044 1044 LEU LEU A . n 
A 1 67  THR 67  1045 1045 THR THR A . n 
A 1 68  VAL 68  1046 1046 VAL VAL A . n 
A 1 69  LYS 69  1047 1047 LYS LYS A . n 
A 1 70  ASP 70  1048 1048 ASP ASP A . n 
A 1 71  TYR 71  1049 1049 TYR TYR A . n 
A 1 72  LEU 72  1050 1050 LEU LEU A . n 
A 1 73  ARG 73  1051 1051 ARG ARG A . n 
A 1 74  ASP 74  1052 1052 ASP ASP A . n 
A 1 75  ILE 75  1053 1053 ILE ILE A . n 
A 1 76  ASP 76  1054 1054 ASP ASP A . n 
A 1 77  LEU 77  1055 1055 LEU LEU A . n 
A 1 78  ILE 78  1056 1056 ILE ILE A . n 
A 1 79  CYS 79  1057 1057 CYS CYS A . n 
A 1 80  SER 80  1058 1058 SER SER A . n 
A 1 81  ASN 81  1059 1059 ASN ASN A . n 
A 1 82  ALA 82  1060 1060 ALA ALA A . n 
A 1 83  LEU 83  1061 1061 LEU LEU A . n 
A 1 84  GLU 84  1062 1062 GLU GLU A . n 
A 1 85  TYR 85  1063 1063 TYR TYR A . n 
A 1 86  ASN 86  1064 1064 ASN ASN A . n 
A 1 87  PRO 87  1065 1065 PRO PRO A . n 
A 1 88  ASP 88  1066 1066 ASP ASP A . n 
A 1 89  ARG 89  1067 1067 ARG ARG A . n 
A 1 90  ASP 90  1068 1068 ASP ASP A . n 
A 1 91  PRO 91  1069 1069 PRO PRO A . n 
A 1 92  GLY 92  1070 1070 GLY GLY A . n 
A 1 93  ASP 93  1071 1071 ASP ASP A . n 
A 1 94  ARG 94  1072 1072 ARG ARG A . n 
A 1 95  LEU 95  1073 1073 LEU LEU A . n 
A 1 96  ILE 96  1074 1074 ILE ILE A . n 
A 1 97  ARG 97  1075 1075 ARG ARG A . n 
A 1 98  HIS 98  1076 1076 HIS HIS A . n 
A 1 99  ARG 99  1077 1077 ARG ARG A . n 
A 1 100 ALA 100 1078 1078 ALA ALA A . n 
A 1 101 CYS 101 1079 1079 CYS CYS A . n 
A 1 102 ALA 102 1080 1080 ALA ALA A . n 
A 1 103 LEU 103 1081 1081 LEU LEU A . n 
A 1 104 ARG 104 1082 1082 ARG ARG A . n 
A 1 105 ASP 105 1083 1083 ASP ASP A . n 
A 1 106 THR 106 1084 1084 THR THR A . n 
A 1 107 ALA 107 1085 1085 ALA ALA A . n 
A 1 108 TYR 108 1086 1086 TYR TYR A . n 
A 1 109 ALA 109 1087 1087 ALA ALA A . n 
A 1 110 ILE 110 1088 1088 ILE ILE A . n 
A 1 111 ILE 111 1089 1089 ILE ILE A . n 
A 1 112 LYS 112 1090 1090 LYS LYS A . n 
A 1 113 GLU 113 1091 1091 GLU GLU A . n 
A 1 114 GLU 114 1092 1092 GLU GLU A . n 
A 1 115 LEU 115 1093 1093 LEU LEU A . n 
A 1 116 ASP 116 1094 1094 ASP ASP A . n 
A 1 117 GLU 117 1095 1095 GLU GLU A . n 
A 1 118 ASP 118 1096 1096 ASP ASP A . n 
A 1 119 PHE 119 1097 1097 PHE PHE A . n 
A 1 120 GLU 120 1098 1098 GLU GLU A . n 
A 1 121 GLN 121 1099 1099 GLN GLN A . n 
A 1 122 LEU 122 1100 1100 LEU LEU A . n 
A 1 123 CYS 123 1101 1101 CYS CYS A . n 
A 1 124 GLU 124 1102 1102 GLU GLU A . n 
A 1 125 GLU 125 1103 1103 GLU GLU A . n 
A 1 126 ILE 126 1104 1104 ILE ILE A . n 
A 1 127 GLN 127 1105 1105 GLN GLN A . n 
A 1 128 GLU 128 1106 1106 GLU GLU A . n 
A 1 129 SER 129 1107 1107 SER SER A . n 
A 1 130 ARG 130 1108 1108 ARG ARG A . n 
# 
loop_
_pdbx_nonpoly_scheme.asym_id 
_pdbx_nonpoly_scheme.entity_id 
_pdbx_nonpoly_scheme.mon_id 
_pdbx_nonpoly_scheme.ndb_seq_num 
_pdbx_nonpoly_scheme.pdb_seq_num 
_pdbx_nonpoly_scheme.auth_seq_num 
_pdbx_nonpoly_scheme.pdb_mon_id 
_pdbx_nonpoly_scheme.auth_mon_id 
_pdbx_nonpoly_scheme.pdb_strand_id 
_pdbx_nonpoly_scheme.pdb_ins_code 
B 2 GX4 1   1201 1201 GX4 LIG A . 
C 3 SO4 1   1202 1    SO4 SO4 A . 
D 3 SO4 1   1203 2    SO4 SO4 A . 
E 4 EDO 1   1204 3    EDO EDO A . 
F 4 EDO 1   1205 5    EDO EDO A . 
G 4 EDO 1   1206 6    EDO EDO A . 
H 4 EDO 1   1207 7    EDO EDO A . 
I 5 HOH 1   1301 256  HOH HOH A . 
I 5 HOH 2   1302 79   HOH HOH A . 
I 5 HOH 3   1303 158  HOH HOH A . 
I 5 HOH 4   1304 251  HOH HOH A . 
I 5 HOH 5   1305 184  HOH HOH A . 
I 5 HOH 6   1306 118  HOH HOH A . 
I 5 HOH 7   1307 68   HOH HOH A . 
I 5 HOH 8   1308 98   HOH HOH A . 
I 5 HOH 9   1309 134  HOH HOH A . 
I 5 HOH 10  1310 32   HOH HOH A . 
I 5 HOH 11  1311 128  HOH HOH A . 
I 5 HOH 12  1312 59   HOH HOH A . 
I 5 HOH 13  1313 27   HOH HOH A . 
I 5 HOH 14  1314 191  HOH HOH A . 
I 5 HOH 15  1315 111  HOH HOH A . 
I 5 HOH 16  1316 106  HOH HOH A . 
I 5 HOH 17  1317 209  HOH HOH A . 
I 5 HOH 18  1318 142  HOH HOH A . 
I 5 HOH 19  1319 34   HOH HOH A . 
I 5 HOH 20  1320 47   HOH HOH A . 
I 5 HOH 21  1321 162  HOH HOH A . 
I 5 HOH 22  1322 144  HOH HOH A . 
I 5 HOH 23  1323 52   HOH HOH A . 
I 5 HOH 24  1324 88   HOH HOH A . 
I 5 HOH 25  1325 132  HOH HOH A . 
I 5 HOH 26  1326 163  HOH HOH A . 
I 5 HOH 27  1327 139  HOH HOH A . 
I 5 HOH 28  1328 43   HOH HOH A . 
I 5 HOH 29  1329 201  HOH HOH A . 
I 5 HOH 30  1330 20   HOH HOH A . 
I 5 HOH 31  1331 50   HOH HOH A . 
I 5 HOH 32  1332 200  HOH HOH A . 
I 5 HOH 33  1333 61   HOH HOH A . 
I 5 HOH 34  1334 75   HOH HOH A . 
I 5 HOH 35  1335 19   HOH HOH A . 
I 5 HOH 36  1336 129  HOH HOH A . 
I 5 HOH 37  1337 5    HOH HOH A . 
I 5 HOH 38  1338 13   HOH HOH A . 
I 5 HOH 39  1339 28   HOH HOH A . 
I 5 HOH 40  1340 104  HOH HOH A . 
I 5 HOH 41  1341 109  HOH HOH A . 
I 5 HOH 42  1342 17   HOH HOH A . 
I 5 HOH 43  1343 154  HOH HOH A . 
I 5 HOH 44  1344 56   HOH HOH A . 
I 5 HOH 45  1345 70   HOH HOH A . 
I 5 HOH 46  1346 25   HOH HOH A . 
I 5 HOH 47  1347 55   HOH HOH A . 
I 5 HOH 48  1348 46   HOH HOH A . 
I 5 HOH 49  1349 206  HOH HOH A . 
I 5 HOH 50  1350 42   HOH HOH A . 
I 5 HOH 51  1351 9    HOH HOH A . 
I 5 HOH 52  1352 22   HOH HOH A . 
I 5 HOH 53  1353 189  HOH HOH A . 
I 5 HOH 54  1354 85   HOH HOH A . 
I 5 HOH 55  1355 64   HOH HOH A . 
I 5 HOH 56  1356 161  HOH HOH A . 
I 5 HOH 57  1357 77   HOH HOH A . 
I 5 HOH 58  1358 1    HOH HOH A . 
I 5 HOH 59  1359 33   HOH HOH A . 
I 5 HOH 60  1360 76   HOH HOH A . 
I 5 HOH 61  1361 165  HOH HOH A . 
I 5 HOH 62  1362 92   HOH HOH A . 
I 5 HOH 63  1363 7    HOH HOH A . 
I 5 HOH 64  1364 171  HOH HOH A . 
I 5 HOH 65  1365 194  HOH HOH A . 
I 5 HOH 66  1366 58   HOH HOH A . 
I 5 HOH 67  1367 160  HOH HOH A . 
I 5 HOH 68  1368 80   HOH HOH A . 
I 5 HOH 69  1369 192  HOH HOH A . 
I 5 HOH 70  1370 196  HOH HOH A . 
I 5 HOH 71  1371 16   HOH HOH A . 
I 5 HOH 72  1372 23   HOH HOH A . 
I 5 HOH 73  1373 221  HOH HOH A . 
I 5 HOH 74  1374 172  HOH HOH A . 
I 5 HOH 75  1375 130  HOH HOH A . 
I 5 HOH 76  1376 31   HOH HOH A . 
I 5 HOH 77  1377 141  HOH HOH A . 
I 5 HOH 78  1378 15   HOH HOH A . 
I 5 HOH 79  1379 140  HOH HOH A . 
I 5 HOH 80  1380 49   HOH HOH A . 
I 5 HOH 81  1381 216  HOH HOH A . 
I 5 HOH 82  1382 176  HOH HOH A . 
I 5 HOH 83  1383 87   HOH HOH A . 
I 5 HOH 84  1384 2    HOH HOH A . 
I 5 HOH 85  1385 21   HOH HOH A . 
I 5 HOH 86  1386 14   HOH HOH A . 
I 5 HOH 87  1387 100  HOH HOH A . 
I 5 HOH 88  1388 30   HOH HOH A . 
I 5 HOH 89  1389 29   HOH HOH A . 
I 5 HOH 90  1390 99   HOH HOH A . 
I 5 HOH 91  1391 45   HOH HOH A . 
I 5 HOH 92  1392 120  HOH HOH A . 
I 5 HOH 93  1393 147  HOH HOH A . 
I 5 HOH 94  1394 95   HOH HOH A . 
I 5 HOH 95  1395 107  HOH HOH A . 
I 5 HOH 96  1396 62   HOH HOH A . 
I 5 HOH 97  1397 67   HOH HOH A . 
I 5 HOH 98  1398 236  HOH HOH A . 
I 5 HOH 99  1399 197  HOH HOH A . 
I 5 HOH 100 1400 83   HOH HOH A . 
I 5 HOH 101 1401 6    HOH HOH A . 
I 5 HOH 102 1402 36   HOH HOH A . 
I 5 HOH 103 1403 54   HOH HOH A . 
I 5 HOH 104 1404 102  HOH HOH A . 
I 5 HOH 105 1405 24   HOH HOH A . 
I 5 HOH 106 1406 113  HOH HOH A . 
I 5 HOH 107 1407 12   HOH HOH A . 
I 5 HOH 108 1408 3    HOH HOH A . 
I 5 HOH 109 1409 124  HOH HOH A . 
I 5 HOH 110 1410 247  HOH HOH A . 
I 5 HOH 111 1411 131  HOH HOH A . 
I 5 HOH 112 1412 4    HOH HOH A . 
I 5 HOH 113 1413 40   HOH HOH A . 
I 5 HOH 114 1414 48   HOH HOH A . 
I 5 HOH 115 1415 82   HOH HOH A . 
I 5 HOH 116 1416 155  HOH HOH A . 
I 5 HOH 117 1417 187  HOH HOH A . 
I 5 HOH 118 1418 51   HOH HOH A . 
I 5 HOH 119 1419 94   HOH HOH A . 
I 5 HOH 120 1420 86   HOH HOH A . 
I 5 HOH 121 1421 53   HOH HOH A . 
I 5 HOH 122 1422 190  HOH HOH A . 
I 5 HOH 123 1423 234  HOH HOH A . 
I 5 HOH 124 1424 89   HOH HOH A . 
I 5 HOH 125 1425 11   HOH HOH A . 
I 5 HOH 126 1426 145  HOH HOH A . 
I 5 HOH 127 1427 18   HOH HOH A . 
I 5 HOH 128 1428 73   HOH HOH A . 
I 5 HOH 129 1429 90   HOH HOH A . 
I 5 HOH 130 1430 101  HOH HOH A . 
I 5 HOH 131 1431 123  HOH HOH A . 
I 5 HOH 132 1432 78   HOH HOH A . 
I 5 HOH 133 1433 116  HOH HOH A . 
I 5 HOH 134 1434 72   HOH HOH A . 
I 5 HOH 135 1435 122  HOH HOH A . 
I 5 HOH 136 1436 215  HOH HOH A . 
I 5 HOH 137 1437 230  HOH HOH A . 
I 5 HOH 138 1438 26   HOH HOH A . 
I 5 HOH 139 1439 10   HOH HOH A . 
I 5 HOH 140 1440 246  HOH HOH A . 
I 5 HOH 141 1441 240  HOH HOH A . 
I 5 HOH 142 1442 257  HOH HOH A . 
I 5 HOH 143 1443 39   HOH HOH A . 
I 5 HOH 144 1444 105  HOH HOH A . 
I 5 HOH 145 1445 258  HOH HOH A . 
I 5 HOH 146 1446 57   HOH HOH A . 
I 5 HOH 147 1447 207  HOH HOH A . 
I 5 HOH 148 1448 254  HOH HOH A . 
I 5 HOH 149 1449 175  HOH HOH A . 
I 5 HOH 150 1450 177  HOH HOH A . 
I 5 HOH 151 1451 97   HOH HOH A . 
I 5 HOH 152 1452 164  HOH HOH A . 
I 5 HOH 153 1453 180  HOH HOH A . 
I 5 HOH 154 1454 115  HOH HOH A . 
I 5 HOH 155 1455 178  HOH HOH A . 
I 5 HOH 156 1456 93   HOH HOH A . 
I 5 HOH 157 1457 179  HOH HOH A . 
I 5 HOH 158 1458 96   HOH HOH A . 
I 5 HOH 159 1459 188  HOH HOH A . 
I 5 HOH 160 1460 38   HOH HOH A . 
I 5 HOH 161 1461 135  HOH HOH A . 
I 5 HOH 162 1462 69   HOH HOH A . 
I 5 HOH 163 1463 224  HOH HOH A . 
I 5 HOH 164 1464 114  HOH HOH A . 
I 5 HOH 165 1465 41   HOH HOH A . 
I 5 HOH 166 1466 152  HOH HOH A . 
I 5 HOH 167 1467 167  HOH HOH A . 
I 5 HOH 168 1468 181  HOH HOH A . 
I 5 HOH 169 1469 60   HOH HOH A . 
I 5 HOH 170 1470 150  HOH HOH A . 
I 5 HOH 171 1471 186  HOH HOH A . 
I 5 HOH 172 1472 91   HOH HOH A . 
I 5 HOH 173 1473 110  HOH HOH A . 
I 5 HOH 174 1474 81   HOH HOH A . 
I 5 HOH 175 1475 159  HOH HOH A . 
I 5 HOH 176 1476 225  HOH HOH A . 
I 5 HOH 177 1477 220  HOH HOH A . 
I 5 HOH 178 1478 157  HOH HOH A . 
I 5 HOH 179 1479 203  HOH HOH A . 
I 5 HOH 180 1480 151  HOH HOH A . 
I 5 HOH 181 1481 8    HOH HOH A . 
I 5 HOH 182 1482 217  HOH HOH A . 
I 5 HOH 183 1483 210  HOH HOH A . 
I 5 HOH 184 1484 103  HOH HOH A . 
I 5 HOH 185 1485 66   HOH HOH A . 
I 5 HOH 186 1486 37   HOH HOH A . 
I 5 HOH 187 1487 248  HOH HOH A . 
I 5 HOH 188 1488 143  HOH HOH A . 
I 5 HOH 189 1489 146  HOH HOH A . 
I 5 HOH 190 1490 119  HOH HOH A . 
I 5 HOH 191 1491 84   HOH HOH A . 
I 5 HOH 192 1492 250  HOH HOH A . 
I 5 HOH 193 1493 112  HOH HOH A . 
I 5 HOH 194 1494 233  HOH HOH A . 
I 5 HOH 195 1495 44   HOH HOH A . 
I 5 HOH 196 1496 137  HOH HOH A . 
I 5 HOH 197 1497 74   HOH HOH A . 
I 5 HOH 198 1498 125  HOH HOH A . 
I 5 HOH 199 1499 127  HOH HOH A . 
I 5 HOH 200 1500 71   HOH HOH A . 
I 5 HOH 201 1501 185  HOH HOH A . 
I 5 HOH 202 1502 149  HOH HOH A . 
I 5 HOH 203 1503 63   HOH HOH A . 
I 5 HOH 204 1504 244  HOH HOH A . 
I 5 HOH 205 1505 259  HOH HOH A . 
I 5 HOH 206 1506 117  HOH HOH A . 
I 5 HOH 207 1507 205  HOH HOH A . 
I 5 HOH 208 1508 148  HOH HOH A . 
I 5 HOH 209 1509 183  HOH HOH A . 
I 5 HOH 210 1510 35   HOH HOH A . 
I 5 HOH 211 1511 168  HOH HOH A . 
I 5 HOH 212 1512 245  HOH HOH A . 
I 5 HOH 213 1513 211  HOH HOH A . 
I 5 HOH 214 1514 255  HOH HOH A . 
I 5 HOH 215 1515 249  HOH HOH A . 
I 5 HOH 216 1516 219  HOH HOH A . 
I 5 HOH 217 1517 213  HOH HOH A . 
I 5 HOH 218 1518 121  HOH HOH A . 
I 5 HOH 219 1519 214  HOH HOH A . 
I 5 HOH 220 1520 136  HOH HOH A . 
I 5 HOH 221 1521 204  HOH HOH A . 
# 
loop_
_pdbx_unobs_or_zero_occ_atoms.id 
_pdbx_unobs_or_zero_occ_atoms.PDB_model_num 
_pdbx_unobs_or_zero_occ_atoms.polymer_flag 
_pdbx_unobs_or_zero_occ_atoms.occupancy_flag 
_pdbx_unobs_or_zero_occ_atoms.auth_asym_id 
_pdbx_unobs_or_zero_occ_atoms.auth_comp_id 
_pdbx_unobs_or_zero_occ_atoms.auth_seq_id 
_pdbx_unobs_or_zero_occ_atoms.PDB_ins_code 
_pdbx_unobs_or_zero_occ_atoms.auth_atom_id 
_pdbx_unobs_or_zero_occ_atoms.label_alt_id 
_pdbx_unobs_or_zero_occ_atoms.label_asym_id 
_pdbx_unobs_or_zero_occ_atoms.label_comp_id 
_pdbx_unobs_or_zero_occ_atoms.label_seq_id 
_pdbx_unobs_or_zero_occ_atoms.label_atom_id 
1 1 Y 1 A LYS 1004 ? CG ? A LYS 26 CG 
2 1 Y 1 A LYS 1004 ? CD ? A LYS 26 CD 
3 1 Y 1 A LYS 1004 ? CE ? A LYS 26 CE 
4 1 Y 1 A LYS 1004 ? NZ ? A LYS 26 NZ 
# 
loop_
_software.pdbx_ordinal 
_software.name 
_software.version 
_software.date 
_software.type 
_software.contact_author 
_software.contact_author_email 
_software.classification 
_software.location 
_software.language 
_software.citation_id 
1 REFMAC      5.8.0258 ?               program 'Garib N. Murshudov' garib@ysbl.york.ac.uk    refinement        
http://www.ccp4.ac.uk/dist/html/refmac5.html        Fortran_77 ? 
2 Aimless     0.5.17   21/10/15        program 'Phil Evans'         ?                        'data scaling'    
http://www.mrc-lmb.cam.ac.uk/harry/pre/aimless.html ?          ? 
3 PDB_EXTRACT 3.23     'SEP. 23, 2016' package PDB                  deposit@deposit.rcsb.org 'data extraction' 
http://sw-tools.pdb.org/apps/PDB_EXTRACT/           C++        ? 
4 XDS         .        ?               program ?                    ?                        'data reduction'  ? ?          ? 
5 REFMAC      .        ?               program ?                    ?                        phasing           ? ?          ? 
# 
_cell.entry_id           5R4Y 
_cell.length_a           80.550 
_cell.length_b           80.550 
_cell.length_c           139.360 
_cell.angle_alpha        90.000 
_cell.angle_beta         90.000 
_cell.angle_gamma        120.000 
_cell.Z_PDB              12 
_cell.pdbx_unique_axis   ? 
# 
_symmetry.entry_id                         5R4Y 
_symmetry.Int_Tables_number                179 
_symmetry.space_group_name_H-M             'P 65 2 2' 
_symmetry.pdbx_full_space_group_name_H-M   ? 
_symmetry.cell_setting                     ? 
# 
_exptl.crystals_number   1 
_exptl.entry_id          5R4Y 
_exptl.method            'X-RAY DIFFRACTION' 
# 
_exptl_crystal.id                    1 
_exptl_crystal.pdbx_mosaicity        0.000 
_exptl_crystal.pdbx_mosaicity_esd    ? 
_exptl_crystal.density_Matthews      4.2 
_exptl_crystal.density_diffrn        ? 
_exptl_crystal.density_meas          ? 
_exptl_crystal.density_meas_temp     ? 
_exptl_crystal.density_percent_sol   70.7 
_exptl_crystal.size_max              ? 
_exptl_crystal.size_mid              ? 
_exptl_crystal.size_min              ? 
_exptl_crystal.size_rad              ? 
_exptl_crystal.description           ? 
_exptl_crystal.preparation           ? 
# 
_exptl_crystal_grow.crystal_id      1 
_exptl_crystal_grow.method          'VAPOR DIFFUSION, SITTING DROP' 
_exptl_crystal_grow.pH              5.5 
_exptl_crystal_grow.temp            277 
_exptl_crystal_grow.pdbx_details    '2.2M ammonium sulfate, 0.1M bis-tris pH 5.5' 
_exptl_crystal_grow.temp_details    ? 
_exptl_crystal_grow.pdbx_pH_range   ? 
# 
_diffrn.id                               1 
_diffrn.ambient_temp                     100 
_diffrn.crystal_id                       1 
_diffrn.ambient_temp_details             ? 
_diffrn.pdbx_serial_crystal_experiment   ? 
# 
_diffrn_detector.detector               PIXEL 
_diffrn_detector.type                   'DECTRIS PILATUS 6M' 
_diffrn_detector.pdbx_collection_date   2015-11-21 
_diffrn_detector.diffrn_id              1 
_diffrn_detector.details                ? 
# 
_diffrn_radiation.diffrn_id                        1 
_diffrn_radiation.wavelength_id                    1 
_diffrn_radiation.pdbx_diffrn_protocol             'SINGLE WAVELENGTH' 
_diffrn_radiation.pdbx_monochromatic_or_laue_m_l   ? 
_diffrn_radiation.monochromator                    ? 
_diffrn_radiation.pdbx_scattering_type             x-ray 
# 
_diffrn_radiation_wavelength.id           1 
_diffrn_radiation_wavelength.wavelength   0.92819 
_diffrn_radiation_wavelength.wt           1.0 
# 
_diffrn_source.diffrn_id                   1 
_diffrn_source.source                      SYNCHROTRON 
_diffrn_source.type                        'DIAMOND BEAMLINE I04-1' 
_diffrn_source.pdbx_wavelength_list        0.92819 
_diffrn_source.pdbx_synchrotron_site       Diamond 
_diffrn_source.pdbx_synchrotron_beamline   I04-1 
_diffrn_source.pdbx_wavelength             ? 
# 
_reflns.entry_id                     5R4Y 
_reflns.pdbx_diffrn_id               1 
_reflns.pdbx_ordinal                 1 
_reflns.observed_criterion_sigma_I   ? 
_reflns.observed_criterion_sigma_F   ? 
_reflns.d_resolution_low             62.380 
_reflns.d_resolution_high            1.840 
_reflns.number_obs                   23971 
_reflns.number_all                   ? 
_reflns.percent_possible_obs         100.000 
_reflns.pdbx_Rmerge_I_obs            0.180 
_reflns.pdbx_Rsym_value              ? 
_reflns.pdbx_netI_over_sigmaI        14.000 
_reflns.B_iso_Wilson_estimate        ? 
_reflns.pdbx_redundancy              18.800 
_reflns.pdbx_Rrim_I_all              0.185 
_reflns.pdbx_Rpim_I_all              0.042 
_reflns.pdbx_CC_half                 0.999 
_reflns.pdbx_netI_over_av_sigmaI     ? 
_reflns.pdbx_number_measured_all     450303 
_reflns.pdbx_scaling_rejects         0 
_reflns.pdbx_chi_squared             ? 
_reflns.Rmerge_F_all                 ? 
_reflns.Rmerge_F_obs                 ? 
_reflns.observed_criterion_F_max     ? 
_reflns.observed_criterion_F_min     ? 
_reflns.observed_criterion_I_max     ? 
_reflns.observed_criterion_I_min     ? 
_reflns.pdbx_d_res_high_opt          ? 
_reflns.pdbx_d_res_low_opt           ? 
_reflns.details                      ? 
_reflns.pdbx_CC_star                 ? 
# 
loop_
_reflns_shell.pdbx_diffrn_id 
_reflns_shell.pdbx_ordinal 
_reflns_shell.d_res_high 
_reflns_shell.d_res_low 
_reflns_shell.number_measured_obs 
_reflns_shell.number_measured_all 
_reflns_shell.number_unique_obs 
_reflns_shell.pdbx_rejects 
_reflns_shell.Rmerge_I_obs 
_reflns_shell.meanI_over_sigI_obs 
_reflns_shell.pdbx_Rsym_value 
_reflns_shell.pdbx_chi_squared 
_reflns_shell.pdbx_redundancy 
_reflns_shell.percent_possible_obs 
_reflns_shell.pdbx_netI_over_sigmaI_obs 
_reflns_shell.number_possible 
_reflns_shell.number_unique_all 
_reflns_shell.Rmerge_F_all 
_reflns_shell.Rmerge_F_obs 
_reflns_shell.Rmerge_I_all 
_reflns_shell.meanI_over_sigI_all 
_reflns_shell.percent_possible_all 
_reflns_shell.pdbx_Rrim_I_all 
_reflns_shell.pdbx_Rpim_I_all 
_reflns_shell.pdbx_CC_half 
_reflns_shell.pdbx_CC_star 
1 1 1.840 1.890  ? 33288 ? ? 2.024 ? ? ? 19.300 ? 1.700  ? 1728 ? ? ? ? 100.000 2.079 0.471 0.550 ? 
1 2 8.230 62.380 ? 5659  ? ? 0.042 ? ? ? 16.400 ? 55.700 ? 346  ? ? ? ? 99.900  0.043 0.011 1.000 ? 
# 
_refine.entry_id                                 5R4Y 
_refine.pdbx_refine_id                           'X-RAY DIFFRACTION' 
_refine.ls_d_res_high                            1.8400 
_refine.ls_d_res_low                             62.4600 
_refine.pdbx_ls_sigma_F                          0.000 
_refine.pdbx_data_cutoff_high_absF               ? 
_refine.pdbx_data_cutoff_low_absF                ? 
_refine.ls_percent_reflns_obs                    99.9300 
_refine.ls_number_reflns_obs                     22728 
_refine.ls_number_reflns_all                     ? 
_refine.pdbx_ls_cross_valid_method               THROUGHOUT 
_refine.ls_matrix_type                           ? 
_refine.pdbx_R_Free_selection_details            RANDOM 
_refine.details                                  
'HYDROGENS HAVE BEEN ADDED IN THE RIDING POSITIONS U VALUES      : REFINED INDIVIDUALLY' 
_refine.ls_R_factor_all                          ? 
_refine.ls_R_factor_obs                          0.1705 
_refine.ls_R_factor_R_work                       0.1691 
_refine.ls_wR_factor_R_work                      ? 
_refine.ls_R_factor_R_free                       0.1977 
_refine.ls_wR_factor_R_free                      ? 
_refine.ls_percent_reflns_R_free                 5.0000 
_refine.ls_number_reflns_R_free                  1185 
_refine.ls_number_reflns_R_work                  ? 
_refine.ls_R_factor_R_free_error                 ? 
_refine.B_iso_mean                               28.6540 
_refine.solvent_model_param_bsol                 ? 
_refine.solvent_model_param_ksol                 ? 
_refine.pdbx_isotropic_thermal_model             ? 
_refine.aniso_B[1][1]                            -0.2200 
_refine.aniso_B[2][2]                            -0.2200 
_refine.aniso_B[3][3]                            0.7200 
_refine.aniso_B[1][2]                            -0.1100 
_refine.aniso_B[1][3]                            -0.0000 
_refine.aniso_B[2][3]                            0.0000 
_refine.correlation_coeff_Fo_to_Fc               0.9670 
_refine.correlation_coeff_Fo_to_Fc_free          0.9520 
_refine.overall_SU_R_Cruickshank_DPI             ? 
_refine.pdbx_overall_SU_R_free_Cruickshank_DPI   ? 
_refine.pdbx_overall_SU_R_Blow_DPI               ? 
_refine.pdbx_overall_SU_R_free_Blow_DPI          ? 
_refine.overall_SU_R_free                        ? 
_refine.pdbx_overall_ESU_R                       0.0910 
_refine.pdbx_overall_ESU_R_Free                  0.0920 
_refine.overall_SU_ML                            0.0680 
_refine.overall_SU_B                             2.3540 
_refine.solvent_model_details                    MASK 
_refine.pdbx_solvent_vdw_probe_radii             1.2000 
_refine.pdbx_solvent_ion_probe_radii             0.8000 
_refine.pdbx_solvent_shrinkage_radii             0.8000 
_refine.ls_number_parameters                     ? 
_refine.ls_number_restraints                     ? 
_refine.pdbx_starting_model                      3DAI 
_refine.pdbx_method_to_determine_struct          'FOURIER SYNTHESIS' 
_refine.pdbx_stereochemistry_target_values       'MAXIMUM LIKELIHOOD' 
_refine.pdbx_stereochem_target_val_spec_case     ? 
_refine.overall_FOM_work_R_set                   ? 
_refine.B_iso_max                                211.270 
_refine.B_iso_min                                15.000 
_refine.pdbx_overall_phase_error                 ? 
_refine.occupancy_max                            ? 
_refine.occupancy_min                            ? 
_refine.pdbx_diffrn_id                           1 
_refine.pdbx_TLS_residual_ADP_flag               ? 
_refine.pdbx_ls_sigma_I                          ? 
_refine.pdbx_data_cutoff_high_rms_absF           ? 
_refine.ls_R_factor_R_free_error_details         ? 
# 
_refine_hist.cycle_id                         final 
_refine_hist.pdbx_refine_id                   'X-RAY DIFFRACTION' 
_refine_hist.d_res_high                       1.8400 
_refine_hist.d_res_low                        62.4600 
_refine_hist.pdbx_number_atoms_ligand         44 
_refine_hist.number_atoms_solvent             221 
_refine_hist.number_atoms_total               1349 
_refine_hist.pdbx_number_residues_total       130 
_refine_hist.pdbx_B_iso_mean_ligand           49.76 
_refine_hist.pdbx_B_iso_mean_solvent          41.51 
_refine_hist.pdbx_number_atoms_protein        1084 
_refine_hist.pdbx_number_atoms_nucleic_acid   0 
# 
loop_
_refine_ls_restr.pdbx_refine_id 
_refine_ls_restr.type 
_refine_ls_restr.number 
_refine_ls_restr.dev_ideal 
_refine_ls_restr.dev_ideal_target 
_refine_ls_restr.weight 
_refine_ls_restr.pdbx_restraint_function 
'X-RAY DIFFRACTION' r_bond_refined_d       1216 0.014  0.013  ? ? 
'X-RAY DIFFRACTION' r_bond_other_d         1148 0.001  0.017  ? ? 
'X-RAY DIFFRACTION' r_angle_refined_deg    1654 1.737  1.688  ? ? 
'X-RAY DIFFRACTION' r_angle_other_deg      2669 1.399  1.609  ? ? 
'X-RAY DIFFRACTION' r_dihedral_angle_1_deg 151  4.802  5.000  ? ? 
'X-RAY DIFFRACTION' r_dihedral_angle_2_deg 84   31.244 20.833 ? ? 
'X-RAY DIFFRACTION' r_dihedral_angle_3_deg 227  14.447 15.000 ? ? 
'X-RAY DIFFRACTION' r_dihedral_angle_4_deg 16   15.421 15.000 ? ? 
'X-RAY DIFFRACTION' r_chiral_restr         160  0.095  0.200  ? ? 
'X-RAY DIFFRACTION' r_gen_planes_refined   1394 0.009  0.020  ? ? 
'X-RAY DIFFRACTION' r_gen_planes_other     270  0.002  0.020  ? ? 
'X-RAY DIFFRACTION' r_mcbond_it            544  2.443  2.574  ? ? 
'X-RAY DIFFRACTION' r_mcbond_other         545  2.441  2.577  ? ? 
'X-RAY DIFFRACTION' r_mcangle_it           686  3.439  3.833  ? ? 
# 
_refine_ls_shell.d_res_high                       1.8400 
_refine_ls_shell.d_res_low                        1.8880 
_refine_ls_shell.pdbx_total_number_of_bins_used   20 
_refine_ls_shell.percent_reflns_obs               99.8300 
_refine_ls_shell.number_reflns_R_work             1631 
_refine_ls_shell.R_factor_all                     ? 
_refine_ls_shell.R_factor_R_work                  0.2860 
_refine_ls_shell.R_factor_R_free                  0.3340 
_refine_ls_shell.percent_reflns_R_free            ? 
_refine_ls_shell.number_reflns_R_free             92 
_refine_ls_shell.R_factor_R_free_error            ? 
_refine_ls_shell.number_reflns_all                1723 
_refine_ls_shell.number_reflns_obs                ? 
_refine_ls_shell.pdbx_refine_id                   'X-RAY DIFFRACTION' 
_refine_ls_shell.R_factor_obs                     ? 
# 
_struct.entry_id                  5R4Y 
_struct.title                     
'XChem fragment screen -- CRYSTAL STRUCTURE OF THE BROMODOMAIN OF THE HUMAN ATAD2 in complex with N13612a' 
_struct.pdbx_model_details        ? 
_struct.pdbx_CASP_flag            ? 
_struct.pdbx_model_type_details   ? 
# 
_struct_keywords.entry_id        5R4Y 
_struct_keywords.text            
;PanDDA, SGC - Diamond I04-1 fragment screening, XChemExplorer, ATPASE FAMILY, AAA DOMAIN CONTAINING 2, ANCCA, AAA+ NUCLEAR COREGULATOR CANCER-ASSOCIATED PRO2000 PROTEIN, TWO AAA DOMAIN CONTAINING PROTEIN, SGC, STRUCTURAL GENOMICS CONSORTIUM, ATP-BINDING, BROMODOMAIN, NUCLEOTIDE-BINDING, PHOSPHOPROTEIN, SIGNALING PROTEIN, HYDROLASE-HYDROLASE INHIBITOR complex
;
_struct_keywords.pdbx_keywords   'HYDROLASE/HYDROLASE INHIBITOR' 
# 
loop_
_struct_asym.id 
_struct_asym.pdbx_blank_PDB_chainid_flag 
_struct_asym.pdbx_modified 
_struct_asym.entity_id 
_struct_asym.details 
A N N 1 ? 
B N N 2 ? 
C N N 3 ? 
D N N 3 ? 
E N N 4 ? 
F N N 4 ? 
G N N 4 ? 
H N N 4 ? 
I N N 5 ? 
# 
_struct_ref.id                         1 
_struct_ref.db_name                    UNP 
_struct_ref.db_code                    ATAD2_HUMAN 
_struct_ref.pdbx_db_accession          Q6PL18 
_struct_ref.pdbx_db_isoform            ? 
_struct_ref.entity_id                  1 
_struct_ref.pdbx_seq_one_letter_code   
;QEEDTFRELRIFLRNVTHRLAIDKRFRVFTKPVDPDEVPDYVTVIKQPMDLSSVISKIDLHKYLTVKDYLRDIDLICSNA
LEYNPDRDPGDRLIRHRACALRDTAYAIIKEELDEDFEQLCEEIQESR
;
_struct_ref.pdbx_align_begin           981 
# 
_struct_ref_seq.align_id                      1 
_struct_ref_seq.ref_id                        1 
_struct_ref_seq.pdbx_PDB_id_code              5R4Y 
_struct_ref_seq.pdbx_strand_id                A 
_struct_ref_seq.seq_align_beg                 3 
_struct_ref_seq.pdbx_seq_align_beg_ins_code   ? 
_struct_ref_seq.seq_align_end                 130 
_struct_ref_seq.pdbx_seq_align_end_ins_code   ? 
_struct_ref_seq.pdbx_db_accession             Q6PL18 
_struct_ref_seq.db_align_beg                  981 
_struct_ref_seq.pdbx_db_align_beg_ins_code    ? 
_struct_ref_seq.db_align_end                  1108 
_struct_ref_seq.pdbx_db_align_end_ins_code    ? 
_struct_ref_seq.pdbx_auth_seq_align_beg       981 
_struct_ref_seq.pdbx_auth_seq_align_end       1108 
# 
loop_
_struct_ref_seq_dif.align_id 
_struct_ref_seq_dif.pdbx_pdb_id_code 
_struct_ref_seq_dif.mon_id 
_struct_ref_seq_dif.pdbx_pdb_strand_id 
_struct_ref_seq_dif.seq_num 
_struct_ref_seq_dif.pdbx_pdb_ins_code 
_struct_ref_seq_dif.pdbx_seq_db_name 
_struct_ref_seq_dif.pdbx_seq_db_accession_code 
_struct_ref_seq_dif.db_mon_id 
_struct_ref_seq_dif.pdbx_seq_db_seq_num 
_struct_ref_seq_dif.details 
_struct_ref_seq_dif.pdbx_auth_seq_num 
_struct_ref_seq_dif.pdbx_ordinal 
1 5R4Y SER A 1  ? UNP Q6PL18 ?   ?    'expression tag' 979  1 
1 5R4Y MET A 2  ? UNP Q6PL18 ?   ?    'expression tag' 980  2 
1 5R4Y ARG A 44 ? UNP Q6PL18 VAL 1022 conflict         1022 3 
1 5R4Y GLU A 49 ? UNP Q6PL18 GLN 1027 conflict         1027 4 
# 
_pdbx_struct_assembly.id                   1 
_pdbx_struct_assembly.details              author_and_software_defined_assembly 
_pdbx_struct_assembly.method_details       PISA 
_pdbx_struct_assembly.oligomeric_details   monomeric 
_pdbx_struct_assembly.oligomeric_count     1 
# 
_pdbx_struct_assembly_gen.assembly_id       1 
_pdbx_struct_assembly_gen.oper_expression   1 
_pdbx_struct_assembly_gen.asym_id_list      A,B,C,D,E,F,G,H,I 
# 
_pdbx_struct_oper_list.id                   1 
_pdbx_struct_oper_list.type                 'identity operation' 
_pdbx_struct_oper_list.name                 1_555 
_pdbx_struct_oper_list.symmetry_operation   x,y,z 
_pdbx_struct_oper_list.matrix[1][1]         1.0000000000 
_pdbx_struct_oper_list.matrix[1][2]         0.0000000000 
_pdbx_struct_oper_list.matrix[1][3]         0.0000000000 
_pdbx_struct_oper_list.vector[1]            0.0000000000 
_pdbx_struct_oper_list.matrix[2][1]         0.0000000000 
_pdbx_struct_oper_list.matrix[2][2]         1.0000000000 
_pdbx_struct_oper_list.matrix[2][3]         0.0000000000 
_pdbx_struct_oper_list.vector[2]            0.0000000000 
_pdbx_struct_oper_list.matrix[3][1]         0.0000000000 
_pdbx_struct_oper_list.matrix[3][2]         0.0000000000 
_pdbx_struct_oper_list.matrix[3][3]         1.0000000000 
_pdbx_struct_oper_list.vector[3]            0.0000000000 
# 
loop_
_struct_conf.conf_type_id 
_struct_conf.id 
_struct_conf.pdbx_PDB_helix_id 
_struct_conf.beg_label_comp_id 
_struct_conf.beg_label_asym_id 
_struct_conf.beg_label_seq_id 
_struct_conf.pdbx_beg_PDB_ins_code 
_struct_conf.end_label_comp_id 
_struct_conf.end_label_asym_id 
_struct_conf.end_label_seq_id 
_struct_conf.pdbx_end_PDB_ins_code 
_struct_conf.beg_auth_comp_id 
_struct_conf.beg_auth_asym_id 
_struct_conf.beg_auth_seq_id 
_struct_conf.end_auth_comp_id 
_struct_conf.end_auth_asym_id 
_struct_conf.end_auth_seq_id 
_struct_conf.pdbx_PDB_helix_class 
_struct_conf.details 
_struct_conf.pdbx_PDB_helix_length 
HELX_P HELX_P1 AA1 SER A 1   ? ILE A 24  ? SER A 979  ILE A 1002 1 ? 24 
HELX_P HELX_P2 AA2 ASP A 25  ? THR A 32  ? ASP A 1003 THR A 1010 5 ? 8  
HELX_P HELX_P3 AA3 ASP A 42  ? ILE A 47  ? ASP A 1020 ILE A 1025 1 ? 6  
HELX_P HELX_P4 AA4 ASP A 52  ? LEU A 62  ? ASP A 1030 LEU A 1040 1 ? 11 
HELX_P HELX_P5 AA5 THR A 67  ? ASN A 86  ? THR A 1045 ASN A 1064 1 ? 20 
HELX_P HELX_P6 AA6 ASP A 90  ? LEU A 115 ? ASP A 1068 LEU A 1093 1 ? 26 
HELX_P HELX_P7 AA7 ASP A 116 ? SER A 129 ? ASP A 1094 SER A 1107 1 ? 14 
# 
_struct_conf_type.id          HELX_P 
_struct_conf_type.criteria    ? 
_struct_conf_type.reference   ? 
# 
loop_
_struct_site.id 
_struct_site.pdbx_evidence_code 
_struct_site.pdbx_auth_asym_id 
_struct_site.pdbx_auth_comp_id 
_struct_site.pdbx_auth_seq_id 
_struct_site.pdbx_auth_ins_code 
_struct_site.pdbx_num_residues 
_struct_site.details 
AC1 Software A GX4 1201 ? 7 'binding site for residue GX4 A 1201' 
AC2 Software A SO4 1202 ? 9 'binding site for residue SO4 A 1202' 
AC3 Software A SO4 1203 ? 8 'binding site for residue SO4 A 1203' 
AC4 Software A EDO 1204 ? 4 'binding site for residue EDO A 1204' 
AC5 Software A EDO 1205 ? 5 'binding site for residue EDO A 1205' 
AC6 Software A EDO 1206 ? 4 'binding site for residue EDO A 1206' 
AC7 Software A EDO 1207 ? 2 'binding site for residue EDO A 1207' 
# 
loop_
_struct_site_gen.id 
_struct_site_gen.site_id 
_struct_site_gen.pdbx_num_res 
_struct_site_gen.label_comp_id 
_struct_site_gen.label_asym_id 
_struct_site_gen.label_seq_id 
_struct_site_gen.pdbx_auth_ins_code 
_struct_site_gen.auth_comp_id 
_struct_site_gen.auth_asym_id 
_struct_site_gen.auth_seq_id 
_struct_site_gen.label_atom_id 
_struct_site_gen.label_alt_id 
_struct_site_gen.symmetry 
_struct_site_gen.details 
1  AC1 7 VAL A 30  ? VAL A 1008 . ? 1_555  ? 
2  AC1 7 PHE A 31  ? PHE A 1009 . ? 1_555  ? 
3  AC1 7 VAL A 35  ? VAL A 1013 . ? 1_555  ? 
4  AC1 7 GLU A 39  ? GLU A 1017 . ? 1_555  ? 
5  AC1 7 ASN A 86  ? ASN A 1064 . ? 1_555  ? 
6  AC1 7 ILE A 96  ? ILE A 1074 . ? 1_555  ? 
7  AC1 7 HOH I .   ? HOH A 1337 . ? 1_555  ? 
8  AC2 9 ARG A 9   ? ARG A 987  . ? 6_654  ? 
9  AC2 9 ARG A 12  ? ARG A 990  . ? 6_654  ? 
10 AC2 9 ARG A 16  ? ARG A 994  . ? 6_654  ? 
11 AC2 9 ARG A 89  ? ARG A 1067 . ? 1_555  ? 
12 AC2 9 ARG A 94  ? ARG A 1072 . ? 1_555  ? 
13 AC2 9 HOH I .   ? HOH A 1301 . ? 1_555  ? 
14 AC2 9 HOH I .   ? HOH A 1349 . ? 1_555  ? 
15 AC2 9 HOH I .   ? HOH A 1375 . ? 1_555  ? 
16 AC2 9 HOH I .   ? HOH A 1431 . ? 1_555  ? 
17 AC3 8 LYS A 59  ? LYS A 1037 . ? 1_555  ? 
18 AC3 8 LYS A 64  ? LYS A 1042 . ? 1_555  ? 
19 AC3 8 LYS A 64  ? LYS A 1042 . ? 12_564 ? 
20 AC3 8 HOH I .   ? HOH A 1318 . ? 1_555  ? 
21 AC3 8 HOH I .   ? HOH A 1319 . ? 1_555  ? 
22 AC3 8 HOH I .   ? HOH A 1319 . ? 12_564 ? 
23 AC3 8 HOH I .   ? HOH A 1325 . ? 12_564 ? 
24 AC3 8 HOH I .   ? HOH A 1325 . ? 1_555  ? 
25 AC4 4 GLU A 10  ? GLU A 988  . ? 1_555  ? 
26 AC4 4 ASP A 116 ? ASP A 1094 . ? 1_555  ? 
27 AC4 4 HOH I .   ? HOH A 1384 . ? 1_555  ? 
28 AC4 4 HOH I .   ? HOH A 1410 . ? 1_555  ? 
29 AC5 5 HIS A 20  ? HIS A 998  . ? 10_665 ? 
30 AC5 5 GLU A 113 ? GLU A 1091 . ? 1_555  ? 
31 AC5 5 GLU A 114 ? GLU A 1092 . ? 1_555  ? 
32 AC5 5 LEU A 115 ? LEU A 1093 . ? 1_555  ? 
33 AC5 5 ASP A 116 ? ASP A 1094 . ? 1_555  ? 
34 AC6 4 PRO A 50  ? PRO A 1028 . ? 12_564 ? 
35 AC6 4 HOH I .   ? HOH A 1360 . ? 1_555  ? 
36 AC6 4 HOH I .   ? HOH A 1372 . ? 12_564 ? 
37 AC6 4 HOH I .   ? HOH A 1426 . ? 1_555  ? 
38 AC7 2 LEU A 72  ? LEU A 1050 . ? 1_555  ? 
39 AC7 2 HOH I .   ? HOH A 1304 . ? 1_555  ? 
# 
_pdbx_validate_close_contact.id               1 
_pdbx_validate_close_contact.PDB_model_num    1 
_pdbx_validate_close_contact.auth_atom_id_1   O 
_pdbx_validate_close_contact.auth_asym_id_1   A 
_pdbx_validate_close_contact.auth_comp_id_1   HOH 
_pdbx_validate_close_contact.auth_seq_id_1    1430 
_pdbx_validate_close_contact.PDB_ins_code_1   ? 
_pdbx_validate_close_contact.label_alt_id_1   ? 
_pdbx_validate_close_contact.auth_atom_id_2   O 
_pdbx_validate_close_contact.auth_asym_id_2   A 
_pdbx_validate_close_contact.auth_comp_id_2   HOH 
_pdbx_validate_close_contact.auth_seq_id_2    1476 
_pdbx_validate_close_contact.PDB_ins_code_2   ? 
_pdbx_validate_close_contact.label_alt_id_2   ? 
_pdbx_validate_close_contact.dist             2.09 
# 
_pdbx_validate_rmsd_angle.id                         1 
_pdbx_validate_rmsd_angle.PDB_model_num              1 
_pdbx_validate_rmsd_angle.auth_atom_id_1             NE 
_pdbx_validate_rmsd_angle.auth_asym_id_1             A 
_pdbx_validate_rmsd_angle.auth_comp_id_1             ARG 
_pdbx_validate_rmsd_angle.auth_seq_id_1              987 
_pdbx_validate_rmsd_angle.PDB_ins_code_1             ? 
_pdbx_validate_rmsd_angle.label_alt_id_1             B 
_pdbx_validate_rmsd_angle.auth_atom_id_2             CZ 
_pdbx_validate_rmsd_angle.auth_asym_id_2             A 
_pdbx_validate_rmsd_angle.auth_comp_id_2             ARG 
_pdbx_validate_rmsd_angle.auth_seq_id_2              987 
_pdbx_validate_rmsd_angle.PDB_ins_code_2             ? 
_pdbx_validate_rmsd_angle.label_alt_id_2             B 
_pdbx_validate_rmsd_angle.auth_atom_id_3             NH1 
_pdbx_validate_rmsd_angle.auth_asym_id_3             A 
_pdbx_validate_rmsd_angle.auth_comp_id_3             ARG 
_pdbx_validate_rmsd_angle.auth_seq_id_3              987 
_pdbx_validate_rmsd_angle.PDB_ins_code_3             ? 
_pdbx_validate_rmsd_angle.label_alt_id_3             B 
_pdbx_validate_rmsd_angle.angle_value                116.72 
_pdbx_validate_rmsd_angle.angle_target_value         120.30 
_pdbx_validate_rmsd_angle.angle_deviation            -3.58 
_pdbx_validate_rmsd_angle.angle_standard_deviation   0.50 
_pdbx_validate_rmsd_angle.linker_flag                N 
# 
_pdbx_struct_special_symmetry.id              1 
_pdbx_struct_special_symmetry.PDB_model_num   1 
_pdbx_struct_special_symmetry.auth_asym_id    A 
_pdbx_struct_special_symmetry.auth_comp_id    HOH 
_pdbx_struct_special_symmetry.auth_seq_id     1355 
_pdbx_struct_special_symmetry.PDB_ins_code    ? 
_pdbx_struct_special_symmetry.label_asym_id   I 
_pdbx_struct_special_symmetry.label_comp_id   HOH 
_pdbx_struct_special_symmetry.label_seq_id    . 
# 
_phasing.method   MR 
# 
_pdbx_entry_details.entry_id                 5R4Y 
_pdbx_entry_details.compound_details         ? 
_pdbx_entry_details.source_details           ? 
_pdbx_entry_details.nonpolymer_details       ? 
_pdbx_entry_details.sequence_details         ? 
_pdbx_entry_details.has_ligand_of_interest   Y 
# 
_pdbx_distant_solvent_atoms.id                                1 
_pdbx_distant_solvent_atoms.PDB_model_num                     1 
_pdbx_distant_solvent_atoms.auth_atom_id                      O 
_pdbx_distant_solvent_atoms.label_alt_id                      ? 
_pdbx_distant_solvent_atoms.auth_asym_id                      A 
_pdbx_distant_solvent_atoms.auth_comp_id                      HOH 
_pdbx_distant_solvent_atoms.auth_seq_id                       1521 
_pdbx_distant_solvent_atoms.PDB_ins_code                      ? 
_pdbx_distant_solvent_atoms.neighbor_macromolecule_distance   6.31 
_pdbx_distant_solvent_atoms.neighbor_ligand_distance          . 
# 
loop_
_chem_comp_atom.comp_id 
_chem_comp_atom.atom_id 
_chem_comp_atom.type_symbol 
_chem_comp_atom.pdbx_aromatic_flag 
_chem_comp_atom.pdbx_stereo_config 
_chem_comp_atom.pdbx_ordinal 
ALA N    N N N 1   
ALA CA   C N S 2   
ALA C    C N N 3   
ALA O    O N N 4   
ALA CB   C N N 5   
ALA OXT  O N N 6   
ALA H    H N N 7   
ALA H2   H N N 8   
ALA HA   H N N 9   
ALA HB1  H N N 10  
ALA HB2  H N N 11  
ALA HB3  H N N 12  
ALA HXT  H N N 13  
ARG N    N N N 14  
ARG CA   C N S 15  
ARG C    C N N 16  
ARG O    O N N 17  
ARG CB   C N N 18  
ARG CG   C N N 19  
ARG CD   C N N 20  
ARG NE   N N N 21  
ARG CZ   C N N 22  
ARG NH1  N N N 23  
ARG NH2  N N N 24  
ARG OXT  O N N 25  
ARG H    H N N 26  
ARG H2   H N N 27  
ARG HA   H N N 28  
ARG HB2  H N N 29  
ARG HB3  H N N 30  
ARG HG2  H N N 31  
ARG HG3  H N N 32  
ARG HD2  H N N 33  
ARG HD3  H N N 34  
ARG HE   H N N 35  
ARG HH11 H N N 36  
ARG HH12 H N N 37  
ARG HH21 H N N 38  
ARG HH22 H N N 39  
ARG HXT  H N N 40  
ASN N    N N N 41  
ASN CA   C N S 42  
ASN C    C N N 43  
ASN O    O N N 44  
ASN CB   C N N 45  
ASN CG   C N N 46  
ASN OD1  O N N 47  
ASN ND2  N N N 48  
ASN OXT  O N N 49  
ASN H    H N N 50  
ASN H2   H N N 51  
ASN HA   H N N 52  
ASN HB2  H N N 53  
ASN HB3  H N N 54  
ASN HD21 H N N 55  
ASN HD22 H N N 56  
ASN HXT  H N N 57  
ASP N    N N N 58  
ASP CA   C N S 59  
ASP C    C N N 60  
ASP O    O N N 61  
ASP CB   C N N 62  
ASP CG   C N N 63  
ASP OD1  O N N 64  
ASP OD2  O N N 65  
ASP OXT  O N N 66  
ASP H    H N N 67  
ASP H2   H N N 68  
ASP HA   H N N 69  
ASP HB2  H N N 70  
ASP HB3  H N N 71  
ASP HD2  H N N 72  
ASP HXT  H N N 73  
CYS N    N N N 74  
CYS CA   C N R 75  
CYS C    C N N 76  
CYS O    O N N 77  
CYS CB   C N N 78  
CYS SG   S N N 79  
CYS OXT  O N N 80  
CYS H    H N N 81  
CYS H2   H N N 82  
CYS HA   H N N 83  
CYS HB2  H N N 84  
CYS HB3  H N N 85  
CYS HG   H N N 86  
CYS HXT  H N N 87  
EDO C1   C N N 88  
EDO O1   O N N 89  
EDO C2   C N N 90  
EDO O2   O N N 91  
EDO H11  H N N 92  
EDO H12  H N N 93  
EDO HO1  H N N 94  
EDO H21  H N N 95  
EDO H22  H N N 96  
EDO HO2  H N N 97  
GLN N    N N N 98  
GLN CA   C N S 99  
GLN C    C N N 100 
GLN O    O N N 101 
GLN CB   C N N 102 
GLN CG   C N N 103 
GLN CD   C N N 104 
GLN OE1  O N N 105 
GLN NE2  N N N 106 
GLN OXT  O N N 107 
GLN H    H N N 108 
GLN H2   H N N 109 
GLN HA   H N N 110 
GLN HB2  H N N 111 
GLN HB3  H N N 112 
GLN HG2  H N N 113 
GLN HG3  H N N 114 
GLN HE21 H N N 115 
GLN HE22 H N N 116 
GLN HXT  H N N 117 
GLU N    N N N 118 
GLU CA   C N S 119 
GLU C    C N N 120 
GLU O    O N N 121 
GLU CB   C N N 122 
GLU CG   C N N 123 
GLU CD   C N N 124 
GLU OE1  O N N 125 
GLU OE2  O N N 126 
GLU OXT  O N N 127 
GLU H    H N N 128 
GLU H2   H N N 129 
GLU HA   H N N 130 
GLU HB2  H N N 131 
GLU HB3  H N N 132 
GLU HG2  H N N 133 
GLU HG3  H N N 134 
GLU HE2  H N N 135 
GLU HXT  H N N 136 
GLY N    N N N 137 
GLY CA   C N N 138 
GLY C    C N N 139 
GLY O    O N N 140 
GLY OXT  O N N 141 
GLY H    H N N 142 
GLY H2   H N N 143 
GLY HA2  H N N 144 
GLY HA3  H N N 145 
GLY HXT  H N N 146 
GX4 N1   N N N 147 
GX4 C4   C Y N 148 
GX4 C5   C Y N 149 
GX4 C6   C N N 150 
GX4 C7   C N N 151 
GX4 C8   C N N 152 
GX4 C10  C N N 153 
GX4 C13  C N N 154 
GX4 O    O N N 155 
GX4 C11  C N N 156 
GX4 C12  C N N 157 
GX4 C9   C N N 158 
GX4 N    N N N 159 
GX4 C3   C Y N 160 
GX4 C2   C Y N 161 
GX4 C1   C Y N 162 
GX4 C    C Y N 163 
GX4 F    F N N 164 
GX4 H1   H N N 165 
GX4 H2   H N N 166 
GX4 H3   H N N 167 
GX4 H4   H N N 168 
GX4 H5   H N N 169 
GX4 H6   H N N 170 
GX4 H7   H N N 171 
GX4 H8   H N N 172 
GX4 H9   H N N 173 
GX4 H10  H N N 174 
GX4 H11  H N N 175 
GX4 H12  H N N 176 
GX4 H13  H N N 177 
GX4 H14  H N N 178 
GX4 H15  H N N 179 
GX4 H16  H N N 180 
GX4 H17  H N N 181 
HIS N    N N N 182 
HIS CA   C N S 183 
HIS C    C N N 184 
HIS O    O N N 185 
HIS CB   C N N 186 
HIS CG   C Y N 187 
HIS ND1  N Y N 188 
HIS CD2  C Y N 189 
HIS CE1  C Y N 190 
HIS NE2  N Y N 191 
HIS OXT  O N N 192 
HIS H    H N N 193 
HIS H2   H N N 194 
HIS HA   H N N 195 
HIS HB2  H N N 196 
HIS HB3  H N N 197 
HIS HD1  H N N 198 
HIS HD2  H N N 199 
HIS HE1  H N N 200 
HIS HE2  H N N 201 
HIS HXT  H N N 202 
HOH O    O N N 203 
HOH H1   H N N 204 
HOH H2   H N N 205 
ILE N    N N N 206 
ILE CA   C N S 207 
ILE C    C N N 208 
ILE O    O N N 209 
ILE CB   C N S 210 
ILE CG1  C N N 211 
ILE CG2  C N N 212 
ILE CD1  C N N 213 
ILE OXT  O N N 214 
ILE H    H N N 215 
ILE H2   H N N 216 
ILE HA   H N N 217 
ILE HB   H N N 218 
ILE HG12 H N N 219 
ILE HG13 H N N 220 
ILE HG21 H N N 221 
ILE HG22 H N N 222 
ILE HG23 H N N 223 
ILE HD11 H N N 224 
ILE HD12 H N N 225 
ILE HD13 H N N 226 
ILE HXT  H N N 227 
LEU N    N N N 228 
LEU CA   C N S 229 
LEU C    C N N 230 
LEU O    O N N 231 
LEU CB   C N N 232 
LEU CG   C N N 233 
LEU CD1  C N N 234 
LEU CD2  C N N 235 
LEU OXT  O N N 236 
LEU H    H N N 237 
LEU H2   H N N 238 
LEU HA   H N N 239 
LEU HB2  H N N 240 
LEU HB3  H N N 241 
LEU HG   H N N 242 
LEU HD11 H N N 243 
LEU HD12 H N N 244 
LEU HD13 H N N 245 
LEU HD21 H N N 246 
LEU HD22 H N N 247 
LEU HD23 H N N 248 
LEU HXT  H N N 249 
LYS N    N N N 250 
LYS CA   C N S 251 
LYS C    C N N 252 
LYS O    O N N 253 
LYS CB   C N N 254 
LYS CG   C N N 255 
LYS CD   C N N 256 
LYS CE   C N N 257 
LYS NZ   N N N 258 
LYS OXT  O N N 259 
LYS H    H N N 260 
LYS H2   H N N 261 
LYS HA   H N N 262 
LYS HB2  H N N 263 
LYS HB3  H N N 264 
LYS HG2  H N N 265 
LYS HG3  H N N 266 
LYS HD2  H N N 267 
LYS HD3  H N N 268 
LYS HE2  H N N 269 
LYS HE3  H N N 270 
LYS HZ1  H N N 271 
LYS HZ2  H N N 272 
LYS HZ3  H N N 273 
LYS HXT  H N N 274 
MET N    N N N 275 
MET CA   C N S 276 
MET C    C N N 277 
MET O    O N N 278 
MET CB   C N N 279 
MET CG   C N N 280 
MET SD   S N N 281 
MET CE   C N N 282 
MET OXT  O N N 283 
MET H    H N N 284 
MET H2   H N N 285 
MET HA   H N N 286 
MET HB2  H N N 287 
MET HB3  H N N 288 
MET HG2  H N N 289 
MET HG3  H N N 290 
MET HE1  H N N 291 
MET HE2  H N N 292 
MET HE3  H N N 293 
MET HXT  H N N 294 
PHE N    N N N 295 
PHE CA   C N S 296 
PHE C    C N N 297 
PHE O    O N N 298 
PHE CB   C N N 299 
PHE CG   C Y N 300 
PHE CD1  C Y N 301 
PHE CD2  C Y N 302 
PHE CE1  C Y N 303 
PHE CE2  C Y N 304 
PHE CZ   C Y N 305 
PHE OXT  O N N 306 
PHE H    H N N 307 
PHE H2   H N N 308 
PHE HA   H N N 309 
PHE HB2  H N N 310 
PHE HB3  H N N 311 
PHE HD1  H N N 312 
PHE HD2  H N N 313 
PHE HE1  H N N 314 
PHE HE2  H N N 315 
PHE HZ   H N N 316 
PHE HXT  H N N 317 
PRO N    N N N 318 
PRO CA   C N S 319 
PRO C    C N N 320 
PRO O    O N N 321 
PRO CB   C N N 322 
PRO CG   C N N 323 
PRO CD   C N N 324 
PRO OXT  O N N 325 
PRO H    H N N 326 
PRO HA   H N N 327 
PRO HB2  H N N 328 
PRO HB3  H N N 329 
PRO HG2  H N N 330 
PRO HG3  H N N 331 
PRO HD2  H N N 332 
PRO HD3  H N N 333 
PRO HXT  H N N 334 
SER N    N N N 335 
SER CA   C N S 336 
SER C    C N N 337 
SER O    O N N 338 
SER CB   C N N 339 
SER OG   O N N 340 
SER OXT  O N N 341 
SER H    H N N 342 
SER H2   H N N 343 
SER HA   H N N 344 
SER HB2  H N N 345 
SER HB3  H N N 346 
SER HG   H N N 347 
SER HXT  H N N 348 
SO4 S    S N N 349 
SO4 O1   O N N 350 
SO4 O2   O N N 351 
SO4 O3   O N N 352 
SO4 O4   O N N 353 
THR N    N N N 354 
THR CA   C N S 355 
THR C    C N N 356 
THR O    O N N 357 
THR CB   C N R 358 
THR OG1  O N N 359 
THR CG2  C N N 360 
THR OXT  O N N 361 
THR H    H N N 362 
THR H2   H N N 363 
THR HA   H N N 364 
THR HB   H N N 365 
THR HG1  H N N 366 
THR HG21 H N N 367 
THR HG22 H N N 368 
THR HG23 H N N 369 
THR HXT  H N N 370 
TYR N    N N N 371 
TYR CA   C N S 372 
TYR C    C N N 373 
TYR O    O N N 374 
TYR CB   C N N 375 
TYR CG   C Y N 376 
TYR CD1  C Y N 377 
TYR CD2  C Y N 378 
TYR CE1  C Y N 379 
TYR CE2  C Y N 380 
TYR CZ   C Y N 381 
TYR OH   O N N 382 
TYR OXT  O N N 383 
TYR H    H N N 384 
TYR H2   H N N 385 
TYR HA   H N N 386 
TYR HB2  H N N 387 
TYR HB3  H N N 388 
TYR HD1  H N N 389 
TYR HD2  H N N 390 
TYR HE1  H N N 391 
TYR HE2  H N N 392 
TYR HH   H N N 393 
TYR HXT  H N N 394 
VAL N    N N N 395 
VAL CA   C N S 396 
VAL C    C N N 397 
VAL O    O N N 398 
VAL CB   C N N 399 
VAL CG1  C N N 400 
VAL CG2  C N N 401 
VAL OXT  O N N 402 
VAL H    H N N 403 
VAL H2   H N N 404 
VAL HA   H N N 405 
VAL HB   H N N 406 
VAL HG11 H N N 407 
VAL HG12 H N N 408 
VAL HG13 H N N 409 
VAL HG21 H N N 410 
VAL HG22 H N N 411 
VAL HG23 H N N 412 
VAL HXT  H N N 413 
# 
loop_
_chem_comp_bond.comp_id 
_chem_comp_bond.atom_id_1 
_chem_comp_bond.atom_id_2 
_chem_comp_bond.value_order 
_chem_comp_bond.pdbx_aromatic_flag 
_chem_comp_bond.pdbx_stereo_config 
_chem_comp_bond.pdbx_ordinal 
ALA N   CA   sing N N 1   
ALA N   H    sing N N 2   
ALA N   H2   sing N N 3   
ALA CA  C    sing N N 4   
ALA CA  CB   sing N N 5   
ALA CA  HA   sing N N 6   
ALA C   O    doub N N 7   
ALA C   OXT  sing N N 8   
ALA CB  HB1  sing N N 9   
ALA CB  HB2  sing N N 10  
ALA CB  HB3  sing N N 11  
ALA OXT HXT  sing N N 12  
ARG N   CA   sing N N 13  
ARG N   H    sing N N 14  
ARG N   H2   sing N N 15  
ARG CA  C    sing N N 16  
ARG CA  CB   sing N N 17  
ARG CA  HA   sing N N 18  
ARG C   O    doub N N 19  
ARG C   OXT  sing N N 20  
ARG CB  CG   sing N N 21  
ARG CB  HB2  sing N N 22  
ARG CB  HB3  sing N N 23  
ARG CG  CD   sing N N 24  
ARG CG  HG2  sing N N 25  
ARG CG  HG3  sing N N 26  
ARG CD  NE   sing N N 27  
ARG CD  HD2  sing N N 28  
ARG CD  HD3  sing N N 29  
ARG NE  CZ   sing N N 30  
ARG NE  HE   sing N N 31  
ARG CZ  NH1  sing N N 32  
ARG CZ  NH2  doub N N 33  
ARG NH1 HH11 sing N N 34  
ARG NH1 HH12 sing N N 35  
ARG NH2 HH21 sing N N 36  
ARG NH2 HH22 sing N N 37  
ARG OXT HXT  sing N N 38  
ASN N   CA   sing N N 39  
ASN N   H    sing N N 40  
ASN N   H2   sing N N 41  
ASN CA  C    sing N N 42  
ASN CA  CB   sing N N 43  
ASN CA  HA   sing N N 44  
ASN C   O    doub N N 45  
ASN C   OXT  sing N N 46  
ASN CB  CG   sing N N 47  
ASN CB  HB2  sing N N 48  
ASN CB  HB3  sing N N 49  
ASN CG  OD1  doub N N 50  
ASN CG  ND2  sing N N 51  
ASN ND2 HD21 sing N N 52  
ASN ND2 HD22 sing N N 53  
ASN OXT HXT  sing N N 54  
ASP N   CA   sing N N 55  
ASP N   H    sing N N 56  
ASP N   H2   sing N N 57  
ASP CA  C    sing N N 58  
ASP CA  CB   sing N N 59  
ASP CA  HA   sing N N 60  
ASP C   O    doub N N 61  
ASP C   OXT  sing N N 62  
ASP CB  CG   sing N N 63  
ASP CB  HB2  sing N N 64  
ASP CB  HB3  sing N N 65  
ASP CG  OD1  doub N N 66  
ASP CG  OD2  sing N N 67  
ASP OD2 HD2  sing N N 68  
ASP OXT HXT  sing N N 69  
CYS N   CA   sing N N 70  
CYS N   H    sing N N 71  
CYS N   H2   sing N N 72  
CYS CA  C    sing N N 73  
CYS CA  CB   sing N N 74  
CYS CA  HA   sing N N 75  
CYS C   O    doub N N 76  
CYS C   OXT  sing N N 77  
CYS CB  SG   sing N N 78  
CYS CB  HB2  sing N N 79  
CYS CB  HB3  sing N N 80  
CYS SG  HG   sing N N 81  
CYS OXT HXT  sing N N 82  
EDO C1  O1   sing N N 83  
EDO C1  C2   sing N N 84  
EDO C1  H11  sing N N 85  
EDO C1  H12  sing N N 86  
EDO O1  HO1  sing N N 87  
EDO C2  O2   sing N N 88  
EDO C2  H21  sing N N 89  
EDO C2  H22  sing N N 90  
EDO O2  HO2  sing N N 91  
GLN N   CA   sing N N 92  
GLN N   H    sing N N 93  
GLN N   H2   sing N N 94  
GLN CA  C    sing N N 95  
GLN CA  CB   sing N N 96  
GLN CA  HA   sing N N 97  
GLN C   O    doub N N 98  
GLN C   OXT  sing N N 99  
GLN CB  CG   sing N N 100 
GLN CB  HB2  sing N N 101 
GLN CB  HB3  sing N N 102 
GLN CG  CD   sing N N 103 
GLN CG  HG2  sing N N 104 
GLN CG  HG3  sing N N 105 
GLN CD  OE1  doub N N 106 
GLN CD  NE2  sing N N 107 
GLN NE2 HE21 sing N N 108 
GLN NE2 HE22 sing N N 109 
GLN OXT HXT  sing N N 110 
GLU N   CA   sing N N 111 
GLU N   H    sing N N 112 
GLU N   H2   sing N N 113 
GLU CA  C    sing N N 114 
GLU CA  CB   sing N N 115 
GLU CA  HA   sing N N 116 
GLU C   O    doub N N 117 
GLU C   OXT  sing N N 118 
GLU CB  CG   sing N N 119 
GLU CB  HB2  sing N N 120 
GLU CB  HB3  sing N N 121 
GLU CG  CD   sing N N 122 
GLU CG  HG2  sing N N 123 
GLU CG  HG3  sing N N 124 
GLU CD  OE1  doub N N 125 
GLU CD  OE2  sing N N 126 
GLU OE2 HE2  sing N N 127 
GLU OXT HXT  sing N N 128 
GLY N   CA   sing N N 129 
GLY N   H    sing N N 130 
GLY N   H2   sing N N 131 
GLY CA  C    sing N N 132 
GLY CA  HA2  sing N N 133 
GLY CA  HA3  sing N N 134 
GLY C   O    doub N N 135 
GLY C   OXT  sing N N 136 
GLY OXT HXT  sing N N 137 
GX4 C1  C2   doub Y N 138 
GX4 C1  C    sing Y N 139 
GX4 C2  C3   sing Y N 140 
GX4 F   C    sing N N 141 
GX4 C   C5   doub Y N 142 
GX4 C6  C7   sing N N 143 
GX4 C6  N    sing N N 144 
GX4 C3  N    sing N N 145 
GX4 C3  C4   doub Y N 146 
GX4 C7  N1   sing N N 147 
GX4 C5  C4   sing Y N 148 
GX4 N   C9   sing N N 149 
GX4 O   C10  doub N N 150 
GX4 N1  C10  sing N N 151 
GX4 N1  C8   sing N N 152 
GX4 C9  C8   sing N N 153 
GX4 C10 C11  sing N N 154 
GX4 C11 C13  sing N N 155 
GX4 C11 C12  sing N N 156 
GX4 C13 C12  sing N N 157 
GX4 C4  H1   sing N N 158 
GX4 C5  H2   sing N N 159 
GX4 C6  H3   sing N N 160 
GX4 C6  H4   sing N N 161 
GX4 C7  H5   sing N N 162 
GX4 C7  H6   sing N N 163 
GX4 C8  H7   sing N N 164 
GX4 C8  H8   sing N N 165 
GX4 C13 H9   sing N N 166 
GX4 C13 H10  sing N N 167 
GX4 C11 H11  sing N N 168 
GX4 C12 H12  sing N N 169 
GX4 C12 H13  sing N N 170 
GX4 C9  H14  sing N N 171 
GX4 C9  H15  sing N N 172 
GX4 C2  H16  sing N N 173 
GX4 C1  H17  sing N N 174 
HIS N   CA   sing N N 175 
HIS N   H    sing N N 176 
HIS N   H2   sing N N 177 
HIS CA  C    sing N N 178 
HIS CA  CB   sing N N 179 
HIS CA  HA   sing N N 180 
HIS C   O    doub N N 181 
HIS C   OXT  sing N N 182 
HIS CB  CG   sing N N 183 
HIS CB  HB2  sing N N 184 
HIS CB  HB3  sing N N 185 
HIS CG  ND1  sing Y N 186 
HIS CG  CD2  doub Y N 187 
HIS ND1 CE1  doub Y N 188 
HIS ND1 HD1  sing N N 189 
HIS CD2 NE2  sing Y N 190 
HIS CD2 HD2  sing N N 191 
HIS CE1 NE2  sing Y N 192 
HIS CE1 HE1  sing N N 193 
HIS NE2 HE2  sing N N 194 
HIS OXT HXT  sing N N 195 
HOH O   H1   sing N N 196 
HOH O   H2   sing N N 197 
ILE N   CA   sing N N 198 
ILE N   H    sing N N 199 
ILE N   H2   sing N N 200 
ILE CA  C    sing N N 201 
ILE CA  CB   sing N N 202 
ILE CA  HA   sing N N 203 
ILE C   O    doub N N 204 
ILE C   OXT  sing N N 205 
ILE CB  CG1  sing N N 206 
ILE CB  CG2  sing N N 207 
ILE CB  HB   sing N N 208 
ILE CG1 CD1  sing N N 209 
ILE CG1 HG12 sing N N 210 
ILE CG1 HG13 sing N N 211 
ILE CG2 HG21 sing N N 212 
ILE CG2 HG22 sing N N 213 
ILE CG2 HG23 sing N N 214 
ILE CD1 HD11 sing N N 215 
ILE CD1 HD12 sing N N 216 
ILE CD1 HD13 sing N N 217 
ILE OXT HXT  sing N N 218 
LEU N   CA   sing N N 219 
LEU N   H    sing N N 220 
LEU N   H2   sing N N 221 
LEU CA  C    sing N N 222 
LEU CA  CB   sing N N 223 
LEU CA  HA   sing N N 224 
LEU C   O    doub N N 225 
LEU C   OXT  sing N N 226 
LEU CB  CG   sing N N 227 
LEU CB  HB2  sing N N 228 
LEU CB  HB3  sing N N 229 
LEU CG  CD1  sing N N 230 
LEU CG  CD2  sing N N 231 
LEU CG  HG   sing N N 232 
LEU CD1 HD11 sing N N 233 
LEU CD1 HD12 sing N N 234 
LEU CD1 HD13 sing N N 235 
LEU CD2 HD21 sing N N 236 
LEU CD2 HD22 sing N N 237 
LEU CD2 HD23 sing N N 238 
LEU OXT HXT  sing N N 239 
LYS N   CA   sing N N 240 
LYS N   H    sing N N 241 
LYS N   H2   sing N N 242 
LYS CA  C    sing N N 243 
LYS CA  CB   sing N N 244 
LYS CA  HA   sing N N 245 
LYS C   O    doub N N 246 
LYS C   OXT  sing N N 247 
LYS CB  CG   sing N N 248 
LYS CB  HB2  sing N N 249 
LYS CB  HB3  sing N N 250 
LYS CG  CD   sing N N 251 
LYS CG  HG2  sing N N 252 
LYS CG  HG3  sing N N 253 
LYS CD  CE   sing N N 254 
LYS CD  HD2  sing N N 255 
LYS CD  HD3  sing N N 256 
LYS CE  NZ   sing N N 257 
LYS CE  HE2  sing N N 258 
LYS CE  HE3  sing N N 259 
LYS NZ  HZ1  sing N N 260 
LYS NZ  HZ2  sing N N 261 
LYS NZ  HZ3  sing N N 262 
LYS OXT HXT  sing N N 263 
MET N   CA   sing N N 264 
MET N   H    sing N N 265 
MET N   H2   sing N N 266 
MET CA  C    sing N N 267 
MET CA  CB   sing N N 268 
MET CA  HA   sing N N 269 
MET C   O    doub N N 270 
MET C   OXT  sing N N 271 
MET CB  CG   sing N N 272 
MET CB  HB2  sing N N 273 
MET CB  HB3  sing N N 274 
MET CG  SD   sing N N 275 
MET CG  HG2  sing N N 276 
MET CG  HG3  sing N N 277 
MET SD  CE   sing N N 278 
MET CE  HE1  sing N N 279 
MET CE  HE2  sing N N 280 
MET CE  HE3  sing N N 281 
MET OXT HXT  sing N N 282 
PHE N   CA   sing N N 283 
PHE N   H    sing N N 284 
PHE N   H2   sing N N 285 
PHE CA  C    sing N N 286 
PHE CA  CB   sing N N 287 
PHE CA  HA   sing N N 288 
PHE C   O    doub N N 289 
PHE C   OXT  sing N N 290 
PHE CB  CG   sing N N 291 
PHE CB  HB2  sing N N 292 
PHE CB  HB3  sing N N 293 
PHE CG  CD1  doub Y N 294 
PHE CG  CD2  sing Y N 295 
PHE CD1 CE1  sing Y N 296 
PHE CD1 HD1  sing N N 297 
PHE CD2 CE2  doub Y N 298 
PHE CD2 HD2  sing N N 299 
PHE CE1 CZ   doub Y N 300 
PHE CE1 HE1  sing N N 301 
PHE CE2 CZ   sing Y N 302 
PHE CE2 HE2  sing N N 303 
PHE CZ  HZ   sing N N 304 
PHE OXT HXT  sing N N 305 
PRO N   CA   sing N N 306 
PRO N   CD   sing N N 307 
PRO N   H    sing N N 308 
PRO CA  C    sing N N 309 
PRO CA  CB   sing N N 310 
PRO CA  HA   sing N N 311 
PRO C   O    doub N N 312 
PRO C   OXT  sing N N 313 
PRO CB  CG   sing N N 314 
PRO CB  HB2  sing N N 315 
PRO CB  HB3  sing N N 316 
PRO CG  CD   sing N N 317 
PRO CG  HG2  sing N N 318 
PRO CG  HG3  sing N N 319 
PRO CD  HD2  sing N N 320 
PRO CD  HD3  sing N N 321 
PRO OXT HXT  sing N N 322 
SER N   CA   sing N N 323 
SER N   H    sing N N 324 
SER N   H2   sing N N 325 
SER CA  C    sing N N 326 
SER CA  CB   sing N N 327 
SER CA  HA   sing N N 328 
SER C   O    doub N N 329 
SER C   OXT  sing N N 330 
SER CB  OG   sing N N 331 
SER CB  HB2  sing N N 332 
SER CB  HB3  sing N N 333 
SER OG  HG   sing N N 334 
SER OXT HXT  sing N N 335 
SO4 S   O1   doub N N 336 
SO4 S   O2   doub N N 337 
SO4 S   O3   sing N N 338 
SO4 S   O4   sing N N 339 
THR N   CA   sing N N 340 
THR N   H    sing N N 341 
THR N   H2   sing N N 342 
THR CA  C    sing N N 343 
THR CA  CB   sing N N 344 
THR CA  HA   sing N N 345 
THR C   O    doub N N 346 
THR C   OXT  sing N N 347 
THR CB  OG1  sing N N 348 
THR CB  CG2  sing N N 349 
THR CB  HB   sing N N 350 
THR OG1 HG1  sing N N 351 
THR CG2 HG21 sing N N 352 
THR CG2 HG22 sing N N 353 
THR CG2 HG23 sing N N 354 
THR OXT HXT  sing N N 355 
TYR N   CA   sing N N 356 
TYR N   H    sing N N 357 
TYR N   H2   sing N N 358 
TYR CA  C    sing N N 359 
TYR CA  CB   sing N N 360 
TYR CA  HA   sing N N 361 
TYR C   O    doub N N 362 
TYR C   OXT  sing N N 363 
TYR CB  CG   sing N N 364 
TYR CB  HB2  sing N N 365 
TYR CB  HB3  sing N N 366 
TYR CG  CD1  doub Y N 367 
TYR CG  CD2  sing Y N 368 
TYR CD1 CE1  sing Y N 369 
TYR CD1 HD1  sing N N 370 
TYR CD2 CE2  doub Y N 371 
TYR CD2 HD2  sing N N 372 
TYR CE1 CZ   doub Y N 373 
TYR CE1 HE1  sing N N 374 
TYR CE2 CZ   sing Y N 375 
TYR CE2 HE2  sing N N 376 
TYR CZ  OH   sing N N 377 
TYR OH  HH   sing N N 378 
TYR OXT HXT  sing N N 379 
VAL N   CA   sing N N 380 
VAL N   H    sing N N 381 
VAL N   H2   sing N N 382 
VAL CA  C    sing N N 383 
VAL CA  CB   sing N N 384 
VAL CA  HA   sing N N 385 
VAL C   O    doub N N 386 
VAL C   OXT  sing N N 387 
VAL CB  CG1  sing N N 388 
VAL CB  CG2  sing N N 389 
VAL CB  HB   sing N N 390 
VAL CG1 HG11 sing N N 391 
VAL CG1 HG12 sing N N 392 
VAL CG1 HG13 sing N N 393 
VAL CG2 HG21 sing N N 394 
VAL CG2 HG22 sing N N 395 
VAL CG2 HG23 sing N N 396 
VAL OXT HXT  sing N N 397 
# 
_pdbx_deposit_group.group_id            G_1002130 
_pdbx_deposit_group.group_description   
;BROMODOMAIN OF THE HUMAN ATAD2 screened against the DSPL fragment Library by X-ray Crystallography at the XChem facility of Diamond Light Source beamline I04-1
;
_pdbx_deposit_group.group_title         'XChem fragment screen' 
_pdbx_deposit_group.group_type          'changed state' 
# 
_pdbx_entity_instance_feature.ordinal        1 
_pdbx_entity_instance_feature.comp_id        GX4 
_pdbx_entity_instance_feature.asym_id        ? 
_pdbx_entity_instance_feature.seq_num        ? 
_pdbx_entity_instance_feature.auth_comp_id   GX4 
_pdbx_entity_instance_feature.auth_asym_id   ? 
_pdbx_entity_instance_feature.auth_seq_num   ? 
_pdbx_entity_instance_feature.feature_type   'SUBJECT OF INVESTIGATION' 
_pdbx_entity_instance_feature.details        ? 
# 
_atom_sites.entry_id                    5R4Y 
_atom_sites.fract_transf_matrix[1][1]   -0.00559539 
_atom_sites.fract_transf_matrix[1][2]   0.01191424 
_atom_sites.fract_transf_matrix[1][3]   0.00567935 
_atom_sites.fract_transf_matrix[2][1]   -0.01062766 
_atom_sites.fract_transf_matrix[2][2]   0.00685202 
_atom_sites.fract_transf_matrix[2][3]   -0.00675240 
_atom_sites.fract_transf_matrix[3][1]   -0.00481298 
_atom_sites.fract_transf_matrix[3][2]   -0.00395718 
_atom_sites.fract_transf_matrix[3][3]   0.00355962 
_atom_sites.fract_transf_vector[1]      0.453532 
_atom_sites.fract_transf_vector[2]      0.601940 
_atom_sites.fract_transf_vector[3]      -0.026012 
# 
loop_
_atom_type.symbol 
C 
F 
N 
O 
S 
# 
loop_
_atom_site.group_PDB 
_atom_site.id 
_atom_site.type_symbol 
_atom_site.label_atom_id 
_atom_site.label_alt_id 
_atom_site.label_comp_id 
_atom_site.label_asym_id 
_atom_site.label_entity_id 
_atom_site.label_seq_id 
_atom_site.pdbx_PDB_ins_code 
_atom_site.Cartn_x 
_atom_site.Cartn_y 
_atom_site.Cartn_z 
_atom_site.occupancy 
_atom_site.B_iso_or_equiv 
_atom_site.pdbx_formal_charge 
_atom_site.auth_seq_id 
_atom_site.auth_comp_id 
_atom_site.auth_asym_id 
_atom_site.auth_atom_id 
_atom_site.pdbx_PDB_model_num 
ATOM   1    N N   . SER A 1 1   ? -7.469  -19.007 -17.329 1.00 37.96  ? 979  SER A N   1 
ATOM   2    C CA  . SER A 1 1   ? -8.547  -19.921 -16.974 1.00 43.32  ? 979  SER A CA  1 
ATOM   3    C C   . SER A 1 1   ? -9.493  -19.258 -15.958 1.00 53.25  ? 979  SER A C   1 
ATOM   4    O O   . SER A 1 1   ? -9.151  -18.180 -15.412 1.00 42.87  ? 979  SER A O   1 
ATOM   5    C CB  . SER A 1 1   ? -8.000  -21.216 -16.449 1.00 45.62  ? 979  SER A CB  1 
ATOM   6    O OG  . SER A 1 1   ? -7.327  -21.032 -15.210 1.00 41.85  ? 979  SER A OG  1 
ATOM   7    N N   . MET A 1 2   ? -10.646 -19.890 -15.746 1.00 54.59  ? 980  MET A N   1 
ATOM   8    C CA  . MET A 1 2   ? -11.631 -19.536 -14.698 1.00 59.77  ? 980  MET A CA  1 
ATOM   9    C C   . MET A 1 2   ? -10.940 -19.669 -13.342 1.00 46.58  ? 980  MET A C   1 
ATOM   10   O O   . MET A 1 2   ? -11.086 -18.769 -12.537 1.00 44.97  ? 980  MET A O   1 
ATOM   11   C CB  . MET A 1 2   ? -12.863 -20.454 -14.743 1.00 72.43  ? 980  MET A CB  1 
ATOM   12   C CG  . MET A 1 2   ? -13.710 -20.471 -13.459 1.00 83.66  ? 980  MET A CG  1 
ATOM   13   S SD  . MET A 1 2   ? -15.005 -19.177 -13.386 1.00 110.55 ? 980  MET A SD  1 
ATOM   14   C CE  . MET A 1 2   ? -14.055 -17.656 -13.464 1.00 101.01 ? 980  MET A CE  1 
ATOM   15   N N   . GLN A 1 3   ? -10.224 -20.761 -13.108 1.00 38.75  ? 981  GLN A N   1 
ATOM   16   C CA  . GLN A 1 3   ? -9.523  -21.006 -11.826 1.00 43.33  ? 981  GLN A CA  1 
ATOM   17   C C   . GLN A 1 3   ? -8.536  -19.859 -11.546 1.00 32.13  ? 981  GLN A C   1 
ATOM   18   O O   . GLN A 1 3   ? -8.425  -19.442 -10.373 1.00 31.74  ? 981  GLN A O   1 
ATOM   19   C CB  . GLN A 1 3   ? -8.820  -22.366 -11.837 1.00 50.13  ? 981  GLN A CB  1 
ATOM   20   C CG  . GLN A 1 3   ? -9.750  -23.529 -12.182 1.00 67.60  ? 981  GLN A CG  1 
ATOM   21   C CD  . GLN A 1 3   ? -9.584  -23.964 -13.624 1.00 78.73  ? 981  GLN A CD  1 
ATOM   22   O OE1 . GLN A 1 3   ? -10.331 -23.552 -14.529 1.00 79.08  ? 981  GLN A OE1 1 
ATOM   23   N NE2 . GLN A 1 3   ? -8.558  -24.776 -13.849 1.00 71.65  ? 981  GLN A NE2 1 
ATOM   24   N N   . GLU A 1 4   ? -7.818  -19.383 -12.560 1.00 29.33  ? 982  GLU A N   1 
ATOM   25   C CA  . GLU A 1 4   ? -6.819  -18.299 -12.392 1.00 27.95  ? 982  GLU A CA  1 
ATOM   26   C C   . GLU A 1 4   ? -7.576  -17.018 -12.028 1.00 27.74  ? 982  GLU A C   1 
ATOM   27   O O   . GLU A 1 4   ? -7.119  -16.300 -11.106 1.00 24.60  ? 982  GLU A O   1 
ATOM   28   C CB  . GLU A 1 4   ? -5.894  -18.201 -13.609 1.00 28.41  ? 982  GLU A CB  1 
ATOM   29   C CG  . GLU A 1 4   ? -5.016  -19.460 -13.765 1.00 29.86  ? 982  GLU A CG  1 
ATOM   30   C CD  . GLU A 1 4   ? -4.165  -19.427 -15.034 1.00 33.85  ? 982  GLU A CD  1 
ATOM   31   O OE1 . GLU A 1 4   ? -4.569  -18.682 -15.944 1.00 32.24  ? 982  GLU A OE1 1 
ATOM   32   O OE2 . GLU A 1 4   ? -3.050  -20.080 -15.088 1.00 30.50  ? 982  GLU A OE2 1 
ATOM   33   N N   . GLU A 1 5   ? -8.704  -16.734 -12.687 1.00 27.28  ? 983  GLU A N   1 
ATOM   34   C CA  . GLU A 1 5   ? -9.514  -15.530 -12.342 1.00 30.16  ? 983  GLU A CA  1 
ATOM   35   C C   . GLU A 1 5   ? -10.036 -15.632 -10.888 1.00 27.60  ? 983  GLU A C   1 
ATOM   36   O O   . GLU A 1 5   ? -10.046 -14.566 -10.217 1.00 24.46  ? 983  GLU A O   1 
ATOM   37   C CB  . GLU A 1 5   ? -10.605 -15.278 -13.398 1.00 36.44  ? 983  GLU A CB  1 
ATOM   38   C CG  . GLU A 1 5   ? -10.034 -14.893 -14.773 1.00 42.91  ? 983  GLU A CG  1 
ATOM   39   C CD  . GLU A 1 5   ? -8.882  -13.875 -14.787 1.00 53.29  ? 983  GLU A CD  1 
ATOM   40   O OE1 . GLU A 1 5   ? -9.094  -12.780 -14.233 1.00 63.52  ? 983  GLU A OE1 1 
ATOM   41   O OE2 . GLU A 1 5   ? -7.738  -14.174 -15.327 1.00 54.23  ? 983  GLU A OE2 1 
ATOM   42   N N   . ASP A 1 6   ? -10.443 -16.813 -10.409 1.00 23.93  ? 984  ASP A N   1 
ATOM   43   C CA  . ASP A 1 6   ? -10.814 -17.047 -8.986  1.00 27.11  ? 984  ASP A CA  1 
ATOM   44   C C   . ASP A 1 6   ? -9.605  -16.763 -8.051  1.00 25.63  ? 984  ASP A C   1 
ATOM   45   O O   . ASP A 1 6   ? -9.827  -16.164 -6.947  1.00 20.59  ? 984  ASP A O   1 
ATOM   46   C CB  . ASP A 1 6   ? -11.367 -18.454 -8.710  1.00 30.50  ? 984  ASP A CB  1 
ATOM   47   C CG  . ASP A 1 6   ? -12.742 -18.799 -9.303  1.00 32.93  ? 984  ASP A CG  1 
ATOM   48   O OD1 . ASP A 1 6   ? -13.493 -17.886 -9.685  1.00 37.11  ? 984  ASP A OD1 1 
ATOM   49   O OD2 . ASP A 1 6   ? -13.048 -19.987 -9.340  1.00 42.96  ? 984  ASP A OD2 1 
ATOM   50   N N   . THR A 1 7   ? -8.383  -17.163 -8.429  1.00 22.21  ? 985  THR A N   1 
ATOM   51   C CA  . THR A 1 7   ? -7.159  -16.901 -7.617  1.00 22.18  ? 985  THR A CA  1 
ATOM   52   C C   . THR A 1 7   ? -7.032  -15.373 -7.458  1.00 20.68  ? 985  THR A C   1 
ATOM   53   O O   . THR A 1 7   ? -6.858  -14.881 -6.303  1.00 19.43  ? 985  THR A O   1 
ATOM   54   C CB  . THR A 1 7   ? -5.905  -17.577 -8.200  1.00 20.92  ? 985  THR A CB  1 
ATOM   55   O OG1 . THR A 1 7   ? -6.108  -19.002 -8.225  1.00 23.61  ? 985  THR A OG1 1 
ATOM   56   C CG2 . THR A 1 7   ? -4.651  -17.248 -7.418  1.00 20.90  ? 985  THR A CG2 1 
ATOM   57   N N   . PHE A 1 8   ? -7.073  -14.619 -8.565  1.00 21.22  ? 986  PHE A N   1 
ATOM   58   C CA  . PHE A 1 8   ? -6.904  -13.141 -8.516  1.00 21.70  ? 986  PHE A CA  1 
ATOM   59   C C   . PHE A 1 8   ? -8.075  -12.486 -7.740  1.00 22.01  ? 986  PHE A C   1 
ATOM   60   O O   . PHE A 1 8   ? -7.786  -11.491 -7.070  1.00 20.59  ? 986  PHE A O   1 
ATOM   61   C CB  . PHE A 1 8   ? -6.640  -12.521 -9.893  1.00 22.64  ? 986  PHE A CB  1 
ATOM   62   C CG  . PHE A 1 8   ? -5.336  -12.926 -10.546 1.00 22.31  ? 986  PHE A CG  1 
ATOM   63   C CD1 . PHE A 1 8   ? -4.136  -12.861 -9.862  1.00 22.58  ? 986  PHE A CD1 1 
ATOM   64   C CD2 . PHE A 1 8   ? -5.306  -13.329 -11.866 1.00 24.02  ? 986  PHE A CD2 1 
ATOM   65   C CE1 . PHE A 1 8   ? -2.930  -13.213 -10.455 1.00 25.08  ? 986  PHE A CE1 1 
ATOM   66   C CE2 . PHE A 1 8   ? -4.099  -13.690 -12.468 1.00 24.64  ? 986  PHE A CE2 1 
ATOM   67   C CZ  . PHE A 1 8   ? -2.919  -13.647 -11.758 1.00 24.18  ? 986  PHE A CZ  1 
ATOM   68   N N   . ARG A 1 9   ? -9.319  -12.991 -7.788  1.00 21.11  ? 987  ARG A N   1 
ATOM   69   C CA  A ARG A 1 9   ? -10.451 -12.461 -6.980  0.47 23.26  ? 987  ARG A CA  1 
ATOM   70   C CA  B ARG A 1 9   ? -10.436 -12.448 -6.976  0.46 23.21  ? 987  ARG A CA  1 
ATOM   71   C CA  C ARG A 1 9   ? -10.446 -12.456 -6.971  0.07 20.68  ? 987  ARG A CA  1 
ATOM   72   C C   . ARG A 1 9   ? -10.131 -12.643 -5.480  1.00 21.98  ? 987  ARG A C   1 
ATOM   73   O O   . ARG A 1 9   ? -10.357 -11.688 -4.699  1.00 19.58  ? 987  ARG A O   1 
ATOM   74   C CB  A ARG A 1 9   ? -11.761 -13.153 -7.374  0.47 25.47  ? 987  ARG A CB  1 
ATOM   75   C CB  B ARG A 1 9   ? -11.755 -13.115 -7.363  0.46 25.34  ? 987  ARG A CB  1 
ATOM   76   C CB  C ARG A 1 9   ? -11.771 -13.143 -7.317  0.07 19.98  ? 987  ARG A CB  1 
ATOM   77   C CG  A ARG A 1 9   ? -13.002 -12.269 -7.339  0.47 28.30  ? 987  ARG A CG  1 
ATOM   78   C CG  B ARG A 1 9   ? -12.958 -12.573 -6.609  0.46 27.58  ? 987  ARG A CG  1 
ATOM   79   C CG  C ARG A 1 9   ? -12.999 -12.430 -6.769  0.07 19.24  ? 987  ARG A CG  1 
ATOM   80   C CD  A ARG A 1 9   ? -14.223 -12.943 -7.976  0.47 28.11  ? 987  ARG A CD  1 
ATOM   81   C CD  B ARG A 1 9   ? -14.216 -12.655 -7.450  0.46 29.67  ? 987  ARG A CD  1 
ATOM   82   C CD  C ARG A 1 9   ? -14.157 -13.373 -6.504  0.07 18.41  ? 987  ARG A CD  1 
ATOM   83   N NE  A ARG A 1 9   ? -14.055 -13.114 -9.409  0.47 33.28  ? 987  ARG A NE  1 
ATOM   84   N NE  B ARG A 1 9   ? -15.295 -11.965 -6.770  0.46 31.60  ? 987  ARG A NE  1 
ATOM   85   N NE  C ARG A 1 9   ? -15.458 -12.768 -6.771  0.07 17.66  ? 987  ARG A NE  1 
ATOM   86   C CZ  A ARG A 1 9   ? -14.002 -14.281 -10.051 0.47 27.35  ? 987  ARG A CZ  1 
ATOM   87   C CZ  B ARG A 1 9   ? -16.054 -12.489 -5.799  0.46 31.34  ? 987  ARG A CZ  1 
ATOM   88   C CZ  C ARG A 1 9   ? -16.073 -11.899 -5.973  0.07 16.60  ? 987  ARG A CZ  1 
ATOM   89   N NH1 A ARG A 1 9   ? -14.114 -15.422 -9.412  0.47 27.11  ? 987  ARG A NH1 1 
ATOM   90   N NH1 B ARG A 1 9   ? -16.998 -11.717 -5.304  0.46 31.13  ? 987  ARG A NH1 1 
ATOM   91   N NH1 C ARG A 1 9   ? -17.250 -11.408 -6.320  0.07 15.65  ? 987  ARG A NH1 1 
ATOM   92   N NH2 A ARG A 1 9   ? -13.816 -14.292 -11.346 0.47 29.36  ? 987  ARG A NH2 1 
ATOM   93   N NH2 B ARG A 1 9   ? -15.873 -13.732 -5.332  0.46 25.05  ? 987  ARG A NH2 1 
ATOM   94   N NH2 C ARG A 1 9   ? -15.504 -11.511 -4.843  0.07 15.55  ? 987  ARG A NH2 1 
ATOM   95   N N   . GLU A 1 10  ? -9.656  -13.827 -5.081  1.00 19.37  ? 988  GLU A N   1 
ATOM   96   C CA  . GLU A 1 10  ? -9.273  -14.057 -3.655  1.00 19.81  ? 988  GLU A CA  1 
ATOM   97   C C   . GLU A 1 10  ? -8.160  -13.051 -3.254  1.00 18.12  ? 988  GLU A C   1 
ATOM   98   O O   . GLU A 1 10  ? -8.209  -12.508 -2.131  1.00 18.39  ? 988  GLU A O   1 
ATOM   99   C CB  . GLU A 1 10  ? -8.940  -15.535 -3.384  1.00 20.29  ? 988  GLU A CB  1 
ATOM   100  C CG  . GLU A 1 10  ? -8.370  -15.744 -1.981  1.00 19.39  ? 988  GLU A CG  1 
ATOM   101  C CD  . GLU A 1 10  ? -8.452  -17.151 -1.421  1.00 23.26  ? 988  GLU A CD  1 
ATOM   102  O OE1 . GLU A 1 10  ? -7.968  -17.369 -0.268  1.00 19.62  ? 988  GLU A OE1 1 
ATOM   103  O OE2 . GLU A 1 10  ? -8.918  -18.065 -2.174  1.00 22.05  ? 988  GLU A OE2 1 
ATOM   104  N N   . LEU A 1 11  ? -7.142  -12.856 -4.102  1.00 18.18  ? 989  LEU A N   1 
ATOM   105  C CA  . LEU A 1 11  ? -6.077  -11.859 -3.837  1.00 18.83  ? 989  LEU A CA  1 
ATOM   106  C C   . LEU A 1 11  ? -6.709  -10.468 -3.563  1.00 19.39  ? 989  LEU A C   1 
ATOM   107  O O   . LEU A 1 11  ? -6.365  -9.858  -2.537  1.00 17.23  ? 989  LEU A O   1 
ATOM   108  C CB  . LEU A 1 11  ? -5.061  -11.826 -4.985  1.00 19.88  ? 989  LEU A CB  1 
ATOM   109  C CG  . LEU A 1 11  ? -4.014  -10.720 -4.848  1.00 20.33  ? 989  LEU A CG  1 
ATOM   110  C CD1 . LEU A 1 11  ? -3.095  -10.982 -3.663  1.00 22.24  ? 989  LEU A CD1 1 
ATOM   111  C CD2 . LEU A 1 11  ? -3.230  -10.528 -6.156  1.00 23.00  ? 989  LEU A CD2 1 
ATOM   112  N N   . ARG A 1 12  ? -7.646  -9.996  -4.394  1.00 17.90  ? 990  ARG A N   1 
ATOM   113  C CA  . ARG A 1 12  ? -8.293  -8.667  -4.220  1.00 17.42  ? 990  ARG A CA  1 
ATOM   114  C C   . ARG A 1 12  ? -9.031  -8.587  -2.881  1.00 17.04  ? 990  ARG A C   1 
ATOM   115  O O   . ARG A 1 12  ? -8.923  -7.538  -2.195  1.00 16.68  ? 990  ARG A O   1 
ATOM   116  C CB  . ARG A 1 12  ? -9.176  -8.288  -5.436  1.00 17.55  ? 990  ARG A CB  1 
ATOM   117  C CG  . ARG A 1 12  ? -8.349  -8.080  -6.704  1.00 19.08  ? 990  ARG A CG  1 
ATOM   118  C CD  . ARG A 1 12  ? -9.136  -7.473  -7.874  1.00 19.50  ? 990  ARG A CD  1 
ATOM   119  N NE  . ARG A 1 12  ? -10.246 -8.321  -8.274  1.00 19.43  ? 990  ARG A NE  1 
ATOM   120  C CZ  . ARG A 1 12  ? -10.198 -9.271  -9.228  1.00 21.30  ? 990  ARG A CZ  1 
ATOM   121  N NH1 . ARG A 1 12  ? -11.311 -9.906  -9.568  1.00 23.28  ? 990  ARG A NH1 1 
ATOM   122  N NH2 . ARG A 1 12  ? -9.075  -9.562  -9.852  1.00 21.55  ? 990  ARG A NH2 1 
ATOM   123  N N   . ILE A 1 13  ? -9.778  -9.622  -2.499  1.00 18.31  ? 991  ILE A N   1 
ATOM   124  C CA  . ILE A 1 13  ? -10.520 -9.669  -1.209  1.00 17.23  ? 991  ILE A CA  1 
ATOM   125  C C   . ILE A 1 13  ? -9.540  -9.530  -0.035  1.00 15.93  ? 991  ILE A C   1 
ATOM   126  O O   . ILE A 1 13  ? -9.785  -8.704  0.856   1.00 17.13  ? 991  ILE A O   1 
ATOM   127  C CB  . ILE A 1 13  ? -11.396 -10.932 -1.110  1.00 19.98  ? 991  ILE A CB  1 
ATOM   128  C CG1 . ILE A 1 13  ? -12.497 -10.938 -2.179  1.00 24.45  ? 991  ILE A CG1 1 
ATOM   129  C CG2 . ILE A 1 13  ? -11.996 -11.036 0.281   1.00 23.89  ? 991  ILE A CG2 1 
ATOM   130  C CD1 . ILE A 1 13  ? -13.104 -12.283 -2.377  1.00 25.39  ? 991  ILE A CD1 1 
ATOM   131  N N   . PHE A 1 14  ? -8.463  -10.286 -0.066  1.00 16.49  ? 992  PHE A N   1 
ATOM   132  C CA  . PHE A 1 14  ? -7.385  -10.249 0.949   1.00 17.32  ? 992  PHE A CA  1 
ATOM   133  C C   . PHE A 1 14  ? -6.799  -8.831  1.017   1.00 15.77  ? 992  PHE A C   1 
ATOM   134  O O   . PHE A 1 14  ? -6.668  -8.269  2.132   1.00 15.00  ? 992  PHE A O   1 
ATOM   135  C CB  . PHE A 1 14  ? -6.302  -11.295 0.646   1.00 18.53  ? 992  PHE A CB  1 
ATOM   136  C CG  . PHE A 1 14  ? -5.127  -11.240 1.597   1.00 17.98  ? 992  PHE A CG  1 
ATOM   137  C CD1 . PHE A 1 14  ? -5.251  -11.653 2.917   1.00 20.12  ? 992  PHE A CD1 1 
ATOM   138  C CD2 . PHE A 1 14  ? -3.911  -10.755 1.159   1.00 19.76  ? 992  PHE A CD2 1 
ATOM   139  C CE1 . PHE A 1 14  ? -4.176  -11.546 3.802   1.00 19.49  ? 992  PHE A CE1 1 
ATOM   140  C CE2 . PHE A 1 14  ? -2.846  -10.636 2.042   1.00 20.43  ? 992  PHE A CE2 1 
ATOM   141  C CZ  . PHE A 1 14  ? -2.970  -11.077 3.348   1.00 19.45  ? 992  PHE A CZ  1 
ATOM   142  N N   . LEU A 1 15  ? -6.475  -8.210  -0.123  1.00 17.29  ? 993  LEU A N   1 
ATOM   143  C CA  . LEU A 1 15  ? -5.850  -6.859  -0.114  1.00 16.88  ? 993  LEU A CA  1 
ATOM   144  C C   . LEU A 1 15  ? -6.820  -5.780  0.390   1.00 17.33  ? 993  LEU A C   1 
ATOM   145  O O   . LEU A 1 15  ? -6.332  -4.842  1.093   1.00 16.39  ? 993  LEU A O   1 
ATOM   146  C CB  . LEU A 1 15  ? -5.308  -6.517  -1.502  1.00 17.82  ? 993  LEU A CB  1 
ATOM   147  C CG  . LEU A 1 15  ? -4.174  -7.418  -2.000  1.00 19.77  ? 993  LEU A CG  1 
ATOM   148  C CD1 . LEU A 1 15  ? -3.687  -6.953  -3.383  1.00 20.62  ? 993  LEU A CD1 1 
ATOM   149  C CD2 . LEU A 1 15  ? -3.010  -7.457  -1.025  1.00 20.55  ? 993  LEU A CD2 1 
ATOM   150  N N   . ARG A 1 16  ? -8.103  -5.807  0.010   1.00 18.26  ? 994  ARG A N   1 
ATOM   151  C CA  . ARG A 1 16  ? -9.093  -4.824  0.517   1.00 18.38  ? 994  ARG A CA  1 
ATOM   152  C C   . ARG A 1 16  ? -9.146  -4.917  2.056   1.00 19.44  ? 994  ARG A C   1 
ATOM   153  O O   . ARG A 1 16  ? -9.335  -3.897  2.726   1.00 16.80  ? 994  ARG A O   1 
ATOM   154  C CB  . ARG A 1 16  ? -10.495 -5.029  -0.065  1.00 20.00  ? 994  ARG A CB  1 
ATOM   155  C CG  . ARG A 1 16  ? -10.635 -4.761  -1.555  1.00 22.26  ? 994  ARG A CG  1 
ATOM   156  C CD  . ARG A 1 16  ? -12.102 -4.685  -1.981  1.00 23.37  ? 994  ARG A CD  1 
ATOM   157  N NE  . ARG A 1 16  ? -12.123 -4.780  -3.420  1.00 24.25  ? 994  ARG A NE  1 
ATOM   158  C CZ  . ARG A 1 16  ? -12.194 -5.879  -4.154  1.00 24.44  ? 994  ARG A CZ  1 
ATOM   159  N NH1 . ARG A 1 16  ? -12.425 -7.065  -3.628  1.00 25.40  ? 994  ARG A NH1 1 
ATOM   160  N NH2 . ARG A 1 16  ? -12.075 -5.765  -5.473  1.00 27.44  ? 994  ARG A NH2 1 
ATOM   161  N N   . ASN A 1 17  ? -9.150  -6.127  2.598   1.00 19.32  ? 995  ASN A N   1 
ATOM   162  C CA  . ASN A 1 17  ? -9.301  -6.367  4.047   1.00 19.87  ? 995  ASN A CA  1 
ATOM   163  C C   . ASN A 1 17  ? -8.073  -5.822  4.788   1.00 18.19  ? 995  ASN A C   1 
ATOM   164  O O   . ASN A 1 17  ? -8.290  -5.042  5.763   1.00 18.54  ? 995  ASN A O   1 
ATOM   165  C CB  . ASN A 1 17  ? -9.640  -7.829  4.360   1.00 21.74  ? 995  ASN A CB  1 
ATOM   166  C CG  . ASN A 1 17  ? -9.685  -8.056  5.868   1.00 25.97  ? 995  ASN A CG  1 
ATOM   167  O OD1 . ASN A 1 17  ? -8.659  -8.358  6.457   1.00 20.75  ? 995  ASN A OD1 1 
ATOM   168  N ND2 . ASN A 1 17  ? -10.869 -7.968  6.485   1.00 30.07  ? 995  ASN A ND2 1 
ATOM   169  N N   . VAL A 1 18  ? -6.855  -6.103  4.338   1.00 18.88  ? 996  VAL A N   1 
ATOM   170  C CA  . VAL A 1 18  ? -5.616  -5.519  4.971   1.00 19.38  ? 996  VAL A CA  1 
ATOM   171  C C   . VAL A 1 18  ? -5.667  -3.983  4.879   1.00 19.40  ? 996  VAL A C   1 
ATOM   172  O O   . VAL A 1 18  ? -5.454  -3.289  5.911   1.00 15.95  ? 996  VAL A O   1 
ATOM   173  C CB  . VAL A 1 18  ? -4.329  -6.028  4.311   1.00 20.13  ? 996  VAL A CB  1 
ATOM   174  C CG1 . VAL A 1 18  ? -3.092  -5.320  4.858   1.00 19.13  ? 996  VAL A CG1 1 
ATOM   175  C CG2 . VAL A 1 18  ? -4.210  -7.531  4.433   1.00 20.65  ? 996  VAL A CG2 1 
ATOM   176  N N   . THR A 1 19  ? -5.969  -3.427  3.703   1.00 17.78  ? 997  THR A N   1 
ATOM   177  C CA  . THR A 1 19  ? -5.991  -1.941  3.481   1.00 19.18  ? 997  THR A CA  1 
ATOM   178  C C   . THR A 1 19  ? -7.046  -1.271  4.385   1.00 19.82  ? 997  THR A C   1 
ATOM   179  O O   . THR A 1 19  ? -6.749  -0.173  4.938   1.00 19.67  ? 997  THR A O   1 
ATOM   180  C CB  . THR A 1 19  ? -6.209  -1.588  1.998   1.00 18.75  ? 997  THR A CB  1 
ATOM   181  O OG1 . THR A 1 19  ? -5.327  -2.361  1.193   1.00 16.55  ? 997  THR A OG1 1 
ATOM   182  C CG2 . THR A 1 19  ? -5.959  -0.127  1.695   1.00 19.92  ? 997  THR A CG2 1 
ATOM   183  N N   . HIS A 1 20  ? -8.249  -1.848  4.539   1.00 18.19  ? 998  HIS A N   1 
ATOM   184  C CA  . HIS A 1 20  ? -9.290  -1.268  5.429   1.00 20.04  ? 998  HIS A CA  1 
ATOM   185  C C   . HIS A 1 20  ? -8.764  -1.239  6.867   1.00 19.10  ? 998  HIS A C   1 
ATOM   186  O O   . HIS A 1 20  ? -8.990  -0.231  7.564   1.00 20.49  ? 998  HIS A O   1 
ATOM   187  C CB  . HIS A 1 20  ? -10.602 -2.070  5.359   1.00 23.86  ? 998  HIS A CB  1 
ATOM   188  C CG  . HIS A 1 20  ? -11.668 -1.576  6.270   1.00 29.23  ? 998  HIS A CG  1 
ATOM   189  N ND1 . HIS A 1 20  ? -12.059 -2.284  7.420   1.00 37.76  ? 998  HIS A ND1 1 
ATOM   190  C CD2 . HIS A 1 20  ? -12.454 -0.473  6.212   1.00 30.13  ? 998  HIS A CD2 1 
ATOM   191  C CE1 . HIS A 1 20  ? -13.017 -1.610  8.040   1.00 34.05  ? 998  HIS A CE1 1 
ATOM   192  N NE2 . HIS A 1 20  ? -13.273 -0.490  7.324   1.00 35.41  ? 998  HIS A NE2 1 
ATOM   193  N N   . ARG A 1 21  ? -8.098  -2.298  7.326   1.00 17.62  ? 999  ARG A N   1 
ATOM   194  C CA  . ARG A 1 21  ? -7.577  -2.327  8.729   1.00 20.21  ? 999  ARG A CA  1 
ATOM   195  C C   . ARG A 1 21  ? -6.520  -1.222  8.961   1.00 20.67  ? 999  ARG A C   1 
ATOM   196  O O   . ARG A 1 21  ? -6.445  -0.687  10.083  1.00 21.47  ? 999  ARG A O   1 
ATOM   197  C CB  . ARG A 1 21  ? -7.066  -3.715  9.100   1.00 20.20  ? 999  ARG A CB  1 
ATOM   198  C CG  . ARG A 1 21  ? -8.221  -4.700  9.318   1.00 21.89  ? 999  ARG A CG  1 
ATOM   199  C CD  . ARG A 1 21  ? -7.895  -6.146  8.947   1.00 22.81  ? 999  ARG A CD  1 
ATOM   200  N NE  . ARG A 1 21  ? -6.954  -6.699  9.895   1.00 22.73  ? 999  ARG A NE  1 
ATOM   201  C CZ  . ARG A 1 21  ? -6.322  -7.841  9.759   1.00 20.32  ? 999  ARG A CZ  1 
ATOM   202  N NH1 . ARG A 1 21  ? -5.506  -8.232  10.716  1.00 20.40  ? 999  ARG A NH1 1 
ATOM   203  N NH2 . ARG A 1 21  ? -6.535  -8.613  8.711   1.00 23.22  ? 999  ARG A NH2 1 
ATOM   204  N N   . LEU A 1 22  ? -5.675  -0.935  7.977   1.00 20.32  ? 1000 LEU A N   1 
ATOM   205  C CA  . LEU A 1 22  ? -4.692  0.162   8.076   1.00 17.84  ? 1000 LEU A CA  1 
ATOM   206  C C   . LEU A 1 22  ? -5.466  1.485   8.071   1.00 18.94  ? 1000 LEU A C   1 
ATOM   207  O O   . LEU A 1 22  ? -5.174  2.344   8.924   1.00 19.99  ? 1000 LEU A O   1 
ATOM   208  C CB  . LEU A 1 22  ? -3.698  0.063   6.903   1.00 18.22  ? 1000 LEU A CB  1 
ATOM   209  C CG  . LEU A 1 22  ? -2.855  -1.206  6.811   1.00 19.67  ? 1000 LEU A CG  1 
ATOM   210  C CD1 . LEU A 1 22  ? -2.030  -1.214  5.546   1.00 21.70  ? 1000 LEU A CD1 1 
ATOM   211  C CD2 . LEU A 1 22  ? -1.969  -1.380  8.026   1.00 20.88  ? 1000 LEU A CD2 1 
ATOM   212  N N   . ALA A 1 23  ? -6.468  1.647   7.201   1.00 19.96  ? 1001 ALA A N   1 
ATOM   213  C CA  . ALA A 1 23  ? -7.129  2.948   6.988   1.00 20.93  ? 1001 ALA A CA  1 
ATOM   214  C C   . ALA A 1 23  ? -7.957  3.401   8.200   1.00 23.59  ? 1001 ALA A C   1 
ATOM   215  O O   . ALA A 1 23  ? -8.133  4.645   8.323   1.00 21.96  ? 1001 ALA A O   1 
ATOM   216  C CB  . ALA A 1 23  ? -8.005  2.919   5.765   1.00 23.14  ? 1001 ALA A CB  1 
ATOM   217  N N   . ILE A 1 24  ? -8.475  2.488   9.043   1.00 23.12  ? 1002 ILE A N   1 
ATOM   218  C CA  . ILE A 1 24  ? -9.256  2.884   10.242  1.00 23.43  ? 1002 ILE A CA  1 
ATOM   219  C C   . ILE A 1 24  ? -8.356  3.149   11.460  1.00 25.49  ? 1002 ILE A C   1 
ATOM   220  O O   . ILE A 1 24  ? -8.913  3.490   12.500  1.00 25.56  ? 1002 ILE A O   1 
ATOM   221  C CB  . ILE A 1 24  ? -10.338 1.849   10.588  1.00 25.02  ? 1002 ILE A CB  1 
ATOM   222  C CG1 . ILE A 1 24  ? -9.758  0.501   11.012  1.00 26.71  ? 1002 ILE A CG1 1 
ATOM   223  C CG2 . ILE A 1 24  ? -11.298 1.711   9.438   1.00 28.37  ? 1002 ILE A CG2 1 
ATOM   224  C CD1 . ILE A 1 24  ? -10.811 -0.554  11.383  1.00 31.48  ? 1002 ILE A CD1 1 
ATOM   225  N N   . ASP A 1 25  ? -7.063  2.867   11.426  1.00 24.05  ? 1003 ASP A N   1 
ATOM   226  C CA  . ASP A 1 25  ? -6.161  3.070   12.595  1.00 24.81  ? 1003 ASP A CA  1 
ATOM   227  C C   . ASP A 1 25  ? -5.892  4.577   12.709  1.00 28.14  ? 1003 ASP A C   1 
ATOM   228  O O   . ASP A 1 25  ? -5.456  5.180   11.706  1.00 24.39  ? 1003 ASP A O   1 
ATOM   229  C CB  . ASP A 1 25  ? -4.886  2.264   12.427  1.00 24.84  ? 1003 ASP A CB  1 
ATOM   230  C CG  . ASP A 1 25  ? -3.955  2.246   13.624  1.00 25.02  ? 1003 ASP A CG  1 
ATOM   231  O OD1 . ASP A 1 25  ? -3.627  3.336   14.148  1.00 27.41  ? 1003 ASP A OD1 1 
ATOM   232  O OD2 . ASP A 1 25  ? -3.494  1.148   13.961  1.00 26.97  ? 1003 ASP A OD2 1 
ATOM   233  N N   . LYS A 1 26  ? -6.188  5.206   13.856  1.00 26.45  ? 1004 LYS A N   1 
ATOM   234  C CA  . LYS A 1 26  ? -6.098  6.690   14.019  1.00 27.53  ? 1004 LYS A CA  1 
ATOM   235  C C   . LYS A 1 26  ? -4.675  7.170   13.705  1.00 23.69  ? 1004 LYS A C   1 
ATOM   236  O O   . LYS A 1 26  ? -4.542  8.291   13.231  1.00 26.34  ? 1004 LYS A O   1 
ATOM   237  C CB  . LYS A 1 26  ? -6.506  7.121   15.451  1.00 29.42  ? 1004 LYS A CB  1 
ATOM   238  N N   . ARG A 1 27  ? -3.646  6.379   13.967  1.00 21.69  ? 1005 ARG A N   1 
ATOM   239  C CA  . ARG A 1 27  ? -2.227  6.759   13.690  1.00 21.33  ? 1005 ARG A CA  1 
ATOM   240  C C   . ARG A 1 27  ? -1.998  7.070   12.208  1.00 23.68  ? 1005 ARG A C   1 
ATOM   241  O O   . ARG A 1 27  ? -1.094  7.893   11.909  1.00 21.30  ? 1005 ARG A O   1 
ATOM   242  C CB  . ARG A 1 27  ? -1.234  5.664   14.060  1.00 21.59  ? 1005 ARG A CB  1 
ATOM   243  C CG  . ARG A 1 27  ? -1.101  5.391   15.562  1.00 22.77  ? 1005 ARG A CG  1 
ATOM   244  C CD  . ARG A 1 27  ? -0.237  4.209   15.920  1.00 24.29  ? 1005 ARG A CD  1 
ATOM   245  N NE  . ARG A 1 27  ? -0.817  2.950   15.429  1.00 26.40  ? 1005 ARG A NE  1 
ATOM   246  C CZ  . ARG A 1 27  ? -0.161  1.806   15.307  1.00 24.99  ? 1005 ARG A CZ  1 
ATOM   247  N NH1 . ARG A 1 27  ? 1.097   1.701   15.697  1.00 29.48  ? 1005 ARG A NH1 1 
ATOM   248  N NH2 . ARG A 1 27  ? -0.782  0.730   14.873  1.00 25.20  ? 1005 ARG A NH2 1 
ATOM   249  N N   . PHE A 1 28  ? -2.773  6.466   11.313  1.00 22.57  ? 1006 PHE A N   1 
ATOM   250  C CA  . PHE A 1 28  ? -2.467  6.457   9.857   1.00 23.41  ? 1006 PHE A CA  1 
ATOM   251  C C   . PHE A 1 28  ? -3.397  7.395   9.090   1.00 25.23  ? 1006 PHE A C   1 
ATOM   252  O O   . PHE A 1 28  ? -3.351  7.420   7.796   1.00 22.93  ? 1006 PHE A O   1 
ATOM   253  C CB  . PHE A 1 28  ? -2.493  5.016   9.344   1.00 21.08  ? 1006 PHE A CB  1 
ATOM   254  C CG  . PHE A 1 28  ? -1.612  4.044   10.082  1.00 22.35  ? 1006 PHE A CG  1 
ATOM   255  C CD1 . PHE A 1 28  ? -0.394  4.428   10.652  1.00 19.92  ? 1006 PHE A CD1 1 
ATOM   256  C CD2 . PHE A 1 28  ? -2.018  2.725   10.243  1.00 19.90  ? 1006 PHE A CD2 1 
ATOM   257  C CE1 . PHE A 1 28  ? 0.367   3.527   11.361  1.00 21.67  ? 1006 PHE A CE1 1 
ATOM   258  C CE2 . PHE A 1 28  ? -1.227  1.811   10.920  1.00 21.09  ? 1006 PHE A CE2 1 
ATOM   259  C CZ  . PHE A 1 28  ? -0.031  2.200   11.471  1.00 21.64  ? 1006 PHE A CZ  1 
ATOM   260  N N   . ARG A 1 29  ? -4.185  8.218   9.801   1.00 23.30  ? 1007 ARG A N   1 
ATOM   261  C CA  . ARG A 1 29  ? -5.156  9.148   9.163   1.00 23.69  ? 1007 ARG A CA  1 
ATOM   262  C C   . ARG A 1 29  ? -4.479  10.013  8.084   1.00 21.82  ? 1007 ARG A C   1 
ATOM   263  O O   . ARG A 1 29  ? -5.070  10.223  7.015   1.00 25.53  ? 1007 ARG A O   1 
ATOM   264  C CB  . ARG A 1 29  ? -5.826  10.021  10.215  1.00 27.93  ? 1007 ARG A CB  1 
ATOM   265  C CG  . ARG A 1 29  ? -6.899  10.941  9.678   1.00 37.86  ? 1007 ARG A CG  1 
ATOM   266  C CD  . ARG A 1 29  ? -7.558  11.675  10.837  1.00 50.25  ? 1007 ARG A CD  1 
ATOM   267  N NE  . ARG A 1 29  ? -8.859  12.175  10.405  1.00 65.07  ? 1007 ARG A NE  1 
ATOM   268  C CZ  . ARG A 1 29  ? -9.053  13.229  9.607   1.00 81.17  ? 1007 ARG A CZ  1 
ATOM   269  N NH1 . ARG A 1 29  ? -10.286 13.575  9.265   1.00 85.49  ? 1007 ARG A NH1 1 
ATOM   270  N NH2 . ARG A 1 29  ? -8.028  13.935  9.150   1.00 88.06  ? 1007 ARG A NH2 1 
ATOM   271  N N   . VAL A 1 30  ? -3.276  10.477  8.342   1.00 22.44  ? 1008 VAL A N   1 
ATOM   272  C CA  . VAL A 1 30  ? -2.534  11.384  7.435   1.00 24.44  ? 1008 VAL A CA  1 
ATOM   273  C C   . VAL A 1 30  ? -2.218  10.656  6.111   1.00 25.63  ? 1008 VAL A C   1 
ATOM   274  O O   . VAL A 1 30  ? -1.831  11.353  5.151   1.00 24.43  ? 1008 VAL A O   1 
ATOM   275  C CB  . VAL A 1 30  ? -1.272  11.928  8.136   1.00 28.45  ? 1008 VAL A CB  1 
ATOM   276  C CG1 . VAL A 1 30  ? -0.218  10.864  8.453   1.00 26.36  ? 1008 VAL A CG1 1 
ATOM   277  C CG2 . VAL A 1 30  ? -0.636  13.060  7.350   1.00 32.49  ? 1008 VAL A CG2 1 
ATOM   278  N N   . PHE A 1 31  ? -2.277  9.322   6.073   1.00 21.62  ? 1009 PHE A N   1 
ATOM   279  C CA  . PHE A 1 31  ? -1.952  8.519   4.861   1.00 20.90  ? 1009 PHE A CA  1 
ATOM   280  C C   . PHE A 1 31  ? -3.230  8.077   4.126   1.00 22.17  ? 1009 PHE A C   1 
ATOM   281  O O   . PHE A 1 31  ? -3.079  7.321   3.095   1.00 23.28  ? 1009 PHE A O   1 
ATOM   282  C CB  . PHE A 1 31  ? -1.069  7.309   5.226   1.00 21.20  ? 1009 PHE A CB  1 
ATOM   283  C CG  . PHE A 1 31  ? 0.194   7.617   5.996   1.00 20.63  ? 1009 PHE A CG  1 
ATOM   284  C CD1 . PHE A 1 31  ? 1.163   8.456   5.463   1.00 20.02  ? 1009 PHE A CD1 1 
ATOM   285  C CD2 . PHE A 1 31  ? 0.395   7.135   7.284   1.00 23.18  ? 1009 PHE A CD2 1 
ATOM   286  C CE1 . PHE A 1 31  ? 2.287   8.818   6.200   1.00 23.03  ? 1009 PHE A CE1 1 
ATOM   287  C CE2 . PHE A 1 31  ? 1.524   7.496   8.031   1.00 21.81  ? 1009 PHE A CE2 1 
ATOM   288  C CZ  . PHE A 1 31  ? 2.474   8.335   7.482   1.00 21.34  ? 1009 PHE A CZ  1 
ATOM   289  N N   . THR A 1 32  ? -4.425  8.521   4.526   1.00 23.14  ? 1010 THR A N   1 
ATOM   290  C CA  . THR A 1 32  ? -5.704  7.971   3.998   1.00 25.66  ? 1010 THR A CA  1 
ATOM   291  C C   . THR A 1 32  ? -6.190  8.727   2.740   1.00 28.87  ? 1010 THR A C   1 
ATOM   292  O O   . THR A 1 32  ? -7.012  8.152   2.018   1.00 29.10  ? 1010 THR A O   1 
ATOM   293  C CB  . THR A 1 32  ? -6.839  7.956   5.016   1.00 27.54  ? 1010 THR A CB  1 
ATOM   294  O OG1 . THR A 1 32  ? -7.152  9.287   5.452   1.00 26.29  ? 1010 THR A OG1 1 
ATOM   295  C CG2 . THR A 1 32  ? -6.520  7.061   6.181   1.00 28.16  ? 1010 THR A CG2 1 
ATOM   296  N N   . LYS A 1 33  ? -5.653  9.913   2.437   1.00 26.67  ? 1011 LYS A N   1 
ATOM   297  C CA  . LYS A 1 33  ? -6.098  10.738  1.287   1.00 28.87  ? 1011 LYS A CA  1 
ATOM   298  C C   . LYS A 1 33  ? -4.881  11.394  0.656   1.00 27.16  ? 1011 LYS A C   1 
ATOM   299  O O   . LYS A 1 33  ? -3.889  11.635  1.343   1.00 25.73  ? 1011 LYS A O   1 
ATOM   300  C CB  . LYS A 1 33  ? -7.098  11.806  1.756   1.00 34.17  ? 1011 LYS A CB  1 
ATOM   301  C CG  . LYS A 1 33  ? -8.456  11.256  2.196   1.00 44.10  ? 1011 LYS A CG  1 
ATOM   302  C CD  . LYS A 1 33  ? -9.548  12.313  2.377   1.00 59.24  ? 1011 LYS A CD  1 
ATOM   303  C CE  . LYS A 1 33  ? -9.203  13.386  3.395   1.00 69.07  ? 1011 LYS A CE  1 
ATOM   304  N NZ  . LYS A 1 33  ? -10.355 14.287  3.658   1.00 80.49  ? 1011 LYS A NZ  1 
ATOM   305  N N   . PRO A 1 34  ? -4.934  11.731  -0.651  1.00 27.59  ? 1012 PRO A N   1 
ATOM   306  C CA  . PRO A 1 34  ? -3.843  12.467  -1.285  1.00 28.96  ? 1012 PRO A CA  1 
ATOM   307  C C   . PRO A 1 34  ? -3.626  13.819  -0.584  1.00 29.92  ? 1012 PRO A C   1 
ATOM   308  O O   . PRO A 1 34  ? -4.542  14.341  -0.026  1.00 30.70  ? 1012 PRO A O   1 
ATOM   309  C CB  . PRO A 1 34  ? -4.283  12.701  -2.738  1.00 30.04  ? 1012 PRO A CB  1 
ATOM   310  C CG  . PRO A 1 34  ? -5.578  11.938  -2.915  1.00 30.91  ? 1012 PRO A CG  1 
ATOM   311  C CD  . PRO A 1 34  ? -6.092  11.555  -1.544  1.00 30.86  ? 1012 PRO A CD  1 
ATOM   312  N N   . VAL A 1 35  ? -2.417  14.355  -0.643  1.00 34.21  ? 1013 VAL A N   1 
ATOM   313  C CA  . VAL A 1 35  ? -2.082  15.725  -0.140  1.00 39.08  ? 1013 VAL A CA  1 
ATOM   314  C C   . VAL A 1 35  ? -2.798  16.783  -1.001  1.00 47.13  ? 1013 VAL A C   1 
ATOM   315  O O   . VAL A 1 35  ? -2.648  16.779  -2.258  1.00 47.46  ? 1013 VAL A O   1 
ATOM   316  C CB  . VAL A 1 35  ? -0.555  15.942  -0.131  1.00 38.63  ? 1013 VAL A CB  1 
ATOM   317  C CG1 . VAL A 1 35  ? -0.164  17.359  0.283   1.00 41.09  ? 1013 VAL A CG1 1 
ATOM   318  C CG2 . VAL A 1 35  ? 0.143   14.931  0.753   1.00 36.81  ? 1013 VAL A CG2 1 
ATOM   319  N N   . ASP A 1 36  ? -3.504  17.702  -0.346  1.00 49.79  ? 1014 ASP A N   1 
ATOM   320  C CA  . ASP A 1 36  ? -4.241  18.815  -0.999  1.00 55.31  ? 1014 ASP A CA  1 
ATOM   321  C C   . ASP A 1 36  ? -3.222  19.808  -1.564  1.00 55.27  ? 1014 ASP A C   1 
ATOM   322  O O   . ASP A 1 36  ? -2.444  20.400  -0.811  1.00 56.14  ? 1014 ASP A O   1 
ATOM   323  C CB  . ASP A 1 36  ? -5.210  19.464  -0.007  1.00 61.61  ? 1014 ASP A CB  1 
ATOM   324  C CG  . ASP A 1 36  ? -6.164  20.472  -0.634  1.00 73.68  ? 1014 ASP A CG  1 
ATOM   325  O OD1 . ASP A 1 36  ? -6.041  20.737  -1.861  1.00 66.00  ? 1014 ASP A OD1 1 
ATOM   326  O OD2 . ASP A 1 36  ? -7.023  20.992  0.112   1.00 82.15  ? 1014 ASP A OD2 1 
ATOM   327  N N   . PRO A 1 37  ? -3.180  20.032  -2.898  1.00 60.40  ? 1015 PRO A N   1 
ATOM   328  C CA  . PRO A 1 37  ? -2.191  20.938  -3.491  1.00 65.73  ? 1015 PRO A CA  1 
ATOM   329  C C   . PRO A 1 37  ? -2.342  22.395  -3.015  1.00 68.98  ? 1015 PRO A C   1 
ATOM   330  O O   . PRO A 1 37  ? -1.349  23.122  -2.970  1.00 65.15  ? 1015 PRO A O   1 
ATOM   331  C CB  . PRO A 1 37  ? -2.446  20.866  -5.006  1.00 65.30  ? 1015 PRO A CB  1 
ATOM   332  C CG  . PRO A 1 37  ? -3.347  19.657  -5.205  1.00 66.75  ? 1015 PRO A CG  1 
ATOM   333  C CD  . PRO A 1 37  ? -4.092  19.459  -3.901  1.00 60.75  ? 1015 PRO A CD  1 
ATOM   334  N N   . ASP A 1 38  ? -3.573  22.788  -2.670  1.00 71.70  ? 1016 ASP A N   1 
ATOM   335  C CA  . ASP A 1 38  ? -3.905  24.116  -2.094  1.00 77.92  ? 1016 ASP A CA  1 
ATOM   336  C C   . ASP A 1 38  ? -3.117  24.291  -0.791  1.00 77.62  ? 1016 ASP A C   1 
ATOM   337  O O   . ASP A 1 38  ? -2.349  25.263  -0.690  1.00 79.94  ? 1016 ASP A O   1 
ATOM   338  C CB  . ASP A 1 38  ? -5.416  24.270  -1.900  1.00 80.82  ? 1016 ASP A CB  1 
ATOM   339  C CG  . ASP A 1 38  ? -6.196  24.438  -3.198  1.00 81.17  ? 1016 ASP A CG  1 
ATOM   340  O OD1 . ASP A 1 38  ? -5.574  24.400  -4.307  1.00 65.53  ? 1016 ASP A OD1 1 
ATOM   341  O OD2 . ASP A 1 38  ? -7.424  24.611  -3.094  1.00 90.38  ? 1016 ASP A OD2 1 
ATOM   342  N N   . GLU A 1 39  ? -3.254  23.351  0.140   1.00 71.94  ? 1017 GLU A N   1 
ATOM   343  C CA  . GLU A 1 39  ? -2.518  23.370  1.430   1.00 68.69  ? 1017 GLU A CA  1 
ATOM   344  C C   . GLU A 1 39  ? -0.996  23.238  1.241   1.00 63.06  ? 1017 GLU A C   1 
ATOM   345  O O   . GLU A 1 39  ? -0.255  23.810  2.076   1.00 58.91  ? 1017 GLU A O   1 
ATOM   346  C CB  . GLU A 1 39  ? -3.023  22.240  2.322   1.00 78.75  ? 1017 GLU A CB  1 
ATOM   347  C CG  . GLU A 1 39  ? -4.264  22.593  3.109   1.00 85.37  ? 1017 GLU A CG  1 
ATOM   348  C CD  . GLU A 1 39  ? -4.394  21.782  4.385   1.00 95.52  ? 1017 GLU A CD  1 
ATOM   349  O OE1 . GLU A 1 39  ? -5.530  21.356  4.683   1.00 105.32 ? 1017 GLU A OE1 1 
ATOM   350  O OE2 . GLU A 1 39  ? -3.352  21.560  5.069   1.00 80.80  ? 1017 GLU A OE2 1 
ATOM   351  N N   . VAL A 1 40  ? -0.514  22.458  0.263   1.00 55.88  ? 1018 VAL A N   1 
ATOM   352  C CA  . VAL A 1 40  ? 0.941   22.110  0.165   1.00 51.69  ? 1018 VAL A CA  1 
ATOM   353  C C   . VAL A 1 40  ? 1.367   22.145  -1.300  1.00 53.51  ? 1018 VAL A C   1 
ATOM   354  O O   . VAL A 1 40  ? 1.570   21.097  -1.902  1.00 46.27  ? 1018 VAL A O   1 
ATOM   355  C CB  . VAL A 1 40  ? 1.238   20.734  0.800   1.00 52.83  ? 1018 VAL A CB  1 
ATOM   356  C CG1 . VAL A 1 40  ? 2.721   20.550  1.120   1.00 51.17  ? 1018 VAL A CG1 1 
ATOM   357  C CG2 . VAL A 1 40  ? 0.395   20.476  2.041   1.00 53.01  ? 1018 VAL A CG2 1 
ATOM   358  N N   . PRO A 1 41  ? 1.528   23.345  -1.915  1.00 57.99  ? 1019 PRO A N   1 
ATOM   359  C CA  . PRO A 1 41  ? 1.736   23.456  -3.367  1.00 52.34  ? 1019 PRO A CA  1 
ATOM   360  C C   . PRO A 1 41  ? 3.127   22.941  -3.780  1.00 46.72  ? 1019 PRO A C   1 
ATOM   361  O O   . PRO A 1 41  ? 3.360   22.487  -4.897  1.00 47.10  ? 1019 PRO A O   1 
ATOM   362  C CB  . PRO A 1 41  ? 1.550   24.961  -3.624  1.00 61.11  ? 1019 PRO A CB  1 
ATOM   363  C CG  . PRO A 1 41  ? 2.001   25.612  -2.321  1.00 62.68  ? 1019 PRO A CG  1 
ATOM   364  C CD  . PRO A 1 41  ? 1.541   24.654  -1.238  1.00 63.72  ? 1019 PRO A CD  1 
ATOM   365  N N   . ASP A 1 42  ? 4.036   22.944  -2.824  1.00 40.89  ? 1020 ASP A N   1 
ATOM   366  C CA  . ASP A 1 42  ? 5.402   22.406  -2.987  1.00 40.73  ? 1020 ASP A CA  1 
ATOM   367  C C   . ASP A 1 42  ? 5.381   20.847  -3.013  1.00 36.18  ? 1020 ASP A C   1 
ATOM   368  O O   . ASP A 1 42  ? 6.404   20.260  -3.400  1.00 33.23  ? 1020 ASP A O   1 
ATOM   369  C CB  . ASP A 1 42  ? 6.203   23.095  -1.884  1.00 49.78  ? 1020 ASP A CB  1 
ATOM   370  C CG  . ASP A 1 42  ? 7.404   22.340  -1.398  1.00 51.80  ? 1020 ASP A CG  1 
ATOM   371  O OD1 . ASP A 1 42  ? 8.451   22.445  -2.056  1.00 77.17  ? 1020 ASP A OD1 1 
ATOM   372  O OD2 . ASP A 1 42  ? 7.260   21.645  -0.388  1.00 54.22  ? 1020 ASP A OD2 1 
ATOM   373  N N   . TYR A 1 43  ? 4.301   20.161  -2.613  1.00 35.38  ? 1021 TYR A N   1 
ATOM   374  C CA  . TYR A 1 43  ? 4.378   18.677  -2.380  1.00 36.85  ? 1021 TYR A CA  1 
ATOM   375  C C   . TYR A 1 43  ? 4.673   17.977  -3.725  1.00 32.81  ? 1021 TYR A C   1 
ATOM   376  O O   . TYR A 1 43  ? 5.671   17.229  -3.790  1.00 34.65  ? 1021 TYR A O   1 
ATOM   377  C CB  . TYR A 1 43  ? 3.125   18.080  -1.716  1.00 35.53  ? 1021 TYR A CB  1 
ATOM   378  C CG  . TYR A 1 43  ? 3.304   16.629  -1.310  1.00 31.78  ? 1021 TYR A CG  1 
ATOM   379  C CD1 . TYR A 1 43  ? 4.038   16.295  -0.178  1.00 31.61  ? 1021 TYR A CD1 1 
ATOM   380  C CD2 . TYR A 1 43  ? 2.787   15.579  -2.073  1.00 32.82  ? 1021 TYR A CD2 1 
ATOM   381  C CE1 . TYR A 1 43  ? 4.251   14.965  0.190   1.00 31.71  ? 1021 TYR A CE1 1 
ATOM   382  C CE2 . TYR A 1 43  ? 2.972   14.243  -1.710  1.00 30.12  ? 1021 TYR A CE2 1 
ATOM   383  C CZ  . TYR A 1 43  ? 3.737   13.933  -0.591  1.00 29.29  ? 1021 TYR A CZ  1 
ATOM   384  O OH  . TYR A 1 43  ? 3.989   12.642  -0.226  1.00 28.09  ? 1021 TYR A OH  1 
ATOM   385  N N   . ARG A 1 44  ? 3.897   18.304  -4.766  1.00 38.37  ? 1022 ARG A N   1 
ATOM   386  C CA  . ARG A 1 44  ? 3.941   17.599  -6.082  1.00 44.71  ? 1022 ARG A CA  1 
ATOM   387  C C   . ARG A 1 44  ? 5.228   17.924  -6.849  1.00 44.37  ? 1022 ARG A C   1 
ATOM   388  O O   . ARG A 1 44  ? 5.528   17.188  -7.790  1.00 47.03  ? 1022 ARG A O   1 
ATOM   389  C CB  . ARG A 1 44  ? 2.695   17.881  -6.921  1.00 49.27  ? 1022 ARG A CB  1 
ATOM   390  C CG  . ARG A 1 44  ? 1.787   16.670  -7.044  1.00 57.10  ? 1022 ARG A CG  1 
ATOM   391  C CD  . ARG A 1 44  ? 0.307   16.965  -7.162  1.00 64.00  ? 1022 ARG A CD  1 
ATOM   392  N NE  . ARG A 1 44  ? -0.396  15.923  -6.421  1.00 72.66  ? 1022 ARG A NE  1 
ATOM   393  C CZ  . ARG A 1 44  ? -0.724  15.967  -5.123  1.00 76.23  ? 1022 ARG A CZ  1 
ATOM   394  N NH1 . ARG A 1 44  ? -0.478  17.047  -4.383  1.00 68.54  ? 1022 ARG A NH1 1 
ATOM   395  N NH2 . ARG A 1 44  ? -1.337  14.922  -4.584  1.00 74.61  ? 1022 ARG A NH2 1 
ATOM   396  N N   . THR A 1 45  ? 6.010   18.921  -6.439  1.00 43.76  ? 1023 THR A N   1 
ATOM   397  C CA  . THR A 1 45  ? 7.290   19.222  -7.120  1.00 44.13  ? 1023 THR A CA  1 
ATOM   398  C C   . THR A 1 45  ? 8.393   18.412  -6.439  1.00 42.45  ? 1023 THR A C   1 
ATOM   399  O O   . THR A 1 45  ? 9.357   18.057  -7.131  1.00 42.35  ? 1023 THR A O   1 
ATOM   400  C CB  . THR A 1 45  ? 7.516   20.736  -7.230  1.00 46.30  ? 1023 THR A CB  1 
ATOM   401  O OG1 . THR A 1 45  ? 8.015   21.294  -6.010  1.00 51.56  ? 1023 THR A OG1 1 
ATOM   402  C CG2 . THR A 1 45  ? 6.243   21.451  -7.620  1.00 46.14  ? 1023 THR A CG2 1 
ATOM   403  N N   . VAL A 1 46  ? 8.268   18.106  -5.145  1.00 34.54  ? 1024 VAL A N   1 
ATOM   404  C CA  . VAL A 1 46  ? 9.304   17.306  -4.414  1.00 34.42  ? 1024 VAL A CA  1 
ATOM   405  C C   . VAL A 1 46  ? 9.037   15.805  -4.654  1.00 31.08  ? 1024 VAL A C   1 
ATOM   406  O O   . VAL A 1 46  ? 9.988   15.039  -4.911  1.00 31.20  ? 1024 VAL A O   1 
ATOM   407  C CB  . VAL A 1 46  ? 9.325   17.647  -2.910  1.00 36.13  ? 1024 VAL A CB  1 
ATOM   408  C CG1 . VAL A 1 46  ? 10.387  16.857  -2.155  1.00 37.76  ? 1024 VAL A CG1 1 
ATOM   409  C CG2 . VAL A 1 46  ? 9.511   19.140  -2.694  1.00 44.39  ? 1024 VAL A CG2 1 
ATOM   410  N N   . ILE A 1 47  ? 7.794   15.387  -4.445  1.00 28.27  ? 1025 ILE A N   1 
ATOM   411  C CA  . ILE A 1 47  ? 7.405   13.951  -4.497  1.00 26.48  ? 1025 ILE A CA  1 
ATOM   412  C C   . ILE A 1 47  ? 6.885   13.652  -5.919  1.00 24.51  ? 1025 ILE A C   1 
ATOM   413  O O   . ILE A 1 47  ? 5.800   14.081  -6.281  1.00 26.00  ? 1025 ILE A O   1 
ATOM   414  C CB  . ILE A 1 47  ? 6.385   13.634  -3.386  1.00 25.57  ? 1025 ILE A CB  1 
ATOM   415  C CG1 . ILE A 1 47  ? 6.968   13.940  -2.001  1.00 23.55  ? 1025 ILE A CG1 1 
ATOM   416  C CG2 . ILE A 1 47  ? 5.947   12.185  -3.469  1.00 26.17  ? 1025 ILE A CG2 1 
ATOM   417  C CD1 . ILE A 1 47  ? 8.170   13.110  -1.668  1.00 24.31  ? 1025 ILE A CD1 1 
ATOM   418  N N   . LYS A 1 48  ? 7.655   12.894  -6.671  1.00 27.25  ? 1026 LYS A N   1 
ATOM   419  C CA  . LYS A 1 48  ? 7.374   12.547  -8.094  1.00 27.32  ? 1026 LYS A CA  1 
ATOM   420  C C   . LYS A 1 48  ? 6.248   11.506  -8.230  1.00 27.32  ? 1026 LYS A C   1 
ATOM   421  O O   . LYS A 1 48  ? 5.516   11.578  -9.277  1.00 25.30  ? 1026 LYS A O   1 
ATOM   422  C CB  . LYS A 1 48  ? 8.679   12.038  -8.705  1.00 28.91  ? 1026 LYS A CB  1 
ATOM   423  C CG  . LYS A 1 48  ? 9.806   13.064  -8.637  1.00 30.94  ? 1026 LYS A CG  1 
ATOM   424  C CD  . LYS A 1 48  ? 9.406   14.398  -9.235  1.00 36.85  ? 1026 LYS A CD  1 
ATOM   425  C CE  . LYS A 1 48  ? 10.455  15.487  -9.209  1.00 37.48  ? 1026 LYS A CE  1 
ATOM   426  N NZ  . LYS A 1 48  ? 9.803   16.777  -9.533  1.00 39.04  ? 1026 LYS A NZ  1 
ATOM   427  N N   . GLU A 1 49  ? 6.065   10.595  -7.257  1.00 25.27  ? 1027 GLU A N   1 
ATOM   428  C CA  . GLU A 1 49  ? 4.952   9.604   -7.364  1.00 23.64  ? 1027 GLU A CA  1 
ATOM   429  C C   . GLU A 1 49  ? 4.209   9.533   -6.028  1.00 26.04  ? 1027 GLU A C   1 
ATOM   430  O O   . GLU A 1 49  ? 4.480   8.631   -5.227  1.00 23.53  ? 1027 GLU A O   1 
ATOM   431  C CB  . GLU A 1 49  ? 5.452   8.245   -7.885  1.00 24.20  ? 1027 GLU A CB  1 
ATOM   432  C CG  . GLU A 1 49  ? 4.291   7.297   -8.203  1.00 23.84  ? 1027 GLU A CG  1 
ATOM   433  C CD  . GLU A 1 49  ? 4.551   5.959   -8.884  1.00 24.52  ? 1027 GLU A CD  1 
ATOM   434  O OE1 . GLU A 1 49  ? 5.735   5.561   -8.933  1.00 24.64  ? 1027 GLU A OE1 1 
ATOM   435  O OE2 . GLU A 1 49  ? 3.504   5.278   -9.303  1.00 24.62  ? 1027 GLU A OE2 1 
ATOM   436  N N   . PRO A 1 50  ? 3.238   10.444  -5.796  1.00 22.38  ? 1028 PRO A N   1 
ATOM   437  C CA  . PRO A 1 50  ? 2.405   10.433  -4.597  1.00 22.46  ? 1028 PRO A CA  1 
ATOM   438  C C   . PRO A 1 50  ? 1.601   9.144   -4.465  1.00 24.29  ? 1028 PRO A C   1 
ATOM   439  O O   . PRO A 1 50  ? 1.199   8.582   -5.496  1.00 22.40  ? 1028 PRO A O   1 
ATOM   440  C CB  . PRO A 1 50  ? 1.412   11.584  -4.799  1.00 25.67  ? 1028 PRO A CB  1 
ATOM   441  C CG  . PRO A 1 50  ? 2.084   12.482  -5.787  1.00 26.43  ? 1028 PRO A CG  1 
ATOM   442  C CD  . PRO A 1 50  ? 2.881   11.557  -6.682  1.00 25.28  ? 1028 PRO A CD  1 
ATOM   443  N N   . MET A 1 51  ? 1.370   8.697   -3.232  1.00 21.26  ? 1029 MET A N   1 
ATOM   444  C CA  . MET A 1 51  ? 0.583   7.448   -3.018  1.00 20.69  ? 1029 MET A CA  1 
ATOM   445  C C   . MET A 1 51  ? -0.089  7.555   -1.654  1.00 20.29  ? 1029 MET A C   1 
ATOM   446  O O   . MET A 1 51  ? 0.519   8.167   -0.754  1.00 20.37  ? 1029 MET A O   1 
ATOM   447  C CB  . MET A 1 51  ? 1.467   6.202   -3.138  1.00 20.08  ? 1029 MET A CB  1 
ATOM   448  C CG  . MET A 1 51  ? 0.725   4.804   -3.193  1.00 19.59  ? 1029 MET A CG  1 
ATOM   449  S SD  . MET A 1 51  ? -0.615  4.677   -4.397  1.00 22.78  ? 1029 MET A SD  1 
ATOM   450  C CE  . MET A 1 51  ? 0.332   4.989   -5.901  1.00 23.65  ? 1029 MET A CE  1 
ATOM   451  N N   . ASP A 1 52  ? -1.281  6.995   -1.522  1.00 20.31  ? 1030 ASP A N   1 
ATOM   452  C CA  . ASP A 1 52  ? -2.075  7.053   -0.269  1.00 22.01  ? 1030 ASP A CA  1 
ATOM   453  C C   . ASP A 1 52  ? -3.016  5.845   -0.276  1.00 22.67  ? 1030 ASP A C   1 
ATOM   454  O O   . ASP A 1 52  ? -3.151  5.160   -1.356  1.00 21.17  ? 1030 ASP A O   1 
ATOM   455  C CB  . ASP A 1 52  ? -2.842  8.393   -0.175  1.00 22.64  ? 1030 ASP A CB  1 
ATOM   456  C CG  . ASP A 1 52  ? -3.940  8.455   -1.230  1.00 27.14  ? 1030 ASP A CG  1 
ATOM   457  O OD1 . ASP A 1 52  ? -3.620  8.747   -2.410  1.00 28.93  ? 1030 ASP A OD1 1 
ATOM   458  O OD2 . ASP A 1 52  ? -5.045  8.049   -0.922  1.00 27.65  ? 1030 ASP A OD2 1 
ATOM   459  N N   . LEU A 1 53  ? -3.675  5.588   0.854   1.00 20.12  ? 1031 LEU A N   1 
ATOM   460  C CA  . LEU A 1 53  ? -4.501  4.367   1.024   1.00 21.79  ? 1031 LEU A CA  1 
ATOM   461  C C   . LEU A 1 53  ? -5.796  4.434   0.193   1.00 23.77  ? 1031 LEU A C   1 
ATOM   462  O O   . LEU A 1 53  ? -6.285  3.322   -0.187  1.00 23.04  ? 1031 LEU A O   1 
ATOM   463  C CB  . LEU A 1 53  ? -4.795  4.112   2.508   1.00 19.69  ? 1031 LEU A CB  1 
ATOM   464  C CG  . LEU A 1 53  ? -3.588  3.854   3.397   1.00 21.72  ? 1031 LEU A CG  1 
ATOM   465  C CD1 . LEU A 1 53  ? -4.001  3.795   4.867   1.00 22.17  ? 1031 LEU A CD1 1 
ATOM   466  C CD2 . LEU A 1 53  ? -2.879  2.562   3.010   1.00 21.29  ? 1031 LEU A CD2 1 
ATOM   467  N N   . SER A 1 54  ? -6.371  5.623   -0.080  1.00 24.29  ? 1032 SER A N   1 
ATOM   468  C CA  A SER A 1 54  ? -7.549  5.735   -0.985  0.37 23.75  ? 1032 SER A CA  1 
ATOM   469  C CA  B SER A 1 54  ? -7.547  5.746   -0.984  0.19 23.11  ? 1032 SER A CA  1 
ATOM   470  C CA  C SER A 1 54  ? -7.544  5.755   -0.988  0.44 23.52  ? 1032 SER A CA  1 
ATOM   471  C C   . SER A 1 54  ? -7.143  5.337   -2.409  1.00 21.49  ? 1032 SER A C   1 
ATOM   472  O O   . SER A 1 54  ? -7.932  4.622   -3.083  1.00 23.45  ? 1032 SER A O   1 
ATOM   473  C CB  A SER A 1 54  ? -8.167  7.132   -0.967  0.37 25.22  ? 1032 SER A CB  1 
ATOM   474  C CB  B SER A 1 54  ? -8.123  7.153   -0.942  0.19 23.53  ? 1032 SER A CB  1 
ATOM   475  C CB  C SER A 1 54  ? -8.108  7.183   -0.971  0.44 24.70  ? 1032 SER A CB  1 
ATOM   476  O OG  A SER A 1 54  ? -8.880  7.356   0.234   0.37 24.37  ? 1032 SER A OG  1 
ATOM   477  O OG  B SER A 1 54  ? -9.460  7.171   -1.411  0.19 22.36  ? 1032 SER A OG  1 
ATOM   478  O OG  C SER A 1 54  ? -7.204  8.101   -1.580  0.44 22.62  ? 1032 SER A OG  1 
ATOM   479  N N   . SER A 1 55  ? -5.988  5.794   -2.873  1.00 22.01  ? 1033 SER A N   1 
ATOM   480  C CA  . SER A 1 55  ? -5.502  5.396   -4.218  1.00 22.51  ? 1033 SER A CA  1 
ATOM   481  C C   . SER A 1 55  ? -5.263  3.887   -4.259  1.00 22.28  ? 1033 SER A C   1 
ATOM   482  O O   . SER A 1 55  ? -5.590  3.283   -5.282  1.00 20.12  ? 1033 SER A O   1 
ATOM   483  C CB  . SER A 1 55  ? -4.267  6.173   -4.625  1.00 22.83  ? 1033 SER A CB  1 
ATOM   484  O OG  . SER A 1 55  ? -4.590  7.551   -4.545  1.00 27.17  ? 1033 SER A OG  1 
ATOM   485  N N   . VAL A 1 56  ? -4.676  3.307   -3.212  1.00 20.54  ? 1034 VAL A N   1 
ATOM   486  C CA  . VAL A 1 56  ? -4.429  1.832   -3.170  1.00 21.10  ? 1034 VAL A CA  1 
ATOM   487  C C   . VAL A 1 56  ? -5.763  1.079   -3.327  1.00 18.63  ? 1034 VAL A C   1 
ATOM   488  O O   . VAL A 1 56  ? -5.811  0.090   -4.125  1.00 20.14  ? 1034 VAL A O   1 
ATOM   489  C CB  . VAL A 1 56  ? -3.637  1.446   -1.899  1.00 20.79  ? 1034 VAL A CB  1 
ATOM   490  C CG1 . VAL A 1 56  ? -3.619  -0.042  -1.626  1.00 22.11  ? 1034 VAL A CG1 1 
ATOM   491  C CG2 . VAL A 1 56  ? -2.198  1.908   -1.963  1.00 20.56  ? 1034 VAL A CG2 1 
ATOM   492  N N   . ILE A 1 57  ? -6.829  1.449   -2.619  1.00 19.56  ? 1035 ILE A N   1 
ATOM   493  C CA  A ILE A 1 57  ? -8.200  0.862   -2.775  0.56 21.33  ? 1035 ILE A CA  1 
ATOM   494  C CA  B ILE A 1 57  ? -8.165  0.791   -2.792  0.44 21.35  ? 1035 ILE A CA  1 
ATOM   495  C C   . ILE A 1 57  ? -8.628  0.922   -4.255  1.00 22.28  ? 1035 ILE A C   1 
ATOM   496  O O   . ILE A 1 57  ? -9.070  -0.087  -4.791  1.00 19.28  ? 1035 ILE A O   1 
ATOM   497  C CB  A ILE A 1 57  ? -9.212  1.595   -1.870  0.56 24.21  ? 1035 ILE A CB  1 
ATOM   498  C CB  B ILE A 1 57  ? -9.236  1.314   -1.823  0.44 23.73  ? 1035 ILE A CB  1 
ATOM   499  C CG1 A ILE A 1 57  ? -9.008  1.225   -0.402  0.56 27.76  ? 1035 ILE A CG1 1 
ATOM   500  C CG1 B ILE A 1 57  ? -8.837  1.049   -0.369  0.44 26.93  ? 1035 ILE A CG1 1 
ATOM   501  C CG2 A ILE A 1 57  ? -10.641 1.331   -2.314  0.56 26.98  ? 1035 ILE A CG2 1 
ATOM   502  C CG2 B ILE A 1 57  ? -10.596 0.701   -2.154  0.44 25.17  ? 1035 ILE A CG2 1 
ATOM   503  C CD1 A ILE A 1 57  ? -8.921  -0.265  -0.165  0.56 28.76  ? 1035 ILE A CD1 1 
ATOM   504  C CD1 B ILE A 1 57  ? -9.928  1.339   0.625   0.44 28.12  ? 1035 ILE A CD1 1 
ATOM   505  N N   . SER A 1 58  ? -8.519  2.102   -4.880  1.00 22.75  ? 1036 SER A N   1 
ATOM   506  C CA  . SER A 1 58  ? -8.911  2.301   -6.306  1.00 21.67  ? 1036 SER A CA  1 
ATOM   507  C C   . SER A 1 58  ? -8.097  1.365   -7.213  1.00 20.60  ? 1036 SER A C   1 
ATOM   508  O O   . SER A 1 58  ? -8.700  0.737   -8.146  1.00 20.54  ? 1036 SER A O   1 
ATOM   509  C CB  . SER A 1 58  ? -8.759  3.769   -6.731  1.00 22.35  ? 1036 SER A CB  1 
ATOM   510  O OG  . SER A 1 58  ? -9.673  4.586   -6.009  1.00 28.78  ? 1036 SER A OG  1 
ATOM   511  N N   . LYS A 1 59  ? -6.795  1.230   -6.962  1.00 21.27  ? 1037 LYS A N   1 
ATOM   512  C CA  . LYS A 1 59  ? -5.893  0.352   -7.766  1.00 19.11  ? 1037 LYS A CA  1 
ATOM   513  C C   . LYS A 1 59  ? -6.243  -1.144  -7.586  1.00 20.24  ? 1037 LYS A C   1 
ATOM   514  O O   . LYS A 1 59  ? -6.230  -1.864  -8.582  1.00 19.10  ? 1037 LYS A O   1 
ATOM   515  C CB  . LYS A 1 59  ? -4.422  0.663   -7.466  1.00 20.10  ? 1037 LYS A CB  1 
ATOM   516  C CG  . LYS A 1 59  ? -3.900  2.013   -7.970  1.00 19.71  ? 1037 LYS A CG  1 
ATOM   517  C CD  . LYS A 1 59  ? -2.410  2.189   -7.734  1.00 20.11  ? 1037 LYS A CD  1 
ATOM   518  C CE  . LYS A 1 59  ? -1.580  1.210   -8.537  1.00 21.31  ? 1037 LYS A CE  1 
ATOM   519  N NZ  . LYS A 1 59  ? -0.137  1.555   -8.634  1.00 21.57  ? 1037 LYS A NZ  1 
ATOM   520  N N   . ILE A 1 60  ? -6.678  -1.586  -6.403  1.00 18.83  ? 1038 ILE A N   1 
ATOM   521  C CA  . ILE A 1 60  ? -7.124  -2.995  -6.222  1.00 17.87  ? 1038 ILE A CA  1 
ATOM   522  C C   . ILE A 1 60  ? -8.294  -3.250  -7.199  1.00 18.28  ? 1038 ILE A C   1 
ATOM   523  O O   . ILE A 1 60  ? -8.266  -4.283  -7.918  1.00 17.48  ? 1038 ILE A O   1 
ATOM   524  C CB  . ILE A 1 60  ? -7.516  -3.284  -4.772  1.00 17.65  ? 1038 ILE A CB  1 
ATOM   525  C CG1 . ILE A 1 60  ? -6.327  -3.143  -3.828  1.00 17.15  ? 1038 ILE A CG1 1 
ATOM   526  C CG2 . ILE A 1 60  ? -8.160  -4.672  -4.687  1.00 18.66  ? 1038 ILE A CG2 1 
ATOM   527  C CD1 . ILE A 1 60  ? -6.701  -3.103  -2.347  1.00 19.73  ? 1038 ILE A CD1 1 
ATOM   528  N N   . ASP A 1 61  ? -9.275  -2.358  -7.179  1.00 18.30  ? 1039 ASP A N   1 
ATOM   529  C CA  . ASP A 1 61  ? -10.526 -2.462  -7.953  1.00 21.38  ? 1039 ASP A CA  1 
ATOM   530  C C   . ASP A 1 61  ? -10.246 -2.380  -9.466  1.00 22.44  ? 1039 ASP A C   1 
ATOM   531  O O   . ASP A 1 61  ? -11.036 -2.946  -10.221 1.00 25.30  ? 1039 ASP A O   1 
ATOM   532  C CB  . ASP A 1 61  ? -11.512 -1.426  -7.441  1.00 22.27  ? 1039 ASP A CB  1 
ATOM   533  C CG  . ASP A 1 61  ? -12.070 -1.772  -6.052  1.00 30.13  ? 1039 ASP A CG  1 
ATOM   534  O OD1 . ASP A 1 61  ? -11.881 -2.927  -5.621  1.00 29.00  ? 1039 ASP A OD1 1 
ATOM   535  O OD2 . ASP A 1 61  ? -12.662 -0.871  -5.403  1.00 25.29  ? 1039 ASP A OD2 1 
ATOM   536  N N   . LEU A 1 62  ? -9.176  -1.706  -9.899  1.00 20.20  ? 1040 LEU A N   1 
ATOM   537  C CA  . LEU A 1 62  ? -8.796  -1.592  -11.324 1.00 20.59  ? 1040 LEU A CA  1 
ATOM   538  C C   . LEU A 1 62  ? -7.953  -2.806  -11.738 1.00 23.83  ? 1040 LEU A C   1 
ATOM   539  O O   . LEU A 1 62  ? -7.434  -2.816  -12.856 1.00 22.25  ? 1040 LEU A O   1 
ATOM   540  C CB  . LEU A 1 62  ? -8.008  -0.289  -11.502 1.00 18.96  ? 1040 LEU A CB  1 
ATOM   541  C CG  . LEU A 1 62  ? -8.815  1.003   -11.496 1.00 20.39  ? 1040 LEU A CG  1 
ATOM   542  C CD1 . LEU A 1 62  ? -7.896  2.210   -11.449 1.00 22.85  ? 1040 LEU A CD1 1 
ATOM   543  C CD2 . LEU A 1 62  ? -9.718  1.131   -12.721 1.00 22.96  ? 1040 LEU A CD2 1 
ATOM   544  N N   . HIS A 1 63  ? -7.740  -3.788  -10.857 1.00 19.28  ? 1041 HIS A N   1 
ATOM   545  C CA  . HIS A 1 63  ? -6.922  -5.002  -11.124 1.00 19.43  ? 1041 HIS A CA  1 
ATOM   546  C C   . HIS A 1 63  ? -5.471  -4.616  -11.408 1.00 23.45  ? 1041 HIS A C   1 
ATOM   547  O O   . HIS A 1 63  ? -4.800  -5.311  -12.188 1.00 21.22  ? 1041 HIS A O   1 
ATOM   548  C CB  . HIS A 1 63  ? -7.551  -5.868  -12.253 1.00 21.38  ? 1041 HIS A CB  1 
ATOM   549  C CG  . HIS A 1 63  ? -8.970  -6.290  -12.003 1.00 23.30  ? 1041 HIS A CG  1 
ATOM   550  N ND1 . HIS A 1 63  ? -9.567  -7.293  -12.724 1.00 25.28  ? 1041 HIS A ND1 1 
ATOM   551  C CD2 . HIS A 1 63  ? -9.880  -5.904  -11.078 1.00 25.96  ? 1041 HIS A CD2 1 
ATOM   552  C CE1 . HIS A 1 63  ? -10.807 -7.475  -12.288 1.00 24.88  ? 1041 HIS A CE1 1 
ATOM   553  N NE2 . HIS A 1 63  ? -11.039 -6.639  -11.266 1.00 27.48  ? 1041 HIS A NE2 1 
ATOM   554  N N   . LYS A 1 64  ? -4.932  -3.627  -10.717 1.00 19.63  ? 1042 LYS A N   1 
ATOM   555  C CA  . LYS A 1 64  ? -3.517  -3.257  -10.915 1.00 20.46  ? 1042 LYS A CA  1 
ATOM   556  C C   . LYS A 1 64  ? -2.566  -4.202  -10.191 1.00 21.85  ? 1042 LYS A C   1 
ATOM   557  O O   . LYS A 1 64  ? -1.401  -4.201  -10.572 1.00 18.33  ? 1042 LYS A O   1 
ATOM   558  C CB  . LYS A 1 64  ? -3.253  -1.845  -10.414 1.00 20.71  ? 1042 LYS A CB  1 
ATOM   559  C CG  . LYS A 1 64  ? -4.052  -0.754  -11.124 1.00 24.53  ? 1042 LYS A CG  1 
ATOM   560  C CD  . LYS A 1 64  ? -3.485  -0.268  -12.398 1.00 26.52  ? 1042 LYS A CD  1 
ATOM   561  C CE  . LYS A 1 64  ? -4.135  1.018   -12.868 1.00 26.86  ? 1042 LYS A CE  1 
ATOM   562  N NZ  . LYS A 1 64  ? -3.446  1.550   -14.070 1.00 28.65  ? 1042 LYS A NZ  1 
ATOM   563  N N   . TYR A 1 65  ? -2.988  -4.929  -9.151  1.00 18.60  ? 1043 TYR A N   1 
ATOM   564  C CA  . TYR A 1 65  ? -2.068  -5.819  -8.392  1.00 18.05  ? 1043 TYR A CA  1 
ATOM   565  C C   . TYR A 1 65  ? -2.385  -7.290  -8.710  1.00 21.03  ? 1043 TYR A C   1 
ATOM   566  O O   . TYR A 1 65  ? -3.538  -7.736  -8.471  1.00 21.47  ? 1043 TYR A O   1 
ATOM   567  C CB  . TYR A 1 65  ? -2.206  -5.570  -6.883  1.00 19.79  ? 1043 TYR A CB  1 
ATOM   568  C CG  . TYR A 1 65  ? -2.053  -4.129  -6.417  1.00 17.44  ? 1043 TYR A CG  1 
ATOM   569  C CD1 . TYR A 1 65  ? -0.877  -3.415  -6.624  1.00 19.03  ? 1043 TYR A CD1 1 
ATOM   570  C CD2 . TYR A 1 65  ? -3.082  -3.464  -5.779  1.00 17.78  ? 1043 TYR A CD2 1 
ATOM   571  C CE1 . TYR A 1 65  ? -0.739  -2.094  -6.190  1.00 19.62  ? 1043 TYR A CE1 1 
ATOM   572  C CE2 . TYR A 1 65  ? -2.971  -2.140  -5.337  1.00 18.05  ? 1043 TYR A CE2 1 
ATOM   573  C CZ  . TYR A 1 65  ? -1.792  -1.443  -5.544  1.00 19.69  ? 1043 TYR A CZ  1 
ATOM   574  O OH  . TYR A 1 65  ? -1.685  -0.141  -5.106  1.00 19.11  ? 1043 TYR A OH  1 
ATOM   575  N N   . LEU A 1 66  ? -1.398  -8.050  -9.193  1.00 21.65  ? 1044 LEU A N   1 
ATOM   576  C CA  A LEU A 1 66  ? -1.521  -9.508  -9.469  0.55 21.91  ? 1044 LEU A CA  1 
ATOM   577  C CA  B LEU A 1 66  ? -1.576  -9.508  -9.431  0.45 21.17  ? 1044 LEU A CA  1 
ATOM   578  C C   . LEU A 1 66  ? -0.824  -10.327 -8.375  1.00 22.21  ? 1044 LEU A C   1 
ATOM   579  O O   . LEU A 1 66  ? -0.993  -11.531 -8.379  1.00 20.40  ? 1044 LEU A O   1 
ATOM   580  C CB  A LEU A 1 66  ? -0.867  -9.826  -10.818 0.55 26.45  ? 1044 LEU A CB  1 
ATOM   581  C CB  B LEU A 1 66  ? -1.086  -9.853  -10.839 0.45 23.96  ? 1044 LEU A CB  1 
ATOM   582  C CG  A LEU A 1 66  ? -1.476  -9.172  -12.056 0.55 27.82  ? 1044 LEU A CG  1 
ATOM   583  C CG  B LEU A 1 66  ? -2.064  -9.515  -11.957 0.45 23.56  ? 1044 LEU A CG  1 
ATOM   584  C CD1 A LEU A 1 66  ? -1.004  -9.908  -13.312 0.55 28.38  ? 1044 LEU A CD1 1 
ATOM   585  C CD1 B LEU A 1 66  ? -2.078  -8.008  -12.210 0.45 22.96  ? 1044 LEU A CD1 1 
ATOM   586  C CD2 A LEU A 1 66  ? -3.002  -9.126  -11.995 0.55 26.02  ? 1044 LEU A CD2 1 
ATOM   587  C CD2 B LEU A 1 66  ? -1.693  -10.271 -13.224 0.45 24.67  ? 1044 LEU A CD2 1 
ATOM   588  N N   . THR A 1 67  ? -0.045  -9.686  -7.502  1.00 20.11  ? 1045 THR A N   1 
ATOM   589  C CA  . THR A 1 67  ? 0.690   -10.344 -6.401  1.00 20.39  ? 1045 THR A CA  1 
ATOM   590  C C   . THR A 1 67  ? 0.732   -9.449  -5.145  1.00 21.62  ? 1045 THR A C   1 
ATOM   591  O O   . THR A 1 67  ? 0.496   -8.227  -5.251  1.00 19.31  ? 1045 THR A O   1 
ATOM   592  C CB  . THR A 1 67  ? 2.133   -10.668 -6.759  1.00 20.45  ? 1045 THR A CB  1 
ATOM   593  O OG1 . THR A 1 67  ? 2.950   -9.502  -6.865  1.00 20.81  ? 1045 THR A OG1 1 
ATOM   594  C CG2 . THR A 1 67  ? 2.252   -11.417 -8.063  1.00 22.68  ? 1045 THR A CG2 1 
ATOM   595  N N   . VAL A 1 68  ? 0.974   -10.042 -3.979  1.00 19.19  ? 1046 VAL A N   1 
ATOM   596  C CA  . VAL A 1 68  ? 1.164   -9.249  -2.728  1.00 19.85  ? 1046 VAL A CA  1 
ATOM   597  C C   . VAL A 1 68  ? 2.459   -8.451  -2.834  1.00 20.10  ? 1046 VAL A C   1 
ATOM   598  O O   . VAL A 1 68  ? 2.533   -7.335  -2.264  1.00 20.51  ? 1046 VAL A O   1 
ATOM   599  C CB  . VAL A 1 68  ? 1.090   -10.119 -1.462  1.00 21.93  ? 1046 VAL A CB  1 
ATOM   600  C CG1 . VAL A 1 68  ? 1.209   -9.265  -0.202  1.00 23.62  ? 1046 VAL A CG1 1 
ATOM   601  C CG2 . VAL A 1 68  ? -0.253  -10.841 -1.445  1.00 23.21  ? 1046 VAL A CG2 1 
ATOM   602  N N   . LYS A 1 69  ? 3.459   -8.961  -3.543  1.00 23.05  ? 1047 LYS A N   1 
ATOM   603  C CA  . LYS A 1 69  ? 4.713   -8.198  -3.773  1.00 25.70  ? 1047 LYS A CA  1 
ATOM   604  C C   . LYS A 1 69  ? 4.431   -6.847  -4.481  1.00 23.76  ? 1047 LYS A C   1 
ATOM   605  O O   . LYS A 1 69  ? 4.984   -5.810  -4.015  1.00 23.82  ? 1047 LYS A O   1 
ATOM   606  C CB  . LYS A 1 69  ? 5.717   -9.143  -4.448  1.00 31.44  ? 1047 LYS A CB  1 
ATOM   607  C CG  . LYS A 1 69  ? 7.048   -8.522  -4.825  1.00 43.02  ? 1047 LYS A CG  1 
ATOM   608  C CD  . LYS A 1 69  ? 7.908   -9.395  -5.772  1.00 54.87  ? 1047 LYS A CD  1 
ATOM   609  C CE  . LYS A 1 69  ? 8.957   -10.231 -5.070  1.00 66.15  ? 1047 LYS A CE  1 
ATOM   610  N NZ  . LYS A 1 69  ? 8.355   -11.257 -4.184  1.00 71.79  ? 1047 LYS A NZ  1 
ATOM   611  N N   . ASP A 1 70  ? 3.605   -6.802  -5.545  1.00 21.57  ? 1048 ASP A N   1 
ATOM   612  C CA  A ASP A 1 70  ? 3.365   -5.497  -6.202  0.48 22.77  ? 1048 ASP A CA  1 
ATOM   613  C CA  B ASP A 1 70  ? 3.142   -5.583  -6.292  0.52 24.66  ? 1048 ASP A CA  1 
ATOM   614  C C   . ASP A 1 70  ? 2.529   -4.590  -5.274  1.00 23.95  ? 1048 ASP A C   1 
ATOM   615  O O   . ASP A 1 70  ? 2.779   -3.385  -5.323  1.00 21.41  ? 1048 ASP A O   1 
ATOM   616  C CB  A ASP A 1 70  ? 2.829   -5.691  -7.612  0.48 21.84  ? 1048 ASP A CB  1 
ATOM   617  C CB  B ASP A 1 70  ? 2.030   -5.848  -7.357  0.52 25.94  ? 1048 ASP A CB  1 
ATOM   618  C CG  A ASP A 1 70  ? 3.852   -6.320  -8.536  0.48 20.07  ? 1048 ASP A CG  1 
ATOM   619  C CG  B ASP A 1 70  ? 2.332   -6.624  -8.654  0.52 28.35  ? 1048 ASP A CG  1 
ATOM   620  O OD1 A ASP A 1 70  ? 5.025   -6.447  -8.156  0.48 21.26  ? 1048 ASP A OD1 1 
ATOM   621  O OD1 B ASP A 1 70  ? 3.503   -7.081  -8.768  0.52 28.26  ? 1048 ASP A OD1 1 
ATOM   622  O OD2 A ASP A 1 70  ? 3.456   -6.669  -9.621  0.48 18.97  ? 1048 ASP A OD2 1 
ATOM   623  O OD2 B ASP A 1 70  ? 1.360   -6.748  -9.604  0.52 24.09  ? 1048 ASP A OD2 1 
ATOM   624  N N   . TYR A 1 71  ? 1.625   -5.105  -4.422  1.00 18.79  ? 1049 TYR A N   1 
ATOM   625  C CA  . TYR A 1 71  ? 0.866   -4.293  -3.433  1.00 18.80  ? 1049 TYR A CA  1 
ATOM   626  C C   . TYR A 1 71  ? 1.856   -3.639  -2.437  1.00 19.94  ? 1049 TYR A C   1 
ATOM   627  O O   . TYR A 1 71  ? 1.797   -2.363  -2.143  1.00 18.54  ? 1049 TYR A O   1 
ATOM   628  C CB  . TYR A 1 71  ? -0.169  -5.159  -2.698  1.00 17.72  ? 1049 TYR A CB  1 
ATOM   629  C CG  . TYR A 1 71  ? -0.795  -4.545  -1.471  1.00 18.21  ? 1049 TYR A CG  1 
ATOM   630  C CD1 . TYR A 1 71  ? -1.935  -3.748  -1.571  1.00 17.36  ? 1049 TYR A CD1 1 
ATOM   631  C CD2 . TYR A 1 71  ? -0.320  -4.821  -0.185  1.00 18.14  ? 1049 TYR A CD2 1 
ATOM   632  C CE1 . TYR A 1 71  ? -2.588  -3.266  -0.447  1.00 17.90  ? 1049 TYR A CE1 1 
ATOM   633  C CE2 . TYR A 1 71  ? -0.960  -4.337  0.955   1.00 17.22  ? 1049 TYR A CE2 1 
ATOM   634  C CZ  . TYR A 1 71  ? -2.074  -3.523  0.834   1.00 19.40  ? 1049 TYR A CZ  1 
ATOM   635  O OH  . TYR A 1 71  ? -2.701  -3.049  1.971   1.00 17.68  ? 1049 TYR A OH  1 
ATOM   636  N N   . LEU A 1 72  ? 2.796   -4.433  -1.915  1.00 19.42  ? 1050 LEU A N   1 
ATOM   637  C CA  . LEU A 1 72  ? 3.753   -3.948  -0.883  1.00 19.22  ? 1050 LEU A CA  1 
ATOM   638  C C   . LEU A 1 72  ? 4.685   -2.885  -1.492  1.00 21.85  ? 1050 LEU A C   1 
ATOM   639  O O   . LEU A 1 72  ? 5.224   -2.081  -0.705  1.00 21.00  ? 1050 LEU A O   1 
ATOM   640  C CB  . LEU A 1 72  ? 4.546   -5.093  -0.254  1.00 18.64  ? 1050 LEU A CB  1 
ATOM   641  C CG  . LEU A 1 72  ? 3.756   -5.929  0.771   1.00 20.68  ? 1050 LEU A CG  1 
ATOM   642  C CD1 . LEU A 1 72  ? 4.565   -7.134  1.201   1.00 23.79  ? 1050 LEU A CD1 1 
ATOM   643  C CD2 . LEU A 1 72  ? 3.364   -5.122  2.013   1.00 22.30  ? 1050 LEU A CD2 1 
ATOM   644  N N   . ARG A 1 73  ? 4.891   -2.847  -2.814  1.00 20.40  ? 1051 ARG A N   1 
ATOM   645  C CA  . ARG A 1 73  ? 5.710   -1.762  -3.434  1.00 22.71  ? 1051 ARG A CA  1 
ATOM   646  C C   . ARG A 1 73  ? 5.000   -0.403  -3.243  1.00 20.89  ? 1051 ARG A C   1 
ATOM   647  O O   . ARG A 1 73  ? 5.699   0.631   -2.981  1.00 21.19  ? 1051 ARG A O   1 
ATOM   648  C CB  . ARG A 1 73  ? 5.969   -1.981  -4.929  1.00 26.91  ? 1051 ARG A CB  1 
ATOM   649  C CG  . ARG A 1 73  ? 6.939   -3.101  -5.271  1.00 38.46  ? 1051 ARG A CG  1 
ATOM   650  C CD  . ARG A 1 73  ? 7.188   -3.120  -6.794  1.00 46.45  ? 1051 ARG A CD  1 
ATOM   651  N NE  . ARG A 1 73  ? 7.217   -4.460  -7.360  1.00 58.42  ? 1051 ARG A NE  1 
ATOM   652  C CZ  . ARG A 1 73  ? 8.206   -5.341  -7.172  1.00 75.42  ? 1051 ARG A CZ  1 
ATOM   653  N NH1 . ARG A 1 73  ? 9.254   -5.027  -6.419  1.00 78.67  ? 1051 ARG A NH1 1 
ATOM   654  N NH2 . ARG A 1 73  ? 8.140   -6.540  -7.739  1.00 82.90  ? 1051 ARG A NH2 1 
ATOM   655  N N   . ASP A 1 74  ? 3.671   -0.386  -3.293  1.00 20.84  ? 1052 ASP A N   1 
ATOM   656  C CA  . ASP A 1 74  ? 2.890   0.862   -3.041  1.00 18.29  ? 1052 ASP A CA  1 
ATOM   657  C C   . ASP A 1 74  ? 2.875   1.210   -1.523  1.00 18.61  ? 1052 ASP A C   1 
ATOM   658  O O   . ASP A 1 74  ? 2.915   2.434   -1.229  1.00 19.43  ? 1052 ASP A O   1 
ATOM   659  C CB  . ASP A 1 74  ? 1.517   0.861   -3.721  1.00 19.21  ? 1052 ASP A CB  1 
ATOM   660  C CG  . ASP A 1 74  ? 1.535   1.264   -5.210  1.00 21.17  ? 1052 ASP A CG  1 
ATOM   661  O OD1 . ASP A 1 74  ? 2.551   1.838   -5.642  1.00 21.01  ? 1052 ASP A OD1 1 
ATOM   662  O OD2 . ASP A 1 74  ? 0.488   1.052   -5.895  1.00 21.23  ? 1052 ASP A OD2 1 
ATOM   663  N N   . ILE A 1 75  ? 2.707   0.247   -0.607  1.00 19.76  ? 1053 ILE A N   1 
ATOM   664  C CA  . ILE A 1 75  ? 2.855   0.541   0.860   1.00 19.77  ? 1053 ILE A CA  1 
ATOM   665  C C   . ILE A 1 75  ? 4.251   1.133   1.137   1.00 21.35  ? 1053 ILE A C   1 
ATOM   666  O O   . ILE A 1 75  ? 4.349   2.198   1.824   1.00 21.22  ? 1053 ILE A O   1 
ATOM   667  C CB  . ILE A 1 75  ? 2.593   -0.717  1.693   1.00 22.19  ? 1053 ILE A CB  1 
ATOM   668  C CG1 . ILE A 1 75  ? 1.202   -1.310  1.419   1.00 20.81  ? 1053 ILE A CG1 1 
ATOM   669  C CG2 . ILE A 1 75  ? 2.852   -0.418  3.168   1.00 22.07  ? 1053 ILE A CG2 1 
ATOM   670  C CD1 . ILE A 1 75  ? 0.009   -0.396  1.678   1.00 25.33  ? 1053 ILE A CD1 1 
ATOM   671  N N   . ASP A 1 76  ? 5.307   0.531   0.583   1.00 20.63  ? 1054 ASP A N   1 
ATOM   672  C CA  . ASP A 1 76  ? 6.703   1.018   0.739   1.00 23.53  ? 1054 ASP A CA  1 
ATOM   673  C C   . ASP A 1 76  ? 6.855   2.439   0.172   1.00 23.27  ? 1054 ASP A C   1 
ATOM   674  O O   . ASP A 1 76  ? 7.598   3.211   0.781   1.00 21.94  ? 1054 ASP A O   1 
ATOM   675  C CB  . ASP A 1 76  ? 7.730   0.062   0.126   1.00 25.01  ? 1054 ASP A CB  1 
ATOM   676  C CG  . ASP A 1 76  ? 7.992   -1.149  1.019   1.00 28.99  ? 1054 ASP A CG  1 
ATOM   677  O OD1 . ASP A 1 76  ? 8.035   -0.987  2.241   1.00 33.15  ? 1054 ASP A OD1 1 
ATOM   678  O OD2 . ASP A 1 76  ? 8.281   -2.203  0.481   1.00 32.09  ? 1054 ASP A OD2 1 
ATOM   679  N N   . LEU A 1 77  ? 6.161   2.782   -0.909  1.00 20.13  ? 1055 LEU A N   1 
ATOM   680  C CA  . LEU A 1 77  ? 6.200   4.125   -1.542  1.00 21.33  ? 1055 LEU A CA  1 
ATOM   681  C C   . LEU A 1 77  ? 5.460   5.138   -0.647  1.00 22.70  ? 1055 LEU A C   1 
ATOM   682  O O   . LEU A 1 77  ? 5.949   6.238   -0.492  1.00 19.71  ? 1055 LEU A O   1 
ATOM   683  C CB  . LEU A 1 77  ? 5.554   4.041   -2.935  1.00 22.19  ? 1055 LEU A CB  1 
ATOM   684  C CG  . LEU A 1 77  ? 5.536   5.335   -3.736  1.00 24.51  ? 1055 LEU A CG  1 
ATOM   685  C CD1 . LEU A 1 77  ? 6.955   5.868   -3.988  1.00 21.92  ? 1055 LEU A CD1 1 
ATOM   686  C CD2 . LEU A 1 77  ? 4.751   5.156   -5.052  1.00 26.12  ? 1055 LEU A CD2 1 
ATOM   687  N N   . ILE A 1 78  ? 4.331   4.788   -0.010  1.00 19.34  ? 1056 ILE A N   1 
ATOM   688  C CA  . ILE A 1 78  ? 3.695   5.709   0.984   1.00 18.92  ? 1056 ILE A CA  1 
ATOM   689  C C   . ILE A 1 78  ? 4.725   6.049   2.086   1.00 19.00  ? 1056 ILE A C   1 
ATOM   690  O O   . ILE A 1 78  ? 4.870   7.265   2.478   1.00 20.63  ? 1056 ILE A O   1 
ATOM   691  C CB  . ILE A 1 78  ? 2.422   5.089   1.600   1.00 19.27  ? 1056 ILE A CB  1 
ATOM   692  C CG1 . ILE A 1 78  ? 1.309   4.894   0.564   1.00 18.59  ? 1056 ILE A CG1 1 
ATOM   693  C CG2 . ILE A 1 78  ? 1.961   5.951   2.783   1.00 22.17  ? 1056 ILE A CG2 1 
ATOM   694  C CD1 . ILE A 1 78  ? 0.094   4.119   1.077   1.00 19.98  ? 1056 ILE A CD1 1 
ATOM   695  N N   . CYS A 1 79  ? 5.446   5.058   2.598   1.00 19.37  ? 1057 CYS A N   1 
ATOM   696  C CA  . CYS A 1 79  ? 6.421   5.235   3.708   1.00 21.30  ? 1057 CYS A CA  1 
ATOM   697  C C   . CYS A 1 79  ? 7.623   6.060   3.209   1.00 24.45  ? 1057 CYS A C   1 
ATOM   698  O O   . CYS A 1 79  ? 7.979   7.049   3.851   1.00 21.21  ? 1057 CYS A O   1 
ATOM   699  C CB  . CYS A 1 79  ? 6.856   3.902   4.284   1.00 23.19  ? 1057 CYS A CB  1 
ATOM   700  S SG  . CYS A 1 79  ? 8.017   4.039   5.675   1.00 25.61  ? 1057 CYS A SG  1 
ATOM   701  N N   . SER A 1 80  ? 8.225   5.702   2.074   1.00 22.08  ? 1058 SER A N   1 
ATOM   702  C CA  . SER A 1 80  ? 9.463   6.398   1.613   1.00 24.24  ? 1058 SER A CA  1 
ATOM   703  C C   . SER A 1 80  ? 9.161   7.881   1.261   1.00 21.77  ? 1058 SER A C   1 
ATOM   704  O O   . SER A 1 80  ? 10.041  8.770   1.498   1.00 22.99  ? 1058 SER A O   1 
ATOM   705  C CB  . SER A 1 80  ? 10.140  5.602   0.481   1.00 26.47  ? 1058 SER A CB  1 
ATOM   706  O OG  . SER A 1 80  ? 9.340   5.592   -0.696  1.00 28.28  ? 1058 SER A OG  1 
ATOM   707  N N   . ASN A 1 81  ? 8.017   8.176   0.662   1.00 21.25  ? 1059 ASN A N   1 
ATOM   708  C CA  . ASN A 1 81  ? 7.555   9.547   0.354   1.00 20.16  ? 1059 ASN A CA  1 
ATOM   709  C C   . ASN A 1 81  ? 7.547   10.381  1.673   1.00 24.25  ? 1059 ASN A C   1 
ATOM   710  O O   . ASN A 1 81  ? 7.974   11.564  1.698   1.00 22.03  ? 1059 ASN A O   1 
ATOM   711  C CB  . ASN A 1 81  ? 6.189   9.528   -0.347  1.00 19.37  ? 1059 ASN A CB  1 
ATOM   712  C CG  . ASN A 1 81  ? 6.233   9.141   -1.829  1.00 20.57  ? 1059 ASN A CG  1 
ATOM   713  O OD1 . ASN A 1 81  ? 7.316   8.973   -2.426  1.00 21.01  ? 1059 ASN A OD1 1 
ATOM   714  N ND2 . ASN A 1 81  ? 5.066   8.994   -2.428  1.00 22.13  ? 1059 ASN A ND2 1 
ATOM   715  N N   . ALA A 1 82  ? 6.984   9.843   2.751   1.00 22.30  ? 1060 ALA A N   1 
ATOM   716  C CA  . ALA A 1 82  ? 6.880   10.550  4.058   1.00 21.69  ? 1060 ALA A CA  1 
ATOM   717  C C   . ALA A 1 82  ? 8.279   10.776  4.647   1.00 21.38  ? 1060 ALA A C   1 
ATOM   718  O O   . ALA A 1 82  ? 8.520   11.891  5.147   1.00 26.14  ? 1060 ALA A O   1 
ATOM   719  C CB  . ALA A 1 82  ? 5.953   9.745   4.990   1.00 20.46  ? 1060 ALA A CB  1 
ATOM   720  N N   . LEU A 1 83  ? 9.209   9.829   4.539   1.00 23.89  ? 1061 LEU A N   1 
ATOM   721  C CA  . LEU A 1 83  ? 10.566  9.985   5.118   1.00 24.38  ? 1061 LEU A CA  1 
ATOM   722  C C   . LEU A 1 83  ? 11.354  11.035  4.317   1.00 28.90  ? 1061 LEU A C   1 
ATOM   723  O O   . LEU A 1 83  ? 12.116  11.823  4.988   1.00 26.44  ? 1061 LEU A O   1 
ATOM   724  C CB  . LEU A 1 83  ? 11.342  8.675   5.175   1.00 26.27  ? 1061 LEU A CB  1 
ATOM   725  C CG  . LEU A 1 83  ? 10.690  7.497   5.898   1.00 32.47  ? 1061 LEU A CG  1 
ATOM   726  C CD1 . LEU A 1 83  ? 11.625  6.315   5.938   1.00 33.13  ? 1061 LEU A CD1 1 
ATOM   727  C CD2 . LEU A 1 83  ? 10.225  7.831   7.289   1.00 33.12  ? 1061 LEU A CD2 1 
ATOM   728  N N   . GLU A 1 84  ? 11.111  11.131  2.997   1.00 27.00  ? 1062 GLU A N   1 
ATOM   729  C CA  A GLU A 1 84  ? 11.806  12.070  2.044   0.54 27.82  ? 1062 GLU A CA  1 
ATOM   730  C CA  B GLU A 1 84  ? 11.858  12.071  2.112   0.46 27.37  ? 1062 GLU A CA  1 
ATOM   731  C C   . GLU A 1 84  ? 11.283  13.496  2.255   1.00 25.89  ? 1062 GLU A C   1 
ATOM   732  O O   . GLU A 1 84  ? 12.096  14.429  2.374   1.00 29.45  ? 1062 GLU A O   1 
ATOM   733  C CB  A GLU A 1 84  ? 11.587  11.692  0.562   0.54 28.58  ? 1062 GLU A CB  1 
ATOM   734  C CB  B GLU A 1 84  ? 11.882  11.522  0.680   0.46 27.52  ? 1062 GLU A CB  1 
ATOM   735  C CG  A GLU A 1 84  ? 12.236  12.641  -0.467  0.54 29.59  ? 1062 GLU A CG  1 
ATOM   736  C CG  B GLU A 1 84  ? 12.719  10.249  0.539   0.46 28.28  ? 1062 GLU A CG  1 
ATOM   737  C CD  A GLU A 1 84  ? 12.021  12.390  -1.978  0.54 33.73  ? 1062 GLU A CD  1 
ATOM   738  C CD  B GLU A 1 84  ? 12.483  9.376   -0.698  0.46 29.88  ? 1062 GLU A CD  1 
ATOM   739  O OE1 A GLU A 1 84  ? 12.498  13.188  -2.782  0.54 34.80  ? 1062 GLU A OE1 1 
ATOM   740  O OE1 B GLU A 1 84  ? 11.665  9.756   -1.557  0.46 25.38  ? 1062 GLU A OE1 1 
ATOM   741  O OE2 A GLU A 1 84  ? 11.367  11.436  -2.359  0.54 29.62  ? 1062 GLU A OE2 1 
ATOM   742  O OE2 B GLU A 1 84  ? 13.126  8.298   -0.793  0.46 29.56  ? 1062 GLU A OE2 1 
ATOM   743  N N   . TYR A 1 85  ? 9.966   13.661  2.293   1.00 24.93  ? 1063 TYR A N   1 
ATOM   744  C CA  . TYR A 1 85  ? 9.308   14.979  2.369   1.00 25.39  ? 1063 TYR A CA  1 
ATOM   745  C C   . TYR A 1 85  ? 9.472   15.580  3.787   1.00 28.24  ? 1063 TYR A C   1 
ATOM   746  O O   . TYR A 1 85  ? 9.517   16.832  3.865   1.00 24.05  ? 1063 TYR A O   1 
ATOM   747  C CB  . TYR A 1 85  ? 7.841   14.946  1.946   1.00 25.73  ? 1063 TYR A CB  1 
ATOM   748  C CG  . TYR A 1 85  ? 7.290   16.333  1.726   1.00 28.33  ? 1063 TYR A CG  1 
ATOM   749  C CD1 . TYR A 1 85  ? 7.664   17.075  0.603   1.00 31.50  ? 1063 TYR A CD1 1 
ATOM   750  C CD2 . TYR A 1 85  ? 6.526   16.970  2.696   1.00 29.28  ? 1063 TYR A CD2 1 
ATOM   751  C CE1 . TYR A 1 85  ? 7.226   18.385  0.428   1.00 30.76  ? 1063 TYR A CE1 1 
ATOM   752  C CE2 . TYR A 1 85  ? 6.076   18.272  2.537   1.00 31.88  ? 1063 TYR A CE2 1 
ATOM   753  C CZ  . TYR A 1 85  ? 6.450   18.990  1.409   1.00 35.58  ? 1063 TYR A CZ  1 
ATOM   754  O OH  . TYR A 1 85  ? 5.992   20.261  1.238   1.00 41.98  ? 1063 TYR A OH  1 
ATOM   755  N N   . ASN A 1 86  ? 9.635   14.770  4.834   1.00 24.86  ? 1064 ASN A N   1 
ATOM   756  C CA  . ASN A 1 86  ? 9.616   15.263  6.266   1.00 24.94  ? 1064 ASN A CA  1 
ATOM   757  C C   . ASN A 1 86  ? 10.882  14.812  6.993   1.00 24.12  ? 1064 ASN A C   1 
ATOM   758  O O   . ASN A 1 86  ? 10.819  14.017  7.928   1.00 24.91  ? 1064 ASN A O   1 
ATOM   759  C CB  . ASN A 1 86  ? 8.301   14.852  6.967   1.00 25.38  ? 1064 ASN A CB  1 
ATOM   760  C CG  . ASN A 1 86  ? 7.027   15.132  6.185   1.00 27.91  ? 1064 ASN A CG  1 
ATOM   761  O OD1 . ASN A 1 86  ? 6.486   16.237  6.204   1.00 27.61  ? 1064 ASN A OD1 1 
ATOM   762  N ND2 . ASN A 1 86  ? 6.499   14.131  5.486   1.00 26.01  ? 1064 ASN A ND2 1 
ATOM   763  N N   . PRO A 1 87  ? 12.117  15.238  6.596   1.00 23.44  ? 1065 PRO A N   1 
ATOM   764  C CA  . PRO A 1 87  ? 13.330  14.656  7.165   1.00 24.68  ? 1065 PRO A CA  1 
ATOM   765  C C   . PRO A 1 87  ? 13.972  15.350  8.390   1.00 25.37  ? 1065 PRO A C   1 
ATOM   766  O O   . PRO A 1 87  ? 15.039  14.904  8.826   1.00 29.40  ? 1065 PRO A O   1 
ATOM   767  C CB  . PRO A 1 87  ? 14.325  14.858  6.028   1.00 28.38  ? 1065 PRO A CB  1 
ATOM   768  C CG  . PRO A 1 87  ? 13.915  16.194  5.442   1.00 27.68  ? 1065 PRO A CG  1 
ATOM   769  C CD  . PRO A 1 87  ? 12.406  16.256  5.576   1.00 28.08  ? 1065 PRO A CD  1 
ATOM   770  N N   . ASP A 1 88  ? 13.346  16.379  8.920   1.00 26.05  ? 1066 ASP A N   1 
ATOM   771  C CA  . ASP A 1 88  ? 13.976  17.326  9.894   1.00 27.72  ? 1066 ASP A CA  1 
ATOM   772  C C   . ASP A 1 88  ? 13.888  16.796  11.326  1.00 28.07  ? 1066 ASP A C   1 
ATOM   773  O O   . ASP A 1 88  ? 13.112  15.814  11.573  1.00 24.73  ? 1066 ASP A O   1 
ATOM   774  C CB  . ASP A 1 88  ? 13.311  18.696  9.788   1.00 28.56  ? 1066 ASP A CB  1 
ATOM   775  C CG  . ASP A 1 88  ? 13.632  19.426  8.482   1.00 37.47  ? 1066 ASP A CG  1 
ATOM   776  O OD1 . ASP A 1 88  ? 14.509  18.928  7.678   1.00 33.32  ? 1066 ASP A OD1 1 
ATOM   777  O OD2 . ASP A 1 88  ? 13.004  20.464  8.259   1.00 39.84  ? 1066 ASP A OD2 1 
ATOM   778  N N   . ARG A 1 89  ? 14.588  17.451  12.266  1.00 27.58  ? 1067 ARG A N   1 
ATOM   779  C CA  . ARG A 1 89  ? 14.670  16.983  13.689  1.00 28.70  ? 1067 ARG A CA  1 
ATOM   780  C C   . ARG A 1 89  ? 13.454  17.464  14.497  1.00 26.98  ? 1067 ARG A C   1 
ATOM   781  O O   . ARG A 1 89  ? 13.283  16.997  15.653  1.00 26.70  ? 1067 ARG A O   1 
ATOM   782  C CB  . ARG A 1 89  ? 16.002  17.336  14.391  1.00 30.60  ? 1067 ARG A CB  1 
ATOM   783  C CG  . ARG A 1 89  ? 16.222  18.804  14.772  1.00 33.12  ? 1067 ARG A CG  1 
ATOM   784  C CD  . ARG A 1 89  ? 15.736  19.254  16.166  1.00 30.38  ? 1067 ARG A CD  1 
ATOM   785  N NE  . ARG A 1 89  ? 15.934  18.289  17.247  1.00 32.97  ? 1067 ARG A NE  1 
ATOM   786  C CZ  . ARG A 1 89  ? 15.162  18.181  18.374  1.00 31.41  ? 1067 ARG A CZ  1 
ATOM   787  N NH1 . ARG A 1 89  ? 15.455  17.270  19.312  1.00 25.00  ? 1067 ARG A NH1 1 
ATOM   788  N NH2 . ARG A 1 89  ? 14.136  19.003  18.549  1.00 27.92  ? 1067 ARG A NH2 1 
ATOM   789  N N   . ASP A 1 90  ? 12.632  18.348  13.959  1.00 26.40  ? 1068 ASP A N   1 
ATOM   790  C CA  . ASP A 1 90  ? 11.545  18.939  14.772  1.00 28.55  ? 1068 ASP A CA  1 
ATOM   791  C C   . ASP A 1 90  ? 10.470  17.888  15.029  1.00 28.12  ? 1068 ASP A C   1 
ATOM   792  O O   . ASP A 1 90  ? 10.364  16.885  14.303  1.00 25.90  ? 1068 ASP A O   1 
ATOM   793  C CB  . ASP A 1 90  ? 10.925  20.163  14.127  1.00 32.44  ? 1068 ASP A CB  1 
ATOM   794  C CG  . ASP A 1 90  ? 10.296  19.871  12.788  1.00 37.65  ? 1068 ASP A CG  1 
ATOM   795  O OD1 . ASP A 1 90  ? 11.012  19.999  11.807  1.00 52.48  ? 1068 ASP A OD1 1 
ATOM   796  O OD2 . ASP A 1 90  ? 9.099   19.504  12.751  1.00 45.33  ? 1068 ASP A OD2 1 
ATOM   797  N N   . PRO A 1 91  ? 9.627   18.102  16.065  1.00 26.01  ? 1069 PRO A N   1 
ATOM   798  C CA  . PRO A 1 91  ? 8.639   17.090  16.436  1.00 23.77  ? 1069 PRO A CA  1 
ATOM   799  C C   . PRO A 1 91  ? 7.585   16.726  15.363  1.00 22.41  ? 1069 PRO A C   1 
ATOM   800  O O   . PRO A 1 91  ? 7.123   15.572  15.393  1.00 20.79  ? 1069 PRO A O   1 
ATOM   801  C CB  . PRO A 1 91  ? 7.972   17.675  17.686  1.00 24.80  ? 1069 PRO A CB  1 
ATOM   802  C CG  . PRO A 1 91  ? 8.958   18.693  18.234  1.00 29.93  ? 1069 PRO A CG  1 
ATOM   803  C CD  . PRO A 1 91  ? 9.681   19.229  17.018  1.00 28.17  ? 1069 PRO A CD  1 
ATOM   804  N N   . GLY A 1 92  ? 7.095   17.696  14.590  1.00 22.58  ? 1070 GLY A N   1 
ATOM   805  C CA  . GLY A 1 92  ? 6.095   17.435  13.532  1.00 22.19  ? 1070 GLY A CA  1 
ATOM   806  C C   . GLY A 1 92  ? 6.636   16.419  12.537  1.00 24.60  ? 1070 GLY A C   1 
ATOM   807  O O   . GLY A 1 92  ? 5.912   15.433  12.193  1.00 21.29  ? 1070 GLY A O   1 
ATOM   808  N N   . ASP A 1 93  ? 7.894   16.592  12.126  1.00 24.81  ? 1071 ASP A N   1 
ATOM   809  C CA  . ASP A 1 93  ? 8.579   15.683  11.160  1.00 25.08  ? 1071 ASP A CA  1 
ATOM   810  C C   . ASP A 1 93  ? 8.823   14.344  11.845  1.00 24.99  ? 1071 ASP A C   1 
ATOM   811  O O   . ASP A 1 93  ? 8.588   13.287  11.186  1.00 23.37  ? 1071 ASP A O   1 
ATOM   812  C CB  . ASP A 1 93  ? 9.870   16.265  10.556  1.00 25.50  ? 1071 ASP A CB  1 
ATOM   813  C CG  . ASP A 1 93  ? 9.653   17.324  9.460   1.00 26.36  ? 1071 ASP A CG  1 
ATOM   814  O OD1 . ASP A 1 93  ? 8.548   17.928  9.405   1.00 25.73  ? 1071 ASP A OD1 1 
ATOM   815  O OD2 . ASP A 1 93  ? 10.566  17.483  8.607   1.00 27.59  ? 1071 ASP A OD2 1 
ATOM   816  N N   . ARG A 1 94  ? 9.306   14.339  13.087  1.00 21.54  ? 1072 ARG A N   1 
ATOM   817  C CA  . ARG A 1 94  ? 9.678   13.061  13.733  1.00 23.88  ? 1072 ARG A CA  1 
ATOM   818  C C   . ARG A 1 94  ? 8.384   12.242  13.956  1.00 21.24  ? 1072 ARG A C   1 
ATOM   819  O O   . ARG A 1 94  ? 8.474   11.014  13.815  1.00 22.90  ? 1072 ARG A O   1 
ATOM   820  C CB  . ARG A 1 94  ? 10.481  13.247  15.024  1.00 25.70  ? 1072 ARG A CB  1 
ATOM   821  C CG  . ARG A 1 94  ? 11.932  13.631  14.766  1.00 32.72  ? 1072 ARG A CG  1 
ATOM   822  C CD  . ARG A 1 94  ? 12.808  13.657  16.003  1.00 40.55  ? 1072 ARG A CD  1 
ATOM   823  N NE  . ARG A 1 94  ? 14.240  13.853  15.715  1.00 44.13  ? 1072 ARG A NE  1 
ATOM   824  C CZ  . ARG A 1 94  ? 15.163  14.150  16.657  1.00 59.27  ? 1072 ARG A CZ  1 
ATOM   825  N NH1 . ARG A 1 94  ? 14.795  14.293  17.926  1.00 65.11  ? 1072 ARG A NH1 1 
ATOM   826  N NH2 . ARG A 1 94  ? 16.448  14.290  16.343  1.00 54.39  ? 1072 ARG A NH2 1 
ATOM   827  N N   . LEU A 1 95  ? 7.248   12.887  14.229  1.00 20.76  ? 1073 LEU A N   1 
ATOM   828  C CA  . LEU A 1 95  ? 5.963   12.168  14.465  1.00 21.10  ? 1073 LEU A CA  1 
ATOM   829  C C   . LEU A 1 95  ? 5.476   11.514  13.146  1.00 22.67  ? 1073 LEU A C   1 
ATOM   830  O O   . LEU A 1 95  ? 5.112   10.306  13.197  1.00 20.92  ? 1073 LEU A O   1 
ATOM   831  C CB  . LEU A 1 95  ? 4.913   13.100  15.031  1.00 19.33  ? 1073 LEU A CB  1 
ATOM   832  C CG  . LEU A 1 95  ? 3.514   12.521  15.244  1.00 18.92  ? 1073 LEU A CG  1 
ATOM   833  C CD1 . LEU A 1 95  ? 3.516   11.402  16.226  1.00 21.74  ? 1073 LEU A CD1 1 
ATOM   834  C CD2 . LEU A 1 95  ? 2.545   13.575  15.730  1.00 23.30  ? 1073 LEU A CD2 1 
ATOM   835  N N   . ILE A 1 96  ? 5.509   12.216  12.009  1.00 21.60  ? 1074 ILE A N   1 
ATOM   836  C CA  A ILE A 1 96  ? 5.084   11.669  10.675  0.59 22.70  ? 1074 ILE A CA  1 
ATOM   837  C CA  B ILE A 1 96  ? 5.026   11.620  10.717  0.41 20.20  ? 1074 ILE A CA  1 
ATOM   838  C C   . ILE A 1 96  ? 5.968   10.475  10.304  1.00 21.10  ? 1074 ILE A C   1 
ATOM   839  O O   . ILE A 1 96  ? 5.427   9.427   9.857   1.00 22.18  ? 1074 ILE A O   1 
ATOM   840  C CB  A ILE A 1 96  ? 5.122   12.747  9.573   0.59 25.12  ? 1074 ILE A CB  1 
ATOM   841  C CB  B ILE A 1 96  ? 4.782   12.663  9.598   0.41 19.30  ? 1074 ILE A CB  1 
ATOM   842  C CG1 A ILE A 1 96  ? 4.070   13.828  9.819   0.59 27.90  ? 1074 ILE A CG1 1 
ATOM   843  C CG1 B ILE A 1 96  ? 3.795   12.110  8.554   0.41 18.07  ? 1074 ILE A CG1 1 
ATOM   844  C CG2 A ILE A 1 96  ? 4.923   12.093  8.214   0.59 26.71  ? 1074 ILE A CG2 1 
ATOM   845  C CG2 B ILE A 1 96  ? 6.074   13.140  8.956   0.41 18.32  ? 1074 ILE A CG2 1 
ATOM   846  C CD1 A ILE A 1 96  ? 4.239   15.081  8.980   0.59 31.68  ? 1074 ILE A CD1 1 
ATOM   847  C CD1 B ILE A 1 96  ? 3.240   13.140  7.592   0.41 17.83  ? 1074 ILE A CD1 1 
ATOM   848  N N   . ARG A 1 97  ? 7.285   10.604  10.491  1.00 21.64  ? 1075 ARG A N   1 
ATOM   849  C CA  . ARG A 1 97  ? 8.238   9.492   10.174  1.00 22.34  ? 1075 ARG A CA  1 
ATOM   850  C C   . ARG A 1 97  ? 7.891   8.276   11.052  1.00 24.42  ? 1075 ARG A C   1 
ATOM   851  O O   . ARG A 1 97  ? 7.991   7.110   10.541  1.00 20.16  ? 1075 ARG A O   1 
ATOM   852  C CB  . ARG A 1 97  ? 9.700   9.918   10.296  1.00 22.30  ? 1075 ARG A CB  1 
ATOM   853  C CG  . ARG A 1 97  ? 10.094  10.976  9.271   1.00 23.75  ? 1075 ARG A CG  1 
ATOM   854  C CD  . ARG A 1 97  ? 11.569  10.936  9.023   1.00 25.08  ? 1075 ARG A CD  1 
ATOM   855  N NE  . ARG A 1 97  ? 12.410  11.109  10.193  1.00 28.87  ? 1075 ARG A NE  1 
ATOM   856  C CZ  . ARG A 1 97  ? 12.678  12.289  10.776  1.00 29.62  ? 1075 ARG A CZ  1 
ATOM   857  N NH1 . ARG A 1 97  ? 12.158  13.409  10.311  1.00 30.29  ? 1075 ARG A NH1 1 
ATOM   858  N NH2 . ARG A 1 97  ? 13.470  12.332  11.827  1.00 32.63  ? 1075 ARG A NH2 1 
ATOM   859  N N   . HIS A 1 98  ? 7.678   8.478   12.363  1.00 20.82  ? 1076 HIS A N   1 
ATOM   860  C CA  . HIS A 1 98  ? 7.372   7.357   13.290  1.00 20.68  ? 1076 HIS A CA  1 
ATOM   861  C C   . HIS A 1 98  ? 6.099   6.604   12.801  1.00 21.14  ? 1076 HIS A C   1 
ATOM   862  O O   . HIS A 1 98  ? 6.088   5.295   12.798  1.00 20.85  ? 1076 HIS A O   1 
ATOM   863  C CB  . HIS A 1 98  ? 7.308   7.811   14.763  1.00 20.10  ? 1076 HIS A CB  1 
ATOM   864  C CG  . HIS A 1 98  ? 7.261   6.672   15.748  1.00 21.27  ? 1076 HIS A CG  1 
ATOM   865  N ND1 . HIS A 1 98  ? 6.066   6.158   16.226  1.00 21.01  ? 1076 HIS A ND1 1 
ATOM   866  C CD2 . HIS A 1 98  ? 8.238   5.954   16.340  1.00 21.89  ? 1076 HIS A CD2 1 
ATOM   867  C CE1 . HIS A 1 98  ? 6.318   5.152   17.051  1.00 21.36  ? 1076 HIS A CE1 1 
ATOM   868  N NE2 . HIS A 1 98  ? 7.643   5.027   17.156  1.00 21.04  ? 1076 HIS A NE2 1 
ATOM   869  N N   . ARG A 1 99  ? 5.089   7.360   12.407  1.00 19.22  ? 1077 ARG A N   1 
ATOM   870  C CA  . ARG A 1 99  ? 3.789   6.836   11.910  1.00 20.64  ? 1077 ARG A CA  1 
ATOM   871  C C   . ARG A 1 99  ? 3.983   6.129   10.565  1.00 20.14  ? 1077 ARG A C   1 
ATOM   872  O O   . ARG A 1 99  ? 3.324   5.079   10.352  1.00 19.49  ? 1077 ARG A O   1 
ATOM   873  C CB  . ARG A 1 99  ? 2.748   7.950   11.833  1.00 20.70  ? 1077 ARG A CB  1 
ATOM   874  C CG  . ARG A 1 99  ? 2.317   8.482   13.207  1.00 19.78  ? 1077 ARG A CG  1 
ATOM   875  C CD  . ARG A 1 99  ? 1.444   9.727   13.072  1.00 19.58  ? 1077 ARG A CD  1 
ATOM   876  N NE  . ARG A 1 99  ? 0.685   10.043  14.291  1.00 20.88  ? 1077 ARG A NE  1 
ATOM   877  C CZ  . ARG A 1 99  ? -0.048  11.143  14.485  1.00 23.01  ? 1077 ARG A CZ  1 
ATOM   878  N NH1 . ARG A 1 99  ? -0.163  12.065  13.550  1.00 23.41  ? 1077 ARG A NH1 1 
ATOM   879  N NH2 . ARG A 1 99  ? -0.710  11.303  15.615  1.00 24.50  ? 1077 ARG A NH2 1 
ATOM   880  N N   . ALA A 1 100 ? 4.839   6.655   9.691   1.00 18.44  ? 1078 ALA A N   1 
ATOM   881  C CA  . ALA A 1 100 ? 5.100   6.053   8.358   1.00 19.57  ? 1078 ALA A CA  1 
ATOM   882  C C   . ALA A 1 100 ? 5.746   4.685   8.550   1.00 19.36  ? 1078 ALA A C   1 
ATOM   883  O O   . ALA A 1 100 ? 5.348   3.694   7.829   1.00 20.50  ? 1078 ALA A O   1 
ATOM   884  C CB  . ALA A 1 100 ? 5.952   6.989   7.495   1.00 20.02  ? 1078 ALA A CB  1 
ATOM   885  N N   . CYS A 1 101 ? 6.716   4.595   9.452   1.00 19.03  ? 1079 CYS A N   1 
ATOM   886  C CA  . CYS A 1 101 ? 7.453   3.363   9.761   1.00 20.67  ? 1079 CYS A CA  1 
ATOM   887  C C   . CYS A 1 101 ? 6.471   2.370   10.395  1.00 21.46  ? 1079 CYS A C   1 
ATOM   888  O O   . CYS A 1 101 ? 6.579   1.181   10.087  1.00 20.22  ? 1079 CYS A O   1 
ATOM   889  C CB  . CYS A 1 101 ? 8.654   3.602   10.665  1.00 23.87  ? 1079 CYS A CB  1 
ATOM   890  S SG  . CYS A 1 101 ? 10.054  4.406   9.811   1.00 27.63  ? 1079 CYS A SG  1 
ATOM   891  N N   . ALA A 1 102 ? 5.536   2.843   11.182  1.00 20.93  ? 1080 ALA A N   1 
ATOM   892  C CA  . ALA A 1 102 ? 4.554   1.945   11.833  1.00 21.32  ? 1080 ALA A CA  1 
ATOM   893  C C   . ALA A 1 102 ? 3.544   1.403   10.793  1.00 20.67  ? 1080 ALA A C   1 
ATOM   894  O O   . ALA A 1 102 ? 3.068   0.239   10.947  1.00 21.67  ? 1080 ALA A O   1 
ATOM   895  C CB  . ALA A 1 102 ? 3.881   2.650   12.982  1.00 18.50  ? 1080 ALA A CB  1 
ATOM   896  N N   . LEU A 1 103 ? 3.139   2.218   9.840   1.00 20.78  ? 1081 LEU A N   1 
ATOM   897  C CA  . LEU A 1 103 ? 2.263   1.771   8.718   1.00 21.61  ? 1081 LEU A CA  1 
ATOM   898  C C   . LEU A 1 103 ? 2.956   0.616   7.967   1.00 21.33  ? 1081 LEU A C   1 
ATOM   899  O O   . LEU A 1 103 ? 2.308   -0.457  7.741   1.00 18.77  ? 1081 LEU A O   1 
ATOM   900  C CB  . LEU A 1 103 ? 1.960   2.957   7.787   1.00 23.11  ? 1081 LEU A CB  1 
ATOM   901  C CG  . LEU A 1 103 ? 1.222   2.544   6.512   1.00 24.35  ? 1081 LEU A CG  1 
ATOM   902  C CD1 . LEU A 1 103 ? -0.177  2.202   6.855   1.00 25.20  ? 1081 LEU A CD1 1 
ATOM   903  C CD2 . LEU A 1 103 ? 1.239   3.625   5.475   1.00 29.86  ? 1081 LEU A CD2 1 
ATOM   904  N N   . ARG A 1 104 ? 4.202   0.803   7.560   1.00 20.54  ? 1082 ARG A N   1 
ATOM   905  C CA  . ARG A 1 104 ? 4.996   -0.198  6.813   1.00 22.88  ? 1082 ARG A CA  1 
ATOM   906  C C   . ARG A 1 104 ? 5.150   -1.468  7.653   1.00 24.61  ? 1082 ARG A C   1 
ATOM   907  O O   . ARG A 1 104 ? 4.798   -2.550  7.162   1.00 21.97  ? 1082 ARG A O   1 
ATOM   908  C CB  . ARG A 1 104 ? 6.327   0.444   6.423   1.00 23.85  ? 1082 ARG A CB  1 
ATOM   909  C CG  . ARG A 1 104 ? 7.339   -0.486  5.750   1.00 27.27  ? 1082 ARG A CG  1 
ATOM   910  C CD  . ARG A 1 104 ? 8.781   0.041   5.875   1.00 32.02  ? 1082 ARG A CD  1 
ATOM   911  N NE  . ARG A 1 104 ? 9.184   0.023   7.311   1.00 36.52  ? 1082 ARG A NE  1 
ATOM   912  C CZ  . ARG A 1 104 ? 10.175  0.738   7.850   1.00 39.60  ? 1082 ARG A CZ  1 
ATOM   913  N NH1 . ARG A 1 104 ? 10.434  0.614   9.143   1.00 38.93  ? 1082 ARG A NH1 1 
ATOM   914  N NH2 . ARG A 1 104 ? 10.895  1.579   7.108   1.00 43.68  ? 1082 ARG A NH2 1 
ATOM   915  N N   . ASP A 1 105 ? 5.574   -1.354  8.921   1.00 22.20  ? 1083 ASP A N   1 
ATOM   916  C CA  . ASP A 1 105 ? 5.823   -2.540  9.783   1.00 22.38  ? 1083 ASP A CA  1 
ATOM   917  C C   . ASP A 1 105 ? 4.500   -3.283  10.102  1.00 20.44  ? 1083 ASP A C   1 
ATOM   918  O O   . ASP A 1 105 ? 4.487   -4.559  10.063  1.00 20.33  ? 1083 ASP A O   1 
ATOM   919  C CB  . ASP A 1 105 ? 6.548   -2.158  11.067  1.00 22.85  ? 1083 ASP A CB  1 
ATOM   920  C CG  . ASP A 1 105 ? 7.943   -1.576  10.871  1.00 25.68  ? 1083 ASP A CG  1 
ATOM   921  O OD1 . ASP A 1 105 ? 8.511   -1.651  9.763   1.00 25.89  ? 1083 ASP A OD1 1 
ATOM   922  O OD2 . ASP A 1 105 ? 8.409   -0.986  11.830  1.00 28.07  ? 1083 ASP A OD2 1 
ATOM   923  N N   . THR A 1 106 ? 3.401   -2.562  10.262  1.00 18.72  ? 1084 THR A N   1 
ATOM   924  C CA  . THR A 1 106 ? 2.079   -3.167  10.538  1.00 19.52  ? 1084 THR A CA  1 
ATOM   925  C C   . THR A 1 106 ? 1.614   -3.964  9.291   1.00 20.40  ? 1084 THR A C   1 
ATOM   926  O O   . THR A 1 106 ? 1.124   -5.100  9.442   1.00 19.75  ? 1084 THR A O   1 
ATOM   927  C CB  . THR A 1 106 ? 1.045   -2.128  10.996  1.00 20.24  ? 1084 THR A CB  1 
ATOM   928  O OG1 . THR A 1 106 ? 1.469   -1.462  12.200  1.00 19.33  ? 1084 THR A OG1 1 
ATOM   929  C CG2 . THR A 1 106 ? -0.292  -2.787  11.259  1.00 21.48  ? 1084 THR A CG2 1 
ATOM   930  N N   . ALA A 1 107 ? 1.703   -3.396  8.093   1.00 18.48  ? 1085 ALA A N   1 
ATOM   931  C CA  . ALA A 1 107 ? 1.290   -4.105  6.852   1.00 19.16  ? 1085 ALA A CA  1 
ATOM   932  C C   . ALA A 1 107 ? 2.125   -5.383  6.686   1.00 20.30  ? 1085 ALA A C   1 
ATOM   933  O O   . ALA A 1 107 ? 1.541   -6.468  6.411   1.00 18.15  ? 1085 ALA A O   1 
ATOM   934  C CB  . ALA A 1 107 ? 1.465   -3.181  5.679   1.00 19.04  ? 1085 ALA A CB  1 
ATOM   935  N N   . TYR A 1 108 ? 3.451   -5.299  6.844   1.00 20.00  ? 1086 TYR A N   1 
ATOM   936  C CA  . TYR A 1 108 ? 4.346   -6.486  6.717   1.00 21.94  ? 1086 TYR A CA  1 
ATOM   937  C C   . TYR A 1 108 ? 3.981   -7.561  7.754   1.00 20.37  ? 1086 TYR A C   1 
ATOM   938  O O   . TYR A 1 108 ? 3.977   -8.804  7.395   1.00 19.53  ? 1086 TYR A O   1 
ATOM   939  C CB  . TYR A 1 108 ? 5.823   -6.092  6.739   1.00 23.36  ? 1086 TYR A CB  1 
ATOM   940  C CG  . TYR A 1 108 ? 6.399   -5.678  5.410   1.00 22.16  ? 1086 TYR A CG  1 
ATOM   941  C CD1 . TYR A 1 108 ? 6.297   -4.378  4.937   1.00 25.12  ? 1086 TYR A CD1 1 
ATOM   942  C CD2 . TYR A 1 108 ? 7.058   -6.601  4.594   1.00 26.41  ? 1086 TYR A CD2 1 
ATOM   943  C CE1 . TYR A 1 108 ? 6.884   -3.985  3.733   1.00 23.06  ? 1086 TYR A CE1 1 
ATOM   944  C CE2 . TYR A 1 108 ? 7.655   -6.223  3.394   1.00 24.57  ? 1086 TYR A CE2 1 
ATOM   945  C CZ  . TYR A 1 108 ? 7.567   -4.909  2.954   1.00 25.77  ? 1086 TYR A CZ  1 
ATOM   946  O OH  . TYR A 1 108 ? 8.120   -4.542  1.740   1.00 25.45  ? 1086 TYR A OH  1 
ATOM   947  N N   . ALA A 1 109 ? 3.634   -7.174  8.973   1.00 20.38  ? 1087 ALA A N   1 
ATOM   948  C CA  . ALA A 1 109 ? 3.307   -8.132  10.056  1.00 22.05  ? 1087 ALA A CA  1 
ATOM   949  C C   . ALA A 1 109 ? 1.943   -8.832  9.825   1.00 22.32  ? 1087 ALA A C   1 
ATOM   950  O O   . ALA A 1 109 ? 1.840   -10.069 10.085  1.00 21.65  ? 1087 ALA A O   1 
ATOM   951  C CB  . ALA A 1 109 ? 3.319   -7.425  11.377  1.00 24.46  ? 1087 ALA A CB  1 
ATOM   952  N N   . ILE A 1 110 ? 0.916   -8.115  9.362   1.00 20.17  ? 1088 ILE A N   1 
ATOM   953  C CA  . ILE A 1 110 ? -0.409  -8.723  9.014   1.00 20.07  ? 1088 ILE A CA  1 
ATOM   954  C C   . ILE A 1 110 ? -0.172  -9.756  7.918   1.00 20.87  ? 1088 ILE A C   1 
ATOM   955  O O   . ILE A 1 110 ? -0.611  -10.910 8.063   1.00 18.68  ? 1088 ILE A O   1 
ATOM   956  C CB  . ILE A 1 110 ? -1.444  -7.664  8.594   1.00 19.48  ? 1088 ILE A CB  1 
ATOM   957  C CG1 . ILE A 1 110 ? -1.792  -6.777  9.779   1.00 21.36  ? 1088 ILE A CG1 1 
ATOM   958  C CG2 . ILE A 1 110 ? -2.698  -8.299  7.965   1.00 20.87  ? 1088 ILE A CG2 1 
ATOM   959  C CD1 . ILE A 1 110 ? -2.653  -5.582  9.451   1.00 19.94  ? 1088 ILE A CD1 1 
ATOM   960  N N   . ILE A 1 111 ? 0.604   -9.395  6.903   1.00 20.15  ? 1089 ILE A N   1 
ATOM   961  C CA  . ILE A 1 111 ? 0.892   -10.289 5.750   1.00 22.36  ? 1089 ILE A CA  1 
ATOM   962  C C   . ILE A 1 111 ? 1.726   -11.502 6.201   1.00 23.72  ? 1089 ILE A C   1 
ATOM   963  O O   . ILE A 1 111 ? 1.458   -12.636 5.757   1.00 22.16  ? 1089 ILE A O   1 
ATOM   964  C CB  . ILE A 1 111 ? 1.487   -9.460  4.585   1.00 22.16  ? 1089 ILE A CB  1 
ATOM   965  C CG1 . ILE A 1 111 ? 0.355   -8.653  3.938   1.00 24.53  ? 1089 ILE A CG1 1 
ATOM   966  C CG2 . ILE A 1 111 ? 2.189   -10.347 3.582   1.00 24.87  ? 1089 ILE A CG2 1 
ATOM   967  C CD1 . ILE A 1 111 ? 0.827   -7.566  3.012   1.00 30.37  ? 1089 ILE A CD1 1 
ATOM   968  N N   . LYS A 1 112 ? 2.702   -11.316 7.073   1.00 22.82  ? 1090 LYS A N   1 
ATOM   969  C CA  . LYS A 1 112 ? 3.479   -12.454 7.607   1.00 25.91  ? 1090 LYS A CA  1 
ATOM   970  C C   . LYS A 1 112 ? 2.558   -13.460 8.310   1.00 24.12  ? 1090 LYS A C   1 
ATOM   971  O O   . LYS A 1 112 ? 2.753   -14.654 8.096   1.00 25.92  ? 1090 LYS A O   1 
ATOM   972  C CB  . LYS A 1 112 ? 4.607   -11.999 8.545   1.00 29.58  ? 1090 LYS A CB  1 
ATOM   973  C CG  . LYS A 1 112 ? 5.626   -13.112 8.805   1.00 38.45  ? 1090 LYS A CG  1 
ATOM   974  C CD  . LYS A 1 112 ? 6.467   -12.905 10.037  1.00 47.78  ? 1090 LYS A CD  1 
ATOM   975  C CE  . LYS A 1 112 ? 7.626   -13.885 10.115  1.00 54.83  ? 1090 LYS A CE  1 
ATOM   976  N NZ  . LYS A 1 112 ? 8.702   -13.333 10.966  1.00 66.69  ? 1090 LYS A NZ  1 
ATOM   977  N N   . GLU A 1 113 ? 1.613   -13.044 9.124   1.00 23.82  ? 1091 GLU A N   1 
ATOM   978  C CA  . GLU A 1 113 ? 0.714   -13.973 9.853   1.00 26.46  ? 1091 GLU A CA  1 
ATOM   979  C C   . GLU A 1 113 ? -0.388  -14.538 8.932   1.00 26.75  ? 1091 GLU A C   1 
ATOM   980  O O   . GLU A 1 113 ? -0.860  -15.657 9.206   1.00 29.71  ? 1091 GLU A O   1 
ATOM   981  C CB  . GLU A 1 113 ? 0.000   -13.331 11.047  1.00 34.07  ? 1091 GLU A CB  1 
ATOM   982  C CG  . GLU A 1 113 ? 0.878   -13.063 12.252  1.00 48.62  ? 1091 GLU A CG  1 
ATOM   983  C CD  . GLU A 1 113 ? 0.116   -12.664 13.521  1.00 64.29  ? 1091 GLU A CD  1 
ATOM   984  O OE1 . GLU A 1 113 ? -0.888  -11.897 13.416  1.00 70.25  ? 1091 GLU A OE1 1 
ATOM   985  O OE2 . GLU A 1 113 ? 0.527   -13.111 14.623  1.00 70.48  ? 1091 GLU A OE2 1 
ATOM   986  N N   . GLU A 1 114 ? -0.909  -13.787 7.973   1.00 20.14  ? 1092 GLU A N   1 
ATOM   987  C CA  . GLU A 1 114 ? -2.211  -14.134 7.328   1.00 20.23  ? 1092 GLU A CA  1 
ATOM   988  C C   . GLU A 1 114 ? -2.081  -14.510 5.849   1.00 20.03  ? 1092 GLU A C   1 
ATOM   989  O O   . GLU A 1 114 ? -3.048  -15.072 5.363   1.00 21.69  ? 1092 GLU A O   1 
ATOM   990  C CB  . GLU A 1 114 ? -3.245  -12.998 7.497   1.00 20.29  ? 1092 GLU A CB  1 
ATOM   991  C CG  . GLU A 1 114 ? -3.545  -12.677 8.983   1.00 23.14  ? 1092 GLU A CG  1 
ATOM   992  C CD  . GLU A 1 114 ? -4.429  -11.484 9.266   1.00 23.48  ? 1092 GLU A CD  1 
ATOM   993  O OE1 . GLU A 1 114 ? -5.278  -11.228 8.443   1.00 22.21  ? 1092 GLU A OE1 1 
ATOM   994  O OE2 . GLU A 1 114 ? -4.294  -10.840 10.326  1.00 22.81  ? 1092 GLU A OE2 1 
ATOM   995  N N   . LEU A 1 115 ? -1.002  -14.187 5.136   1.00 19.01  ? 1093 LEU A N   1 
ATOM   996  C CA  . LEU A 1 115 ? -0.820  -14.636 3.738   1.00 21.24  ? 1093 LEU A CA  1 
ATOM   997  C C   . LEU A 1 115 ? -0.180  -16.038 3.717   1.00 23.44  ? 1093 LEU A C   1 
ATOM   998  O O   . LEU A 1 115 ? 0.941   -16.206 4.190   1.00 23.79  ? 1093 LEU A O   1 
ATOM   999  C CB  . LEU A 1 115 ? 0.075   -13.628 2.992   1.00 21.00  ? 1093 LEU A CB  1 
ATOM   1000 C CG  . LEU A 1 115 ? 0.488   -14.041 1.574   1.00 26.05  ? 1093 LEU A CG  1 
ATOM   1001 C CD1 . LEU A 1 115 ? -0.708  -14.120 0.634   1.00 23.74  ? 1093 LEU A CD1 1 
ATOM   1002 C CD2 . LEU A 1 115 ? 1.579   -13.102 1.028   1.00 25.17  ? 1093 LEU A CD2 1 
ATOM   1003 N N   . ASP A 1 116 ? -0.798  -17.004 3.066   1.00 21.84  ? 1094 ASP A N   1 
ATOM   1004 C CA  . ASP A 1 116 ? -0.155  -18.328 2.828   1.00 22.97  ? 1094 ASP A CA  1 
ATOM   1005 C C   . ASP A 1 116 ? 0.931   -18.161 1.767   1.00 21.47  ? 1094 ASP A C   1 
ATOM   1006 O O   . ASP A 1 116 ? 0.580   -17.709 0.666   1.00 20.74  ? 1094 ASP A O   1 
ATOM   1007 C CB  . ASP A 1 116 ? -1.184  -19.358 2.417   1.00 25.80  ? 1094 ASP A CB  1 
ATOM   1008 C CG  . ASP A 1 116 ? -0.620  -20.763 2.437   1.00 28.96  ? 1094 ASP A CG  1 
ATOM   1009 O OD1 . ASP A 1 116 ? 0.320   -21.028 1.711   1.00 30.59  ? 1094 ASP A OD1 1 
ATOM   1010 O OD2 . ASP A 1 116 ? -1.166  -21.564 3.155   1.00 25.24  ? 1094 ASP A OD2 1 
ATOM   1011 N N   . GLU A 1 117 ? 2.141   -18.658 2.014   1.00 21.40  ? 1095 GLU A N   1 
ATOM   1012 C CA  A GLU A 1 117 ? 3.284   -18.471 1.076   0.62 24.37  ? 1095 GLU A CA  1 
ATOM   1013 C CA  B GLU A 1 117 ? 3.310   -18.512 1.099   0.38 22.65  ? 1095 GLU A CA  1 
ATOM   1014 C C   . GLU A 1 117 ? 3.008   -19.230 -0.227  1.00 21.92  ? 1095 GLU A C   1 
ATOM   1015 O O   . GLU A 1 117 ? 3.489   -18.772 -1.281  1.00 21.05  ? 1095 GLU A O   1 
ATOM   1016 C CB  A GLU A 1 117 ? 4.611   -18.942 1.685   0.62 27.58  ? 1095 GLU A CB  1 
ATOM   1017 C CB  B GLU A 1 117 ? 4.590   -19.037 1.776   0.38 23.43  ? 1095 GLU A CB  1 
ATOM   1018 C CG  A GLU A 1 117 ? 5.237   -17.979 2.669   0.62 33.71  ? 1095 GLU A CG  1 
ATOM   1019 C CG  B GLU A 1 117 ? 4.631   -20.557 1.920   0.38 25.49  ? 1095 GLU A CG  1 
ATOM   1020 C CD  A GLU A 1 117 ? 6.510   -18.520 3.317   0.62 40.82  ? 1095 GLU A CD  1 
ATOM   1021 C CD  B GLU A 1 117 ? 5.809   -21.172 2.674   0.38 27.49  ? 1095 GLU A CD  1 
ATOM   1022 O OE1 A GLU A 1 117 ? 7.255   -19.285 2.635   0.62 40.98  ? 1095 GLU A OE1 1 
ATOM   1023 O OE1 B GLU A 1 117 ? 6.551   -20.439 3.330   0.38 27.43  ? 1095 GLU A OE1 1 
ATOM   1024 O OE2 A GLU A 1 117 ? 6.748   -18.197 4.499   0.62 45.31  ? 1095 GLU A OE2 1 
ATOM   1025 O OE2 B GLU A 1 117 ? 5.951   -22.410 2.622   0.38 31.51  ? 1095 GLU A OE2 1 
ATOM   1026 N N   . ASP A 1 118 ? 2.223   -20.313 -0.189  1.00 21.46  ? 1096 ASP A N   1 
ATOM   1027 C CA  . ASP A 1 118 ? 1.933   -21.080 -1.435  1.00 22.33  ? 1096 ASP A CA  1 
ATOM   1028 C C   . ASP A 1 118 ? 0.865   -20.317 -2.255  1.00 20.82  ? 1096 ASP A C   1 
ATOM   1029 O O   . ASP A 1 118 ? 0.844   -20.478 -3.484  1.00 19.99  ? 1096 ASP A O   1 
ATOM   1030 C CB  . ASP A 1 118 ? 1.507   -22.520 -1.121  1.00 22.62  ? 1096 ASP A CB  1 
ATOM   1031 C CG  . ASP A 1 118 ? 2.603   -23.417 -0.531  1.00 25.70  ? 1096 ASP A CG  1 
ATOM   1032 O OD1 . ASP A 1 118 ? 3.773   -23.145 -0.750  1.00 25.09  ? 1096 ASP A OD1 1 
ATOM   1033 O OD2 . ASP A 1 118 ? 2.251   -24.278 0.237   1.00 29.55  ? 1096 ASP A OD2 1 
ATOM   1034 N N   . PHE A 1 119 ? 0.000   -19.495 -1.619  1.00 19.89  ? 1097 PHE A N   1 
ATOM   1035 C CA  . PHE A 1 119 ? -0.988  -18.659 -2.338  1.00 20.16  ? 1097 PHE A CA  1 
ATOM   1036 C C   . PHE A 1 119 ? -0.191  -17.578 -3.103  1.00 19.67  ? 1097 PHE A C   1 
ATOM   1037 O O   . PHE A 1 119 ? -0.471  -17.360 -4.311  1.00 18.85  ? 1097 PHE A O   1 
ATOM   1038 C CB  . PHE A 1 119 ? -2.079  -18.129 -1.392  1.00 20.86  ? 1097 PHE A CB  1 
ATOM   1039 C CG  . PHE A 1 119 ? -3.088  -17.254 -2.093  1.00 20.92  ? 1097 PHE A CG  1 
ATOM   1040 C CD1 . PHE A 1 119 ? -4.194  -17.807 -2.733  1.00 21.04  ? 1097 PHE A CD1 1 
ATOM   1041 C CD2 . PHE A 1 119 ? -2.841  -15.903 -2.258  1.00 19.37  ? 1097 PHE A CD2 1 
ATOM   1042 C CE1 . PHE A 1 119 ? -5.084  -16.989 -3.417  1.00 21.00  ? 1097 PHE A CE1 1 
ATOM   1043 C CE2 . PHE A 1 119 ? -3.710  -15.097 -2.965  1.00 20.24  ? 1097 PHE A CE2 1 
ATOM   1044 C CZ  . PHE A 1 119 ? -4.831  -15.650 -3.548  1.00 19.22  ? 1097 PHE A CZ  1 
ATOM   1045 N N   . GLU A 1 120 ? 0.740   -16.909 -2.445  1.00 18.35  ? 1098 GLU A N   1 
ATOM   1046 C CA  . GLU A 1 120 ? 1.609   -15.902 -3.117  1.00 19.43  ? 1098 GLU A CA  1 
ATOM   1047 C C   . GLU A 1 120 ? 2.395   -16.570 -4.273  1.00 20.71  ? 1098 GLU A C   1 
ATOM   1048 O O   . GLU A 1 120 ? 2.504   -15.935 -5.344  1.00 22.30  ? 1098 GLU A O   1 
ATOM   1049 C CB  . GLU A 1 120 ? 2.522   -15.227 -2.091  1.00 20.51  ? 1098 GLU A CB  1 
ATOM   1050 C CG  . GLU A 1 120 ? 3.484   -14.203 -2.678  1.00 21.20  ? 1098 GLU A CG  1 
ATOM   1051 C CD  . GLU A 1 120 ? 2.901   -13.003 -3.421  1.00 21.66  ? 1098 GLU A CD  1 
ATOM   1052 O OE1 . GLU A 1 120 ? 1.695   -12.771 -3.326  1.00 21.21  ? 1098 GLU A OE1 1 
ATOM   1053 O OE2 . GLU A 1 120 ? 3.686   -12.285 -4.119  1.00 23.21  ? 1098 GLU A OE2 1 
ATOM   1054 N N   . GLN A 1 121 ? 2.982   -17.768 -4.079  1.00 20.92  ? 1099 GLN A N   1 
ATOM   1055 C CA  . GLN A 1 121 ? 3.812   -18.428 -5.136  1.00 21.30  ? 1099 GLN A CA  1 
ATOM   1056 C C   . GLN A 1 121 ? 2.920   -18.690 -6.361  1.00 20.57  ? 1099 GLN A C   1 
ATOM   1057 O O   . GLN A 1 121 ? 3.398   -18.438 -7.474  1.00 21.31  ? 1099 GLN A O   1 
ATOM   1058 C CB  . GLN A 1 121 ? 4.489   -19.667 -4.551  1.00 23.93  ? 1099 GLN A CB  1 
ATOM   1059 C CG  . GLN A 1 121 ? 5.449   -20.364 -5.502  1.00 24.80  ? 1099 GLN A CG  1 
ATOM   1060 C CD  . GLN A 1 121 ? 6.622   -19.470 -5.774  1.00 29.41  ? 1099 GLN A CD  1 
ATOM   1061 O OE1 . GLN A 1 121 ? 7.054   -18.730 -4.893  1.00 27.97  ? 1099 GLN A OE1 1 
ATOM   1062 N NE2 . GLN A 1 121 ? 7.118   -19.534 -6.996  1.00 26.60  ? 1099 GLN A NE2 1 
ATOM   1063 N N   . LEU A 1 122 ? 1.666   -19.175 -6.167  1.00 19.30  ? 1100 LEU A N   1 
ATOM   1064 C CA  . LEU A 1 122 ? 0.689   -19.375 -7.264  1.00 19.55  ? 1100 LEU A CA  1 
ATOM   1065 C C   . LEU A 1 122 ? 0.463   -18.053 -8.024  1.00 22.49  ? 1100 LEU A C   1 
ATOM   1066 O O   . LEU A 1 122 ? 0.517   -18.069 -9.294  1.00 21.07  ? 1100 LEU A O   1 
ATOM   1067 C CB  . LEU A 1 122 ? -0.610  -19.993 -6.718  1.00 19.28  ? 1100 LEU A CB  1 
ATOM   1068 C CG  . LEU A 1 122 ? -1.692  -20.156 -7.766  1.00 20.33  ? 1100 LEU A CG  1 
ATOM   1069 C CD1 . LEU A 1 122 ? -1.199  -21.020 -8.947  1.00 23.42  ? 1100 LEU A CD1 1 
ATOM   1070 C CD2 . LEU A 1 122 ? -2.968  -20.716 -7.152  1.00 20.84  ? 1100 LEU A CD2 1 
ATOM   1071 N N   . CYS A 1 123 ? 0.190   -16.927 -7.324  1.00 19.83  ? 1101 CYS A N   1 
ATOM   1072 C CA  . CYS A 1 123 ? -0.071  -15.598 -7.961  1.00 19.42  ? 1101 CYS A CA  1 
ATOM   1073 C C   . CYS A 1 123 ? 1.151   -15.223 -8.819  1.00 20.34  ? 1101 CYS A C   1 
ATOM   1074 O O   . CYS A 1 123 ? 0.934   -14.815 -9.965  1.00 22.54  ? 1101 CYS A O   1 
ATOM   1075 C CB  . CYS A 1 123 ? -0.375  -14.514 -6.921  1.00 20.23  ? 1101 CYS A CB  1 
ATOM   1076 S SG  . CYS A 1 123 ? -1.981  -14.702 -6.116  1.00 21.70  ? 1101 CYS A SG  1 
ATOM   1077 N N   . GLU A 1 124 ? 2.376   -15.468 -8.338  1.00 20.60  ? 1102 GLU A N   1 
ATOM   1078 C CA  . GLU A 1 124 ? 3.627   -15.050 -9.017  1.00 22.83  ? 1102 GLU A CA  1 
ATOM   1079 C C   . GLU A 1 124 ? 3.784   -15.926 -10.276 1.00 25.98  ? 1102 GLU A C   1 
ATOM   1080 O O   . GLU A 1 124 ? 4.196   -15.417 -11.351 1.00 25.57  ? 1102 GLU A O   1 
ATOM   1081 C CB  . GLU A 1 124 ? 4.826   -15.128 -8.046  1.00 25.14  ? 1102 GLU A CB  1 
ATOM   1082 C CG  . GLU A 1 124 ? 4.843   -14.027 -6.959  1.00 28.44  ? 1102 GLU A CG  1 
ATOM   1083 C CD  . GLU A 1 124 ? 5.991   -14.045 -5.939  1.00 30.82  ? 1102 GLU A CD  1 
ATOM   1084 O OE1 . GLU A 1 124 ? 6.950   -14.720 -6.235  1.00 34.72  ? 1102 GLU A OE1 1 
ATOM   1085 O OE2 . GLU A 1 124 ? 5.925   -13.374 -4.823  1.00 27.32  ? 1102 GLU A OE2 1 
ATOM   1086 N N   . GLU A 1 125 ? 3.425   -17.215 -10.201 1.00 23.37  ? 1103 GLU A N   1 
ATOM   1087 C CA  . GLU A 1 125 ? 3.609   -18.152 -11.349 1.00 24.11  ? 1103 GLU A CA  1 
ATOM   1088 C C   . GLU A 1 125 ? 2.583   -17.818 -12.435 1.00 25.27  ? 1103 GLU A C   1 
ATOM   1089 O O   . GLU A 1 125 ? 3.009   -17.779 -13.599 1.00 29.28  ? 1103 GLU A O   1 
ATOM   1090 C CB  . GLU A 1 125 ? 3.671   -19.630 -10.910 1.00 22.02  ? 1103 GLU A CB  1 
ATOM   1091 C CG  . GLU A 1 125 ? 4.920   -19.945 -10.126 1.00 23.26  ? 1103 GLU A CG  1 
ATOM   1092 C CD  . GLU A 1 125 ? 5.174   -21.374 -9.639  1.00 23.07  ? 1103 GLU A CD  1 
ATOM   1093 O OE1 . GLU A 1 125 ? 4.327   -22.286 -9.926  1.00 23.84  ? 1103 GLU A OE1 1 
ATOM   1094 O OE2 . GLU A 1 125 ? 6.188   -21.540 -8.915  1.00 24.12  ? 1103 GLU A OE2 1 
ATOM   1095 N N   . ILE A 1 126 ? 1.321   -17.506 -12.119 1.00 24.03  ? 1104 ILE A N   1 
ATOM   1096 C CA  . ILE A 1 126 ? 0.328   -17.059 -13.118 1.00 24.04  ? 1104 ILE A CA  1 
ATOM   1097 C C   . ILE A 1 126 ? 0.822   -15.741 -13.759 1.00 31.90  ? 1104 ILE A C   1 
ATOM   1098 O O   . ILE A 1 126 ? 0.769   -15.644 -15.015 1.00 29.59  ? 1104 ILE A O   1 
ATOM   1099 C CB  . ILE A 1 126 ? -1.082  -16.905 -12.545 1.00 23.48  ? 1104 ILE A CB  1 
ATOM   1100 C CG1 . ILE A 1 126 ? -1.598  -18.164 -11.854 1.00 24.47  ? 1104 ILE A CG1 1 
ATOM   1101 C CG2 . ILE A 1 126 ? -2.042  -16.414 -13.631 1.00 26.31  ? 1104 ILE A CG2 1 
ATOM   1102 C CD1 . ILE A 1 126 ? -2.801  -17.914 -10.993 1.00 24.13  ? 1104 ILE A CD1 1 
ATOM   1103 N N   . GLN A 1 127 ? 1.265   -14.751 -12.962 1.00 28.47  ? 1105 GLN A N   1 
ATOM   1104 C CA  . GLN A 1 127 ? 1.807   -13.449 -13.484 1.00 31.50  ? 1105 GLN A CA  1 
ATOM   1105 C C   . GLN A 1 127 ? 2.948   -13.719 -14.496 1.00 34.28  ? 1105 GLN A C   1 
ATOM   1106 O O   . GLN A 1 127 ? 2.876   -13.202 -15.639 1.00 33.78  ? 1105 GLN A O   1 
ATOM   1107 C CB  . GLN A 1 127 ? 2.308   -12.536 -12.350 1.00 31.59  ? 1105 GLN A CB  1 
ATOM   1108 C CG  . GLN A 1 127 ? 2.955   -11.228 -12.820 1.00 33.46  ? 1105 GLN A CG  1 
ATOM   1109 C CD  . GLN A 1 127 ? 3.401   -10.384 -11.651 1.00 35.66  ? 1105 GLN A CD  1 
ATOM   1110 O OE1 . GLN A 1 127 ? 4.251   -10.805 -10.858 1.00 35.10  ? 1105 GLN A OE1 1 
ATOM   1111 N NE2 . GLN A 1 127 ? 2.828   -9.189  -11.523 1.00 36.74  ? 1105 GLN A NE2 1 
ATOM   1112 N N   A GLU A 1 128 ? 3.985   -14.453 -14.085 0.60 33.85  ? 1106 GLU A N   1 
ATOM   1113 N N   B GLU A 1 128 ? 3.941   -14.522 -14.107 0.40 32.58  ? 1106 GLU A N   1 
ATOM   1114 C CA  A GLU A 1 128 ? 5.140   -14.839 -14.949 0.60 37.88  ? 1106 GLU A CA  1 
ATOM   1115 C CA  B GLU A 1 128 ? 5.147   -14.803 -14.934 0.40 34.30  ? 1106 GLU A CA  1 
ATOM   1116 C C   A GLU A 1 128 ? 4.630   -15.412 -16.284 0.60 40.83  ? 1106 GLU A C   1 
ATOM   1117 C C   B GLU A 1 128 ? 4.796   -15.643 -16.174 0.40 38.01  ? 1106 GLU A C   1 
ATOM   1118 O O   A GLU A 1 128 ? 5.155   -15.042 -17.356 0.60 39.48  ? 1106 GLU A O   1 
ATOM   1119 O O   B GLU A 1 128 ? 5.685   -15.743 -17.050 0.40 36.02  ? 1106 GLU A O   1 
ATOM   1120 C CB  A GLU A 1 128 ? 6.042   -15.832 -14.215 0.60 41.06  ? 1106 GLU A CB  1 
ATOM   1121 C CB  B GLU A 1 128 ? 6.232   -15.501 -14.116 0.40 33.44  ? 1106 GLU A CB  1 
ATOM   1122 C CG  A GLU A 1 128 ? 7.246   -15.189 -13.541 0.60 46.44  ? 1106 GLU A CG  1 
ATOM   1123 C CG  B GLU A 1 128 ? 7.410   -15.967 -14.963 0.40 35.57  ? 1106 GLU A CG  1 
ATOM   1124 C CD  A GLU A 1 128 ? 7.517   -15.601 -12.101 0.60 50.20  ? 1106 GLU A CD  1 
ATOM   1125 C CD  B GLU A 1 128 ? 8.154   -14.859 -15.691 0.40 33.96  ? 1106 GLU A CD  1 
ATOM   1126 O OE1 A GLU A 1 128 ? 7.223   -16.755 -11.733 0.60 54.07  ? 1106 GLU A OE1 1 
ATOM   1127 O OE1 B GLU A 1 128 ? 8.794   -15.151 -16.722 0.40 33.53  ? 1106 GLU A OE1 1 
ATOM   1128 O OE2 A GLU A 1 128 ? 8.010   -14.752 -11.340 0.60 57.68  ? 1106 GLU A OE2 1 
ATOM   1129 O OE2 B GLU A 1 128 ? 8.100   -13.709 -15.217 0.40 33.76  ? 1106 GLU A OE2 1 
ATOM   1130 N N   . SER A 1 129 ? 3.594   -16.242 -16.239 1.00 38.84  ? 1107 SER A N   1 
ATOM   1131 C CA  . SER A 1 129 ? 3.085   -17.008 -17.415 1.00 44.77  ? 1107 SER A CA  1 
ATOM   1132 C C   . SER A 1 129 ? 2.401   -16.081 -18.427 1.00 46.29  ? 1107 SER A C   1 
ATOM   1133 O O   . SER A 1 129 ? 2.100   -16.575 -19.517 1.00 49.25  ? 1107 SER A O   1 
ATOM   1134 C CB  . SER A 1 129 ? 2.110   -18.117 -17.020 1.00 40.19  ? 1107 SER A CB  1 
ATOM   1135 O OG  . SER A 1 129 ? 0.764   -17.609 -16.919 1.00 35.84  ? 1107 SER A OG  1 
ATOM   1136 N N   . ARG A 1 130 ? 2.068   -14.836 -18.078 1.00 45.19  ? 1108 ARG A N   1 
ATOM   1137 C CA  . ARG A 1 130 ? 1.198   -13.992 -18.939 1.00 50.64  ? 1108 ARG A CA  1 
ATOM   1138 C C   . ARG A 1 130 ? 2.085   -13.137 -19.846 1.00 57.20  ? 1108 ARG A C   1 
ATOM   1139 O O   . ARG A 1 130 ? 3.324   -13.103 -19.675 1.00 57.10  ? 1108 ARG A O   1 
ATOM   1140 C CB  . ARG A 1 130 ? 0.225   -13.146 -18.114 1.00 51.54  ? 1108 ARG A CB  1 
ATOM   1141 C CG  . ARG A 1 130 ? -0.674  -14.004 -17.239 1.00 54.90  ? 1108 ARG A CG  1 
ATOM   1142 C CD  . ARG A 1 130 ? -2.079  -13.488 -17.055 1.00 57.74  ? 1108 ARG A CD  1 
ATOM   1143 N NE  . ARG A 1 130 ? -3.007  -14.588 -16.779 1.00 52.14  ? 1108 ARG A NE  1 
ATOM   1144 C CZ  . ARG A 1 130 ? -4.209  -14.427 -16.225 1.00 50.22  ? 1108 ARG A CZ  1 
ATOM   1145 N NH1 . ARG A 1 130 ? -4.623  -13.201 -15.927 1.00 54.65  ? 1108 ARG A NH1 1 
ATOM   1146 N NH2 . ARG A 1 130 ? -4.997  -15.471 -15.990 1.00 43.40  ? 1108 ARG A NH2 1 
ATOM   1147 O OXT . ARG A 1 130 ? 1.497   -12.508 -20.749 1.00 60.21  ? 1108 ARG A OXT 1 
HETATM 1148 N N1  . GX4 B 2 .   ? 2.368   15.739  4.897   1.00 47.03  ? 1201 GX4 A N1  1 
HETATM 1149 C C4  . GX4 B 2 .   ? 2.501   20.931  5.277   1.00 75.81  ? 1201 GX4 A C4  1 
HETATM 1150 C C5  . GX4 B 2 .   ? 2.224   22.307  5.291   1.00 80.25  ? 1201 GX4 A C5  1 
HETATM 1151 C C6  . GX4 B 2 .   ? 3.194   18.072  5.055   1.00 51.61  ? 1201 GX4 A C6  1 
HETATM 1152 C C7  . GX4 B 2 .   ? 3.497   16.618  5.336   1.00 46.88  ? 1201 GX4 A C7  1 
HETATM 1153 C C8  . GX4 B 2 .   ? 1.045   16.102  5.596   1.00 48.76  ? 1201 GX4 A C8  1 
HETATM 1154 C C10 . GX4 B 2 .   ? 2.631   14.404  4.410   1.00 37.66  ? 1201 GX4 A C10 1 
HETATM 1155 C C13 . GX4 B 2 .   ? 1.936   11.938  4.250   1.00 42.32  ? 1201 GX4 A C13 1 
HETATM 1156 O O   . GX4 B 2 .   ? 3.733   14.113  3.977   1.00 30.19  ? 1201 GX4 A O   1 
HETATM 1157 C C11 . GX4 B 2 .   ? 1.555   13.367  4.488   1.00 42.31  ? 1201 GX4 A C11 1 
HETATM 1158 C C12 . GX4 B 2 .   ? 1.162   12.700  3.209   1.00 40.19  ? 1201 GX4 A C12 1 
HETATM 1159 C C9  . GX4 B 2 .   ? 0.703   17.547  5.190   1.00 52.41  ? 1201 GX4 A C9  1 
HETATM 1160 N N   . GX4 B 2 .   ? 1.837   18.520  5.566   1.00 57.58  ? 1201 GX4 A N   1 
HETATM 1161 C C3  . GX4 B 2 .   ? 1.477   19.961  5.576   1.00 65.00  ? 1201 GX4 A C3  1 
HETATM 1162 C C2  . GX4 B 2 .   ? 0.181   20.447  5.871   1.00 69.63  ? 1201 GX4 A C2  1 
HETATM 1163 C C1  . GX4 B 2 .   ? -0.091  21.821  5.882   1.00 79.51  ? 1201 GX4 A C1  1 
HETATM 1164 C C   . GX4 B 2 .   ? 0.925   22.737  5.602   1.00 80.48  ? 1201 GX4 A C   1 
HETATM 1165 F F   . GX4 B 2 .   ? 0.648   24.038  5.650   1.00 89.87  ? 1201 GX4 A F   1 
HETATM 1166 S S   . SO4 C 3 .   ? 18.977  16.392  18.158  1.00 31.73  ? 1202 SO4 A S   1 
HETATM 1167 O O1  . SO4 C 3 .   ? 19.416  17.572  18.842  1.00 31.18  ? 1202 SO4 A O1  1 
HETATM 1168 O O2  . SO4 C 3 .   ? 18.351  16.845  16.932  1.00 29.70  ? 1202 SO4 A O2  1 
HETATM 1169 O O3  . SO4 C 3 .   ? 20.067  15.479  17.969  1.00 29.54  ? 1202 SO4 A O3  1 
HETATM 1170 O O4  . SO4 C 3 .   ? 17.940  15.683  18.930  1.00 36.91  ? 1202 SO4 A O4  1 
HETATM 1171 S S   . SO4 D 3 .   ? 0.231   1.629   -12.824 0.50 29.66  ? 1203 SO4 A S   1 
HETATM 1172 O O1  . SO4 D 3 .   ? 1.326   1.325   -13.717 0.60 211.27 ? 1203 SO4 A O1  1 
HETATM 1173 O O2  . SO4 D 3 .   ? -0.756  2.555   -13.433 0.60 18.36  ? 1203 SO4 A O2  1 
HETATM 1174 O O3  . SO4 D 3 .   ? -0.375  0.365   -12.488 0.60 37.65  ? 1203 SO4 A O3  1 
HETATM 1175 O O4  . SO4 D 3 .   ? 0.729   2.236   -11.591 0.60 60.29  ? 1203 SO4 A O4  1 
HETATM 1176 C C1  . EDO E 4 .   ? -4.144  -15.273 1.593   0.90 28.03  ? 1204 EDO A C1  1 
HETATM 1177 O O1  . EDO E 4 .   ? -3.596  -16.541 1.875   0.90 26.41  ? 1204 EDO A O1  1 
HETATM 1178 C C2  . EDO E 4 .   ? -5.206  -15.272 0.568   0.90 23.30  ? 1204 EDO A C2  1 
HETATM 1179 O O2  . EDO E 4 .   ? -6.445  -15.757 1.060   0.90 22.80  ? 1204 EDO A O2  1 
HETATM 1180 C C1  . EDO F 4 .   ? -3.464  -18.223 6.043   0.74 38.21  ? 1205 EDO A C1  1 
HETATM 1181 O O1  . EDO F 4 .   ? -3.807  -18.644 7.328   0.74 39.93  ? 1205 EDO A O1  1 
HETATM 1182 C C2  . EDO F 4 .   ? -2.011  -18.349 5.807   0.74 41.98  ? 1205 EDO A C2  1 
HETATM 1183 O O2  . EDO F 4 .   ? -1.208  -18.167 6.944   0.74 41.42  ? 1205 EDO A O2  1 
HETATM 1184 C C1  . EDO G 4 .   ? -5.825  5.361   -8.489  1.00 35.50  ? 1206 EDO A C1  1 
HETATM 1185 O O1  . EDO G 4 .   ? -4.478  5.686   -8.715  1.00 37.40  ? 1206 EDO A O1  1 
HETATM 1186 C C2  . EDO G 4 .   ? -6.628  5.305   -9.751  1.00 37.91  ? 1206 EDO A C2  1 
HETATM 1187 O O2  . EDO G 4 .   ? -7.001  6.596   -10.209 1.00 38.87  ? 1206 EDO A O2  1 
HETATM 1188 C C1  . EDO H 4 .   ? 5.533   -10.585 0.484   1.00 62.84  ? 1207 EDO A C1  1 
HETATM 1189 O O1  . EDO H 4 .   ? 5.564   -10.930 -0.887  1.00 53.22  ? 1207 EDO A O1  1 
HETATM 1190 C C2  . EDO H 4 .   ? 5.865   -11.723 1.336   1.00 62.29  ? 1207 EDO A C2  1 
HETATM 1191 O O2  . EDO H 4 .   ? 5.615   -12.909 0.608   1.00 65.82  ? 1207 EDO A O2  1 
HETATM 1192 O O   . HOH I 5 .   ? 18.700  17.346  20.907  1.00 54.67  ? 1301 HOH A O   1 
HETATM 1193 O O   . HOH I 5 .   ? -2.792  -11.037 12.282  1.00 44.44  ? 1302 HOH A O   1 
HETATM 1194 O O   . HOH I 5 .   ? 9.539   21.341  0.230   1.00 50.21  ? 1303 HOH A O   1 
HETATM 1195 O O   . HOH I 5 .   ? 4.946   -15.159 1.098   1.00 35.24  ? 1304 HOH A O   1 
HETATM 1196 O O   . HOH I 5 .   ? -18.664 -11.099 -3.686  1.00 37.70  ? 1305 HOH A O   1 
HETATM 1197 O O   . HOH I 5 .   ? -5.927  -22.897 -14.506 1.00 57.12  ? 1306 HOH A O   1 
HETATM 1198 O O   . HOH I 5 .   ? -0.790  -19.797 -15.972 1.00 39.80  ? 1307 HOH A O   1 
HETATM 1199 O O   . HOH I 5 .   ? 10.519  19.265  6.930   1.00 39.30  ? 1308 HOH A O   1 
HETATM 1200 O O   . HOH I 5 .   ? -8.610  -10.936 -12.659 1.00 45.00  ? 1309 HOH A O   1 
HETATM 1201 O O   . HOH I 5 .   ? 8.550   -3.006  -1.847  1.00 32.70  ? 1310 HOH A O   1 
HETATM 1202 O O   . HOH I 5 .   ? 16.797  17.974  7.666   1.00 46.18  ? 1311 HOH A O   1 
HETATM 1203 O O   . HOH I 5 .   ? 8.055   5.713   -8.060  1.00 29.57  ? 1312 HOH A O   1 
HETATM 1204 O O   . HOH I 5 .   ? 1.213   6.207   -9.602  1.00 26.12  ? 1313 HOH A O   1 
HETATM 1205 O O   . HOH I 5 .   ? 5.735   -12.852 -11.057 1.00 42.10  ? 1314 HOH A O   1 
HETATM 1206 O O   . HOH I 5 .   ? -18.127 -11.537 -8.703  1.00 40.78  ? 1315 HOH A O   1 
HETATM 1207 O O   . HOH I 5 .   ? -14.513 -1.119  -3.672  1.00 44.25  ? 1316 HOH A O   1 
HETATM 1208 O O   . HOH I 5 .   ? -11.229 -22.838 -16.807 1.00 76.54  ? 1317 HOH A O   1 
HETATM 1209 O O   . HOH I 5 .   ? 0.968   -0.321  -10.426 1.00 32.04  ? 1318 HOH A O   1 
HETATM 1210 O O   . HOH I 5 .   ? -0.406  4.057   -10.160 1.00 24.13  ? 1319 HOH A O   1 
HETATM 1211 O O   . HOH I 5 .   ? 4.357   14.707  -8.334  1.00 39.26  ? 1320 HOH A O   1 
HETATM 1212 O O   . HOH I 5 .   ? 7.010   0.232   13.635  1.00 46.87  ? 1321 HOH A O   1 
HETATM 1213 O O   . HOH I 5 .   ? 12.753  7.757   1.717   1.00 48.75  ? 1322 HOH A O   1 
HETATM 1214 O O   . HOH I 5 .   ? 3.317   15.421  12.226  1.00 32.03  ? 1323 HOH A O   1 
HETATM 1215 O O   . HOH I 5 .   ? -0.379  13.837  -7.970  1.00 50.85  ? 1324 HOH A O   1 
HETATM 1216 O O   . HOH I 5 .   ? 3.646   0.361   -14.414 1.00 42.11  ? 1325 HOH A O   1 
HETATM 1217 O O   . HOH I 5 .   ? 10.528  0.386   12.492  1.00 54.28  ? 1326 HOH A O   1 
HETATM 1218 O O   . HOH I 5 .   ? -4.432  3.387   16.636  1.00 55.20  ? 1327 HOH A O   1 
HETATM 1219 O O   . HOH I 5 .   ? 14.116  11.067  6.499   1.00 36.29  ? 1328 HOH A O   1 
HETATM 1220 O O   . HOH I 5 .   ? -2.597  -17.083 -17.460 1.00 55.55  ? 1329 HOH A O   1 
HETATM 1221 O O   . HOH I 5 .   ? 9.772   8.049   -2.168  1.00 26.46  ? 1330 HOH A O   1 
HETATM 1222 O O   . HOH I 5 .   ? 4.755   -19.482 -14.579 1.00 33.77  ? 1331 HOH A O   1 
HETATM 1223 O O   . HOH I 5 .   ? -13.208 -11.686 -11.468 1.00 62.45  ? 1332 HOH A O   1 
HETATM 1224 O O   . HOH I 5 .   ? -7.126  -1.249  12.579  1.00 32.64  ? 1333 HOH A O   1 
HETATM 1225 O O   . HOH I 5 .   ? 5.726   -21.934 -2.066  1.00 36.57  ? 1334 HOH A O   1 
HETATM 1226 O O   . HOH I 5 .   ? 8.259   1.194   -3.379  1.00 23.76  ? 1335 HOH A O   1 
HETATM 1227 O O   . HOH I 5 .   ? 14.738  14.531  2.163   1.00 39.85  ? 1336 HOH A O   1 
HETATM 1228 O O   . HOH I 5 .   ? 4.483   12.147  2.339   1.00 27.19  ? 1337 HOH A O   1 
HETATM 1229 O O   . HOH I 5 .   ? -1.557  10.213  -3.280  1.00 31.64  ? 1338 HOH A O   1 
HETATM 1230 O O   . HOH I 5 .   ? -12.790 1.601   -6.423  1.00 30.15  ? 1339 HOH A O   1 
HETATM 1231 O O   . HOH I 5 .   ? -10.272 5.946   7.367   1.00 39.28  ? 1340 HOH A O   1 
HETATM 1232 O O   . HOH I 5 .   ? 2.979   -1.978  -7.606  1.00 38.21  ? 1341 HOH A O   1 
HETATM 1233 O O   . HOH I 5 .   ? 6.789   -5.905  10.463  1.00 28.16  ? 1342 HOH A O   1 
HETATM 1234 O O   . HOH I 5 .   ? -0.842  -3.633  -13.153 1.00 38.47  ? 1343 HOH A O   1 
HETATM 1235 O O   . HOH I 5 .   ? 0.403   -1.864  14.651  1.00 28.96  ? 1344 HOH A O   1 
HETATM 1236 O O   . HOH I 5 .   ? 7.414   3.416   14.223  1.00 29.66  ? 1345 HOH A O   1 
HETATM 1237 O O   . HOH I 5 .   ? 7.440   14.175  17.687  1.00 27.24  ? 1346 HOH A O   1 
HETATM 1238 O O   . HOH I 5 .   ? 7.564   18.678  6.657   1.00 44.80  ? 1347 HOH A O   1 
HETATM 1239 O O   . HOH I 5 .   ? -10.341 -12.146 -11.404 1.00 31.25  ? 1348 HOH A O   1 
HETATM 1240 O O   . HOH I 5 .   ? 20.228  12.891  17.157  1.00 55.41  ? 1349 HOH A O   1 
HETATM 1241 O O   . HOH I 5 .   ? -6.518  -20.309 -5.873  1.00 34.88  ? 1350 HOH A O   1 
HETATM 1242 O O   . HOH I 5 .   ? -6.630  -19.727 0.008   1.00 25.45  ? 1351 HOH A O   1 
HETATM 1243 O O   . HOH I 5 .   ? 0.505   9.329   1.711   1.00 24.41  ? 1352 HOH A O   1 
HETATM 1244 O O   . HOH I 5 .   ? 5.258   -9.716  -8.301  1.00 36.01  ? 1353 HOH A O   1 
HETATM 1245 O O   . HOH I 5 .   ? 5.774   -9.860  5.625   1.00 33.89  ? 1354 HOH A O   1 
HETATM 1246 O O   . HOH I 5 .   ? -14.448 -15.810 -6.392  0.50 46.01  ? 1355 HOH A O   1 
HETATM 1247 O O   . HOH I 5 .   ? -10.734 -5.362  7.313   1.00 48.29  ? 1356 HOH A O   1 
HETATM 1248 O O   . HOH I 5 .   ? 8.824   -21.757 -9.622  1.00 36.50  ? 1357 HOH A O   1 
HETATM 1249 O O   . HOH I 5 .   ? -12.260 -7.706  1.504   1.00 16.48  ? 1358 HOH A O   1 
HETATM 1250 O O   . HOH I 5 .   ? 2.609   2.789   -8.219  1.00 25.80  ? 1359 HOH A O   1 
HETATM 1251 O O   . HOH I 5 .   ? -3.287  4.180   -10.680 1.00 31.75  ? 1360 HOH A O   1 
HETATM 1252 O O   . HOH I 5 .   ? -6.742  -1.457  -15.144 1.00 50.20  ? 1361 HOH A O   1 
HETATM 1253 O O   . HOH I 5 .   ? 5.618   -17.035 -1.470  1.00 43.00  ? 1362 HOH A O   1 
HETATM 1254 O O   . HOH I 5 .   ? 2.611   -23.039 -11.944 1.00 25.72  ? 1363 HOH A O   1 
HETATM 1255 O O   . HOH I 5 .   ? -9.735  10.196  5.768   1.00 50.99  ? 1364 HOH A O   1 
HETATM 1256 O O   . HOH I 5 .   ? 13.489  21.006  12.476  1.00 53.84  ? 1365 HOH A O   1 
HETATM 1257 O O   . HOH I 5 .   ? -7.225  -10.131 4.904   1.00 40.07  ? 1366 HOH A O   1 
HETATM 1258 O O   . HOH I 5 .   ? 12.572  15.822  -5.492  1.00 45.98  ? 1367 HOH A O   1 
HETATM 1259 O O   . HOH I 5 .   ? 15.698  12.263  8.339   1.00 43.01  ? 1368 HOH A O   1 
HETATM 1260 O O   . HOH I 5 .   ? -10.410 -1.497  1.867   0.70 39.60  ? 1369 HOH A O   1 
HETATM 1261 O O   . HOH I 5 .   ? 12.630  1.931   10.196  1.00 53.16  ? 1370 HOH A O   1 
HETATM 1262 O O   . HOH I 5 .   ? 2.533   10.416  -0.998  1.00 24.12  ? 1371 HOH A O   1 
HETATM 1263 O O   . HOH I 5 .   ? 0.622   8.653   -8.205  1.00 29.99  ? 1372 HOH A O   1 
HETATM 1264 O O   . HOH I 5 .   ? 1.743   -7.978  -13.770 1.00 48.23  ? 1373 HOH A O   1 
HETATM 1265 O O   . HOH I 5 .   ? 13.521  5.637   -1.481  1.00 64.09  ? 1374 HOH A O   1 
HETATM 1266 O O   . HOH I 5 .   ? 20.286  18.421  15.713  1.00 38.67  ? 1375 HOH A O   1 
HETATM 1267 O O   . HOH I 5 .   ? -7.074  6.623   9.968   1.00 24.71  ? 1376 HOH A O   1 
HETATM 1268 O O   . HOH I 5 .   ? 3.727   -11.136 11.825  1.00 44.06  ? 1377 HOH A O   1 
HETATM 1269 O O   . HOH I 5 .   ? -2.071  10.402  11.166  1.00 25.76  ? 1378 HOH A O   1 
HETATM 1270 O O   . HOH I 5 .   ? 5.767   17.706  9.263   1.00 60.73  ? 1379 HOH A O   1 
HETATM 1271 O O   . HOH I 5 .   ? 9.465   2.071   2.520   1.00 32.28  ? 1380 HOH A O   1 
HETATM 1272 O O   . HOH I 5 .   ? -2.580  -0.478  -15.798 1.00 47.87  ? 1381 HOH A O   1 
HETATM 1273 O O   . HOH I 5 .   ? -8.280  -16.328 -17.522 1.00 51.24  ? 1382 HOH A O   1 
HETATM 1274 O O   . HOH I 5 .   ? 7.070   -19.159 -13.177 1.00 37.87  ? 1383 HOH A O   1 
HETATM 1275 O O   . HOH I 5 .   ? -7.579  -14.440 3.283   1.00 19.42  ? 1384 HOH A O   1 
HETATM 1276 O O   . HOH I 5 .   ? -5.865  -14.924 5.459   1.00 25.05  ? 1385 HOH A O   1 
HETATM 1277 O O   . HOH I 5 .   ? 3.247   9.541   2.074   1.00 27.52  ? 1386 HOH A O   1 
HETATM 1278 O O   . HOH I 5 .   ? -7.157  15.246  -0.598  1.00 49.13  ? 1387 HOH A O   1 
HETATM 1279 O O   . HOH I 5 .   ? 5.704   13.756  -11.068 1.00 32.84  ? 1388 HOH A O   1 
HETATM 1280 O O   . HOH I 5 .   ? -1.240  11.003  2.110   1.00 38.97  ? 1389 HOH A O   1 
HETATM 1281 O O   . HOH I 5 .   ? -8.614  7.209   -5.930  1.00 34.42  ? 1390 HOH A O   1 
HETATM 1282 O O   . HOH I 5 .   ? 7.480   -5.547  -2.705  1.00 29.25  ? 1391 HOH A O   1 
HETATM 1283 O O   . HOH I 5 .   ? 6.471   -16.322 -3.519  1.00 52.11  ? 1392 HOH A O   1 
HETATM 1284 O O   . HOH I 5 .   ? -4.655  -6.604  12.881  1.00 38.87  ? 1393 HOH A O   1 
HETATM 1285 O O   . HOH I 5 .   ? 10.649  9.260   14.323  1.00 37.78  ? 1394 HOH A O   1 
HETATM 1286 O O   . HOH I 5 .   ? 7.521   20.597  14.846  1.00 39.11  ? 1395 HOH A O   1 
HETATM 1287 O O   . HOH I 5 .   ? 0.091   -23.979 2.337   1.00 40.64  ? 1396 HOH A O   1 
HETATM 1288 O O   . HOH I 5 .   ? -7.670  8.727   -4.316  1.00 42.03  ? 1397 HOH A O   1 
HETATM 1289 O O   . HOH I 5 .   ? 6.385   3.333   -10.583 1.00 49.31  ? 1398 HOH A O   1 
HETATM 1290 O O   . HOH I 5 .   ? 6.901   16.816  -10.261 1.00 52.31  ? 1399 HOH A O   1 
HETATM 1291 O O   . HOH I 5 .   ? 2.588   -19.829 4.582   1.00 30.34  ? 1400 HOH A O   1 
HETATM 1292 O O   . HOH I 5 .   ? 7.939   9.529   -5.162  1.00 22.23  ? 1401 HOH A O   1 
HETATM 1293 O O   . HOH I 5 .   ? 15.741  13.605  13.292  1.00 33.40  ? 1402 HOH A O   1 
HETATM 1294 O O   . HOH I 5 .   ? 1.379   19.623  -4.351  1.00 45.69  ? 1403 HOH A O   1 
HETATM 1295 O O   . HOH I 5 .   ? 5.257   1.265   -6.396  1.00 32.92  ? 1404 HOH A O   1 
HETATM 1296 O O   . HOH I 5 .   ? 9.704   3.044   -1.962  1.00 29.98  ? 1405 HOH A O   1 
HETATM 1297 O O   . HOH I 5 .   ? -5.422  10.927  13.954  1.00 40.14  ? 1406 HOH A O   1 
HETATM 1298 O O   . HOH I 5 .   ? 11.793  16.447  18.051  1.00 23.27  ? 1407 HOH A O   1 
HETATM 1299 O O   . HOH I 5 .   ? -5.683  -5.555  -7.897  1.00 18.41  ? 1408 HOH A O   1 
HETATM 1300 O O   . HOH I 5 .   ? -4.880  11.930  4.361   1.00 51.79  ? 1409 HOH A O   1 
HETATM 1301 O O   . HOH I 5 .   ? -5.056  -18.956 2.514   1.00 40.05  ? 1410 HOH A O   1 
HETATM 1302 O O   . HOH I 5 .   ? 13.196  21.316  17.057  1.00 27.16  ? 1411 HOH A O   1 
HETATM 1303 O O   . HOH I 5 .   ? -9.666  -18.405 1.854   1.00 19.33  ? 1412 HOH A O   1 
HETATM 1304 O O   . HOH I 5 .   ? -10.831 4.854   -2.938  1.00 29.69  ? 1413 HOH A O   1 
HETATM 1305 O O   . HOH I 5 .   ? 13.580  19.795  5.046   1.00 36.98  ? 1414 HOH A O   1 
HETATM 1306 O O   . HOH I 5 .   ? -13.922 -3.303  -9.855  1.00 33.39  ? 1415 HOH A O   1 
HETATM 1307 O O   . HOH I 5 .   ? -2.973  18.009  2.526   1.00 47.85  ? 1416 HOH A O   1 
HETATM 1308 O O   . HOH I 5 .   ? -3.888  -21.046 4.150   1.00 39.84  ? 1417 HOH A O   1 
HETATM 1309 O O   . HOH I 5 .   ? 1.487   12.976  11.283  1.00 31.23  ? 1418 HOH A O   1 
HETATM 1310 O O   . HOH I 5 .   ? -4.276  14.260  2.924   1.00 47.30  ? 1419 HOH A O   1 
HETATM 1311 O O   . HOH I 5 .   ? 10.240  -2.409  3.617   1.00 41.93  ? 1420 HOH A O   1 
HETATM 1312 O O   . HOH I 5 .   ? -7.207  3.462   16.034  1.00 32.82  ? 1421 HOH A O   1 
HETATM 1313 O O   . HOH I 5 .   ? -8.429  5.684   2.874   1.00 39.11  ? 1422 HOH A O   1 
HETATM 1314 O O   . HOH I 5 .   ? -8.301  -8.233  -15.246 1.00 57.62  ? 1423 HOH A O   1 
HETATM 1315 O O   . HOH I 5 .   ? -10.810 5.774   12.164  1.00 57.89  ? 1424 HOH A O   1 
HETATM 1316 O O   . HOH I 5 .   ? -6.329  -8.373  -9.899  1.00 21.91  ? 1425 HOH A O   1 
HETATM 1317 O O   . HOH I 5 .   ? -9.080  8.043   -8.606  1.00 41.80  ? 1426 HOH A O   1 
HETATM 1318 O O   . HOH I 5 .   ? -11.375 1.889   -8.870  1.00 26.96  ? 1427 HOH A O   1 
HETATM 1319 O O   . HOH I 5 .   ? 16.790  14.840  11.266  1.00 41.29  ? 1428 HOH A O   1 
HETATM 1320 O O   . HOH I 5 .   ? 1.173   -2.837  -9.833  1.00 30.96  ? 1429 HOH A O   1 
HETATM 1321 O O   . HOH I 5 .   ? 3.283   -0.297  16.212  1.00 40.63  ? 1430 HOH A O   1 
HETATM 1322 O O   . HOH I 5 .   ? 21.559  15.047  15.393  1.00 56.23  ? 1431 HOH A O   1 
HETATM 1323 O O   . HOH I 5 .   ? -6.442  -5.226  12.483  1.00 34.59  ? 1432 HOH A O   1 
HETATM 1324 O O   . HOH I 5 .   ? 8.680   19.569  4.872   1.00 50.32  ? 1433 HOH A O   1 
HETATM 1325 O O   . HOH I 5 .   ? 8.047   -6.576  -0.515  1.00 35.24  ? 1434 HOH A O   1 
HETATM 1326 O O   . HOH I 5 .   ? -3.078  -10.717 -16.760 1.00 49.14  ? 1435 HOH A O   1 
HETATM 1327 O O   . HOH I 5 .   ? 1.785   -10.417 13.901  1.00 51.23  ? 1436 HOH A O   1 
HETATM 1328 O O   . HOH I 5 .   ? -8.547  3.190   1.871   1.00 44.09  ? 1437 HOH A O   1 
HETATM 1329 O O   . HOH I 5 .   ? 9.967   11.519  -5.206  1.00 28.68  ? 1438 HOH A O   1 
HETATM 1330 O O   . HOH I 5 .   ? 3.030   3.627   17.099  1.00 25.12  ? 1439 HOH A O   1 
HETATM 1331 O O   . HOH I 5 .   ? 3.706   -14.892 3.869   1.00 52.29  ? 1440 HOH A O   1 
HETATM 1332 O O   . HOH I 5 .   ? 10.062  -18.184 -4.513  1.00 61.60  ? 1441 HOH A O   1 
HETATM 1333 O O   . HOH I 5 .   ? 13.331  3.190   8.094   1.00 46.20  ? 1442 HOH A O   1 
HETATM 1334 O O   . HOH I 5 .   ? 9.948   16.293  -12.580 1.00 43.79  ? 1443 HOH A O   1 
HETATM 1335 O O   . HOH I 5 .   ? -11.434 -3.360  -13.275 1.00 42.78  ? 1444 HOH A O   1 
HETATM 1336 O O   . HOH I 5 .   ? 4.409   -26.156 -1.206  1.00 48.17  ? 1445 HOH A O   1 
HETATM 1337 O O   . HOH I 5 .   ? -5.206  -21.112 -10.353 1.00 26.51  ? 1446 HOH A O   1 
HETATM 1338 O O   . HOH I 5 .   ? 8.840   -4.515  8.538   1.00 52.88  ? 1447 HOH A O   1 
HETATM 1339 O O   . HOH I 5 .   ? -3.862  -1.303  12.006  1.00 35.02  ? 1448 HOH A O   1 
HETATM 1340 O O   . HOH I 5 .   ? 11.248  -3.234  1.175   1.00 62.13  ? 1449 HOH A O   1 
HETATM 1341 O O   . HOH I 5 .   ? -4.821  13.967  9.477   1.00 50.02  ? 1450 HOH A O   1 
HETATM 1342 O O   . HOH I 5 .   ? -3.827  -21.847 -17.674 1.00 48.22  ? 1451 HOH A O   1 
HETATM 1343 O O   . HOH I 5 .   ? -0.068  -8.846  12.746  1.00 49.24  ? 1452 HOH A O   1 
HETATM 1344 O O   . HOH I 5 .   ? -2.219  14.191  15.463  1.00 48.53  ? 1453 HOH A O   1 
HETATM 1345 O O   . HOH I 5 .   ? 11.181  2.818   4.070   1.00 50.48  ? 1454 HOH A O   1 
HETATM 1346 O O   . HOH I 5 .   ? 16.927  19.521  11.155  1.00 22.65  ? 1455 HOH A O   1 
HETATM 1347 O O   . HOH I 5 .   ? 4.318   -1.075  13.911  1.00 43.91  ? 1456 HOH A O   1 
HETATM 1348 O O   . HOH I 5 .   ? -16.229 -19.593 -10.693 1.00 65.84  ? 1457 HOH A O   1 
HETATM 1349 O O   . HOH I 5 .   ? -7.935  -21.819 -7.756  1.00 47.05  ? 1458 HOH A O   1 
HETATM 1350 O O   . HOH I 5 .   ? -1.898  1.852   -17.098 1.00 36.42  ? 1459 HOH A O   1 
HETATM 1351 O O   . HOH I 5 .   ? -0.211  11.896  -1.591  1.00 30.92  ? 1460 HOH A O   1 
HETATM 1352 O O   . HOH I 5 .   ? -11.242 4.473   0.022   1.00 55.88  ? 1461 HOH A O   1 
HETATM 1353 O O   . HOH I 5 .   ? -12.659 3.456   -4.443  1.00 38.79  ? 1462 HOH A O   1 
HETATM 1354 O O   . HOH I 5 .   ? 15.540  11.359  4.058   1.00 65.10  ? 1463 HOH A O   1 
HETATM 1355 O O   . HOH I 5 .   ? 12.885  7.518   10.254  1.00 39.26  ? 1464 HOH A O   1 
HETATM 1356 O O   . HOH I 5 .   ? -12.656 -5.301  3.083   1.00 34.85  ? 1465 HOH A O   1 
HETATM 1357 O O   . HOH I 5 .   ? 0.571   0.410   19.046  1.00 51.00  ? 1466 HOH A O   1 
HETATM 1358 O O   . HOH I 5 .   ? 10.889  6.875   12.919  1.00 47.45  ? 1467 HOH A O   1 
HETATM 1359 O O   . HOH I 5 .   ? -4.295  -11.449 14.700  1.00 49.92  ? 1468 HOH A O   1 
HETATM 1360 O O   . HOH I 5 .   ? 6.867   -8.603  10.012  1.00 29.84  ? 1469 HOH A O   1 
HETATM 1361 O O   . HOH I 5 .   ? 3.924   -14.206 11.775  1.00 46.14  ? 1470 HOH A O   1 
HETATM 1362 O O   . HOH I 5 .   ? -12.907 0.248   -10.360 1.00 28.99  ? 1471 HOH A O   1 
HETATM 1363 O O   . HOH I 5 .   ? 4.242   -3.966  13.731  1.00 35.91  ? 1472 HOH A O   1 
HETATM 1364 O O   . HOH I 5 .   ? -3.754  12.482  12.594  1.00 45.97  ? 1473 HOH A O   1 
HETATM 1365 O O   . HOH I 5 .   ? -6.458  -9.415  -12.560 1.00 29.86  ? 1474 HOH A O   1 
HETATM 1366 O O   . HOH I 5 .   ? -8.248  0.488   14.741  1.00 55.57  ? 1475 HOH A O   1 
HETATM 1367 O O   . HOH I 5 .   ? 2.259   -1.392  17.671  1.00 60.76  ? 1476 HOH A O   1 
HETATM 1368 O O   . HOH I 5 .   ? 5.358   -12.486 4.488   1.00 51.72  ? 1477 HOH A O   1 
HETATM 1369 O O   . HOH I 5 .   ? 7.984   1.881   -5.895  1.00 45.15  ? 1478 HOH A O   1 
HETATM 1370 O O   . HOH I 5 .   ? -5.600  -8.216  -14.706 1.00 68.77  ? 1479 HOH A O   1 
HETATM 1371 O O   . HOH I 5 .   ? 6.892   -5.513  13.044  1.00 41.76  ? 1480 HOH A O   1 
HETATM 1372 O O   . HOH I 5 .   ? -11.567 -11.255 4.394   1.00 19.90  ? 1481 HOH A O   1 
HETATM 1373 O O   . HOH I 5 .   ? 9.228   22.890  14.821  1.00 52.04  ? 1482 HOH A O   1 
HETATM 1374 O O   . HOH I 5 .   ? 17.576  17.919  5.364   1.00 46.58  ? 1483 HOH A O   1 
HETATM 1375 O O   . HOH I 5 .   ? 10.690  4.556   -4.308  1.00 48.92  ? 1484 HOH A O   1 
HETATM 1376 O O   . HOH I 5 .   ? 9.873   -1.113  -3.020  1.00 34.02  ? 1485 HOH A O   1 
HETATM 1377 O O   . HOH I 5 .   ? 5.117   1.943   16.650  1.00 33.02  ? 1486 HOH A O   1 
HETATM 1378 O O   . HOH I 5 .   ? -0.538  14.742  10.569  1.00 47.19  ? 1487 HOH A O   1 
HETATM 1379 O O   . HOH I 5 .   ? -11.358 0.523   3.539   1.00 44.43  ? 1488 HOH A O   1 
HETATM 1380 O O   . HOH I 5 .   ? 7.964   -9.494  7.469   1.00 39.48  ? 1489 HOH A O   1 
HETATM 1381 O O   . HOH I 5 .   ? 11.280  1.743   -0.129  1.00 46.33  ? 1490 HOH A O   1 
HETATM 1382 O O   . HOH I 5 .   ? 14.468  8.488   7.857   1.00 50.82  ? 1491 HOH A O   1 
HETATM 1383 O O   . HOH I 5 .   ? 10.082  4.463   13.917  1.00 64.34  ? 1492 HOH A O   1 
HETATM 1384 O O   . HOH I 5 .   ? 10.342  -22.063 -7.325  1.00 44.73  ? 1493 HOH A O   1 
HETATM 1385 O O   . HOH I 5 .   ? -13.406 -9.872  -13.113 1.00 52.90  ? 1494 HOH A O   1 
HETATM 1386 O O   . HOH I 5 .   ? 9.150   7.855   -6.768  1.00 32.28  ? 1495 HOH A O   1 
HETATM 1387 O O   . HOH I 5 .   ? 12.107  11.166  -6.542  1.00 63.84  ? 1496 HOH A O   1 
HETATM 1388 O O   . HOH I 5 .   ? -13.123 -0.383  -12.960 1.00 32.90  ? 1497 HOH A O   1 
HETATM 1389 O O   . HOH I 5 .   ? 9.489   -20.408 -12.007 1.00 45.08  ? 1498 HOH A O   1 
HETATM 1390 O O   . HOH I 5 .   ? 2.439   -5.172  14.195  1.00 48.72  ? 1499 HOH A O   1 
HETATM 1391 O O   . HOH I 5 .   ? 10.812  6.807   -4.630  1.00 34.53  ? 1500 HOH A O   1 
HETATM 1392 O O   . HOH I 5 .   ? -14.382 1.757   -2.403  1.00 52.15  ? 1501 HOH A O   1 
HETATM 1393 O O   . HOH I 5 .   ? -8.882  7.857   11.520  1.00 42.89  ? 1502 HOH A O   1 
HETATM 1394 O O   . HOH I 5 .   ? 6.132   -9.983  12.131  1.00 34.34  ? 1503 HOH A O   1 
HETATM 1395 O O   . HOH I 5 .   ? -0.117  -6.424  13.430  1.00 55.55  ? 1504 HOH A O   1 
HETATM 1396 O O   . HOH I 5 .   ? -0.763  16.642  8.653   1.00 48.91  ? 1505 HOH A O   1 
HETATM 1397 O O   . HOH I 5 .   ? -10.328 6.281   4.542   1.00 45.95  ? 1506 HOH A O   1 
HETATM 1398 O O   . HOH I 5 .   ? 9.813   -4.277  6.274   1.00 58.89  ? 1507 HOH A O   1 
HETATM 1399 O O   . HOH I 5 .   ? -9.165  -0.900  -16.503 1.00 49.19  ? 1508 HOH A O   1 
HETATM 1400 O O   . HOH I 5 .   ? 12.952  5.363   2.588   1.00 55.60  ? 1509 HOH A O   1 
HETATM 1401 O O   . HOH I 5 .   ? 10.166  14.367  18.581  1.00 29.57  ? 1510 HOH A O   1 
HETATM 1402 O O   . HOH I 5 .   ? 9.350   3.948   -6.636  1.00 44.90  ? 1511 HOH A O   1 
HETATM 1403 O O   . HOH I 5 .   ? -12.133 -1.477  -0.182  1.00 44.08  ? 1512 HOH A O   1 
HETATM 1404 O O   . HOH I 5 .   ? -5.449  -23.020 4.315   1.00 60.12  ? 1513 HOH A O   1 
HETATM 1405 O O   . HOH I 5 .   ? -3.831  -3.604  12.649  1.00 41.32  ? 1514 HOH A O   1 
HETATM 1406 O O   . HOH I 5 .   ? 13.720  3.662   0.325   1.00 51.37  ? 1515 HOH A O   1 
HETATM 1407 O O   . HOH I 5 .   ? -1.024  -9.874  -16.919 1.00 50.68  ? 1516 HOH A O   1 
HETATM 1408 O O   . HOH I 5 .   ? 13.570  5.483   9.227   1.00 56.23  ? 1517 HOH A O   1 
HETATM 1409 O O   . HOH I 5 .   ? 11.114  9.132   -8.409  1.00 36.92  ? 1518 HOH A O   1 
HETATM 1410 O O   . HOH I 5 .   ? 3.684   -7.882  15.001  1.00 47.68  ? 1519 HOH A O   1 
HETATM 1411 O O   . HOH I 5 .   ? 6.158   -8.200  14.126  1.00 41.52  ? 1520 HOH A O   1 
HETATM 1412 O O   . HOH I 5 .   ? -13.099 2.278   0.215   1.00 60.83  ? 1521 HOH A O   1 
# 
